data_7AZC
#
_entry.id   7AZC
#
_cell.length_a   73.809
_cell.length_b   76.785
_cell.length_c   79.806
_cell.angle_alpha   70.900
_cell.angle_beta   68.220
_cell.angle_gamma   89.140
#
_symmetry.space_group_name_H-M   'P 1'
#
loop_
_entity.id
_entity.type
_entity.pdbx_description
1 polymer 'Beta sliding clamp'
2 polymer 'Peptide 22'
3 non-polymer GLYCEROL
4 water water
#
loop_
_entity_poly.entity_id
_entity_poly.type
_entity_poly.pdbx_seq_one_letter_code
_entity_poly.pdbx_strand_id
1 'polypeptide(L)'
;MGSSHHHHHHSSGLVPRGSHMKFTVEREHLLKPLQQVSGPLGGRPTLPILGNLLLQVADGTLSLTGTDLEMEMVARVALV
QPHEPGATTVPARKFFDICRGLPEGAEIAVQLEGERMLVRSGRSRFSLSTLPAADFPNLDDWQSEVEFTLPQATMKRLIE
ATQFSMAHQDVRYYLNGMLFETEGEELRTVATDGHRLAVCSMPIGQSLPSHSVIVPRKGVIELMRMLDGGDNPLRVQIGS
NNIRAHVGDFIFTSKLVDGRFPDYRRVLPKNPDKHLEAGCDLLKQAFARAAILSNEKFRGVRLYVSENQLKITANNPEQE
EAEEILDVTYSGAEMEIGFNVSYVLDVLNALKCENVRMMLTDSVSSVQIEDAASQSAAYVVMPMRL
;
A,B,C,D
2 'polypeptide(L)' (QU8)Q(ALC)DLF H,I,J,K
#
loop_
_chem_comp.id
_chem_comp.type
_chem_comp.name
_chem_comp.formula
GOL non-polymer GLYCEROL 'C3 H8 O3'
QU8 non-polymer ~{N}-(4-methoxyphenyl)methanamide 'C8 H9 N O2'
#
# COMPACT_ATOMS: atom_id res chain seq x y z
N SER A 19 38.16 -11.73 5.03
CA SER A 19 37.95 -13.11 5.46
C SER A 19 38.43 -14.08 4.37
N HIS A 20 38.84 -15.29 4.77
CA HIS A 20 39.44 -16.28 3.87
C HIS A 20 38.38 -17.21 3.28
N MET A 21 37.16 -17.09 3.77
CA MET A 21 36.10 -18.06 3.52
C MET A 21 36.06 -18.56 2.08
N LYS A 22 36.03 -19.88 1.90
CA LYS A 22 35.89 -20.49 0.58
C LYS A 22 35.20 -21.82 0.73
N PHE A 23 34.34 -22.16 -0.23
CA PHE A 23 33.70 -23.49 -0.26
C PHE A 23 33.23 -23.78 -1.68
N THR A 24 33.14 -25.07 -2.05
CA THR A 24 32.52 -25.47 -3.33
C THR A 24 31.48 -26.53 -2.97
N VAL A 25 30.23 -26.31 -3.35
CA VAL A 25 29.17 -27.24 -3.03
C VAL A 25 28.22 -27.39 -4.21
N GLU A 26 27.65 -28.59 -4.36
CA GLU A 26 26.66 -28.89 -5.37
C GLU A 26 25.43 -28.03 -5.11
N ARG A 27 24.82 -27.47 -6.18
CA ARG A 27 23.60 -26.68 -6.13
C ARG A 27 22.50 -27.32 -5.28
N GLU A 28 22.31 -28.64 -5.41
CA GLU A 28 21.19 -29.30 -4.74
C GLU A 28 21.38 -29.45 -3.24
N HIS A 29 22.62 -29.30 -2.73
CA HIS A 29 22.84 -29.30 -1.30
C HIS A 29 22.59 -27.93 -0.70
N LEU A 30 22.47 -26.90 -1.53
CA LEU A 30 22.29 -25.53 -1.07
C LEU A 30 20.85 -25.08 -1.05
N LEU A 31 20.05 -25.53 -2.01
CA LEU A 31 18.71 -24.99 -2.26
C LEU A 31 17.74 -25.02 -1.09
N LYS A 32 17.44 -26.22 -0.53
CA LYS A 32 16.55 -26.30 0.63
C LYS A 32 17.14 -25.55 1.84
N PRO A 33 18.45 -25.68 2.17
CA PRO A 33 18.99 -24.83 3.23
C PRO A 33 18.71 -23.35 3.02
N LEU A 34 18.95 -22.83 1.81
CA LEU A 34 18.73 -21.41 1.49
C LEU A 34 17.27 -20.99 1.63
N GLN A 35 16.35 -21.85 1.19
CA GLN A 35 14.91 -21.61 1.28
C GLN A 35 14.49 -21.53 2.75
N GLN A 36 14.98 -22.48 3.54
CA GLN A 36 14.66 -22.54 4.97
C GLN A 36 15.15 -21.34 5.77
N VAL A 37 16.45 -21.00 5.66
CA VAL A 37 17.01 -19.90 6.47
C VAL A 37 16.51 -18.51 6.04
N SER A 38 15.97 -18.38 4.79
CA SER A 38 15.34 -17.14 4.30
C SER A 38 13.91 -16.93 4.85
N GLY A 39 13.36 -17.96 5.47
CA GLY A 39 12.04 -17.94 6.10
C GLY A 39 11.81 -16.78 7.04
N PRO A 40 12.64 -16.57 8.11
CA PRO A 40 12.43 -15.42 9.02
C PRO A 40 12.45 -14.06 8.34
N LEU A 41 12.98 -13.98 7.12
CA LEU A 41 13.17 -12.72 6.41
C LEU A 41 11.89 -12.17 5.79
N GLY A 42 11.51 -10.98 6.23
CA GLY A 42 10.36 -10.28 5.68
C GLY A 42 10.79 -9.30 4.60
N GLY A 43 9.85 -8.90 3.75
CA GLY A 43 10.09 -7.89 2.73
C GLY A 43 10.32 -6.54 3.39
N ARG A 44 11.25 -5.74 2.82
CA ARG A 44 11.65 -4.44 3.38
C ARG A 44 12.17 -4.60 4.82
N PRO A 45 13.39 -5.15 5.02
CA PRO A 45 13.91 -5.25 6.39
C PRO A 45 14.19 -3.86 6.96
N THR A 46 13.98 -3.68 8.25
CA THR A 46 14.21 -2.38 8.89
C THR A 46 15.67 -1.99 8.77
N LEU A 47 16.57 -2.95 9.00
CA LEU A 47 18.01 -2.78 8.94
C LEU A 47 18.54 -3.61 7.77
N PRO A 48 19.49 -3.06 6.98
CA PRO A 48 19.99 -3.82 5.81
C PRO A 48 20.50 -5.23 6.09
N ILE A 49 21.30 -5.41 7.16
CA ILE A 49 21.88 -6.69 7.52
C ILE A 49 20.81 -7.76 7.78
N LEU A 50 19.56 -7.35 8.11
CA LEU A 50 18.48 -8.32 8.34
C LEU A 50 18.01 -8.97 7.04
N GLY A 51 18.35 -8.36 5.88
CA GLY A 51 18.03 -8.92 4.57
C GLY A 51 19.13 -9.86 4.08
N ASN A 52 20.19 -10.01 4.89
CA ASN A 52 21.33 -10.84 4.58
C ASN A 52 21.27 -12.20 5.29
N LEU A 53 22.04 -13.18 4.78
CA LEU A 53 22.25 -14.44 5.47
C LEU A 53 23.65 -14.43 6.00
N LEU A 54 23.86 -14.95 7.20
CA LEU A 54 25.20 -15.15 7.72
C LEU A 54 25.75 -16.50 7.17
N LEU A 55 26.92 -16.48 6.51
CA LEU A 55 27.57 -17.70 6.03
C LEU A 55 28.82 -17.91 6.85
N GLN A 56 29.00 -19.13 7.42
CA GLN A 56 30.18 -19.47 8.22
C GLN A 56 30.72 -20.83 7.80
N VAL A 57 32.01 -20.91 7.51
CA VAL A 57 32.70 -22.16 7.21
C VAL A 57 33.61 -22.44 8.41
N ALA A 58 33.38 -23.57 9.07
CA ALA A 58 34.20 -24.01 10.21
C ALA A 58 34.20 -25.52 10.22
N ASP A 59 35.40 -26.15 10.35
CA ASP A 59 35.54 -27.59 10.55
C ASP A 59 34.66 -28.51 9.67
N GLY A 60 34.77 -28.35 8.35
CA GLY A 60 34.01 -29.21 7.44
C GLY A 60 32.51 -28.91 7.32
N THR A 61 32.04 -27.80 7.92
CA THR A 61 30.62 -27.44 7.88
C THR A 61 30.43 -26.03 7.36
N LEU A 62 29.44 -25.84 6.49
CA LEU A 62 28.96 -24.51 6.14
C LEU A 62 27.68 -24.27 6.92
N SER A 63 27.63 -23.19 7.72
CA SER A 63 26.42 -22.79 8.41
C SER A 63 25.80 -21.56 7.72
N LEU A 64 24.49 -21.57 7.57
CA LEU A 64 23.73 -20.48 6.97
C LEU A 64 22.68 -20.06 7.98
N THR A 65 22.62 -18.76 8.32
CA THR A 65 21.66 -18.25 9.29
C THR A 65 20.88 -17.08 8.74
N GLY A 66 19.56 -17.10 9.00
CA GLY A 66 18.67 -15.98 8.71
C GLY A 66 17.97 -15.57 9.98
N THR A 67 17.72 -14.25 10.17
CA THR A 67 17.04 -13.77 11.38
C THR A 67 16.15 -12.54 11.15
N ASP A 68 15.20 -12.32 12.06
CA ASP A 68 14.40 -11.09 12.06
C ASP A 68 14.49 -10.42 13.43
N LEU A 69 15.47 -10.84 14.26
CA LEU A 69 15.71 -10.36 15.64
C LEU A 69 14.82 -11.03 16.70
N GLU A 70 13.65 -11.58 16.30
CA GLU A 70 12.73 -12.32 17.19
C GLU A 70 13.00 -13.85 17.09
N MET A 71 13.39 -14.29 15.91
CA MET A 71 13.70 -15.71 15.69
C MET A 71 14.83 -15.86 14.69
N GLU A 72 15.40 -17.05 14.62
CA GLU A 72 16.44 -17.35 13.65
C GLU A 72 16.36 -18.77 13.16
N MET A 73 16.81 -18.97 11.93
CA MET A 73 16.82 -20.30 11.34
C MET A 73 18.25 -20.60 10.90
N VAL A 74 18.80 -21.74 11.34
CA VAL A 74 20.16 -22.12 11.00
C VAL A 74 20.12 -23.41 10.19
N ALA A 75 20.96 -23.51 9.15
CA ALA A 75 21.08 -24.75 8.35
C ALA A 75 22.53 -25.13 8.30
N ARG A 76 22.82 -26.43 8.45
CA ARG A 76 24.21 -26.93 8.40
C ARG A 76 24.43 -27.83 7.20
N VAL A 77 25.46 -27.52 6.40
CA VAL A 77 25.76 -28.22 5.16
C VAL A 77 27.17 -28.81 5.23
N ALA A 78 27.31 -30.10 4.96
CA ALA A 78 28.62 -30.74 5.02
C ALA A 78 29.49 -30.33 3.83
N LEU A 79 30.77 -30.05 4.06
CA LEU A 79 31.68 -29.66 2.98
C LEU A 79 32.70 -30.77 2.78
N VAL A 80 32.58 -31.50 1.68
CA VAL A 80 33.51 -32.59 1.39
C VAL A 80 34.62 -32.12 0.44
N GLN A 81 34.34 -31.10 -0.35
CA GLN A 81 35.29 -30.51 -1.31
C GLN A 81 36.17 -29.47 -0.60
N PRO A 82 37.33 -29.08 -1.21
CA PRO A 82 38.22 -28.12 -0.54
C PRO A 82 37.52 -26.86 -0.05
N HIS A 83 37.83 -26.43 1.19
CA HIS A 83 37.19 -25.26 1.78
C HIS A 83 38.17 -24.55 2.71
N GLU A 84 37.88 -23.29 3.01
CA GLU A 84 38.71 -22.48 3.89
C GLU A 84 37.78 -21.77 4.84
N PRO A 85 38.18 -21.68 6.11
CA PRO A 85 37.24 -21.16 7.11
C PRO A 85 37.06 -19.65 6.99
N GLY A 86 35.97 -19.16 7.54
CA GLY A 86 35.69 -17.75 7.56
C GLY A 86 34.19 -17.51 7.54
N ALA A 87 33.80 -16.25 7.64
CA ALA A 87 32.39 -15.89 7.66
C ALA A 87 32.14 -14.53 6.97
N THR A 88 30.94 -14.34 6.45
CA THR A 88 30.48 -13.09 5.85
C THR A 88 28.96 -13.10 5.85
N THR A 89 28.35 -12.01 5.41
CA THR A 89 26.89 -11.99 5.23
C THR A 89 26.60 -11.45 3.83
N VAL A 90 25.63 -12.06 3.13
CA VAL A 90 25.30 -11.69 1.76
C VAL A 90 23.79 -11.52 1.63
N PRO A 91 23.32 -10.75 0.61
CA PRO A 91 21.86 -10.62 0.42
C PRO A 91 21.20 -11.97 0.17
N ALA A 92 20.21 -12.31 1.01
CA ALA A 92 19.58 -13.64 0.97
C ALA A 92 18.89 -13.96 -0.33
N ARG A 93 17.95 -13.12 -0.72
CA ARG A 93 17.13 -13.35 -1.92
C ARG A 93 18.01 -13.42 -3.19
N LYS A 94 18.98 -12.53 -3.31
CA LYS A 94 19.87 -12.53 -4.48
C LYS A 94 20.71 -13.82 -4.52
N PHE A 95 21.33 -14.21 -3.40
CA PHE A 95 22.09 -15.45 -3.36
C PHE A 95 21.23 -16.69 -3.66
N PHE A 96 20.03 -16.75 -3.07
CA PHE A 96 19.13 -17.89 -3.36
C PHE A 96 18.72 -17.95 -4.87
N ASP A 97 18.34 -16.79 -5.43
CA ASP A 97 17.94 -16.68 -6.84
C ASP A 97 19.05 -17.10 -7.78
N ILE A 98 20.31 -16.76 -7.43
CA ILE A 98 21.44 -17.15 -8.27
C ILE A 98 21.56 -18.66 -8.27
N CYS A 99 21.57 -19.28 -7.06
CA CYS A 99 21.73 -20.75 -6.91
C CYS A 99 20.58 -21.49 -7.56
N ARG A 100 19.35 -20.99 -7.39
CA ARG A 100 18.19 -21.63 -7.99
C ARG A 100 18.25 -21.52 -9.55
N GLY A 101 18.74 -20.38 -10.04
CA GLY A 101 18.78 -20.09 -11.47
C GLY A 101 19.84 -20.86 -12.22
N LEU A 102 20.80 -21.46 -11.50
CA LEU A 102 21.86 -22.25 -12.12
C LEU A 102 21.33 -23.62 -12.55
N PRO A 103 21.96 -24.28 -13.56
CA PRO A 103 21.44 -25.59 -14.00
C PRO A 103 21.46 -26.68 -12.94
N GLU A 104 20.58 -27.68 -13.12
CA GLU A 104 20.55 -28.83 -12.25
C GLU A 104 21.94 -29.50 -12.25
N GLY A 105 22.45 -29.81 -11.06
CA GLY A 105 23.75 -30.44 -10.88
C GLY A 105 24.92 -29.50 -10.83
N ALA A 106 24.68 -28.16 -10.97
CA ALA A 106 25.81 -27.22 -10.98
C ALA A 106 26.66 -27.30 -9.69
N GLU A 107 27.99 -27.18 -9.83
CA GLU A 107 28.91 -27.01 -8.73
C GLU A 107 29.04 -25.51 -8.47
N ILE A 108 28.81 -25.06 -7.22
CA ILE A 108 28.83 -23.63 -6.88
C ILE A 108 30.08 -23.29 -6.06
N ALA A 109 31.03 -22.57 -6.67
CA ALA A 109 32.28 -22.19 -6.03
C ALA A 109 32.15 -20.78 -5.45
N VAL A 110 32.39 -20.63 -4.13
CA VAL A 110 32.19 -19.35 -3.45
C VAL A 110 33.49 -18.95 -2.78
N GLN A 111 33.84 -17.67 -2.86
CA GLN A 111 35.00 -17.13 -2.15
C GLN A 111 34.89 -15.63 -1.93
N LEU A 112 35.69 -15.09 -1.03
CA LEU A 112 35.66 -13.68 -0.68
C LEU A 112 36.75 -12.92 -1.38
N GLU A 113 36.44 -11.71 -1.81
CA GLU A 113 37.37 -10.77 -2.43
C GLU A 113 37.06 -9.39 -1.83
N GLY A 114 37.89 -8.96 -0.89
CA GLY A 114 37.67 -7.71 -0.18
C GLY A 114 36.29 -7.66 0.43
N GLU A 115 35.47 -6.72 -0.03
CA GLU A 115 34.11 -6.52 0.49
C GLU A 115 33.06 -7.16 -0.42
N ARG A 116 33.48 -8.07 -1.31
CA ARG A 116 32.55 -8.75 -2.21
C ARG A 116 32.61 -10.25 -1.98
N MET A 117 31.50 -10.93 -2.21
CA MET A 117 31.50 -12.38 -2.23
C MET A 117 31.30 -12.83 -3.69
N LEU A 118 32.22 -13.67 -4.17
CA LEU A 118 32.24 -14.14 -5.54
C LEU A 118 31.62 -15.51 -5.62
N VAL A 119 30.68 -15.68 -6.55
CA VAL A 119 30.01 -16.96 -6.79
C VAL A 119 30.34 -17.32 -8.25
N ARG A 120 30.91 -18.50 -8.50
CA ARG A 120 31.24 -18.97 -9.85
C ARG A 120 30.69 -20.38 -10.09
N SER A 121 30.00 -20.61 -11.21
CA SER A 121 29.60 -21.94 -11.68
C SER A 121 29.70 -21.91 -13.19
N GLY A 122 30.52 -22.80 -13.76
CA GLY A 122 30.79 -22.78 -15.19
C GLY A 122 31.39 -21.43 -15.58
N ARG A 123 30.75 -20.76 -16.52
CA ARG A 123 31.15 -19.42 -16.93
C ARG A 123 30.08 -18.39 -16.48
N SER A 124 29.38 -18.70 -15.38
CA SER A 124 28.47 -17.74 -14.76
C SER A 124 29.19 -17.22 -13.50
N ARG A 125 29.39 -15.90 -13.43
CA ARG A 125 30.07 -15.29 -12.26
C ARG A 125 29.22 -14.20 -11.67
N PHE A 126 29.24 -14.09 -10.33
CA PHE A 126 28.43 -13.11 -9.59
C PHE A 126 29.28 -12.51 -8.51
N SER A 127 29.16 -11.22 -8.30
CA SER A 127 29.90 -10.56 -7.23
C SER A 127 28.87 -9.83 -6.40
N LEU A 128 28.67 -10.31 -5.15
CA LEU A 128 27.66 -9.79 -4.22
C LEU A 128 28.28 -8.88 -3.18
N SER A 129 27.57 -7.83 -2.77
CA SER A 129 28.05 -6.95 -1.71
C SER A 129 27.87 -7.68 -0.37
N THR A 130 28.76 -7.44 0.58
CA THR A 130 28.66 -8.12 1.87
C THR A 130 28.54 -7.11 3.00
N LEU A 131 28.18 -7.57 4.21
CA LEU A 131 28.27 -6.80 5.45
C LEU A 131 28.99 -7.72 6.46
N PRO A 132 29.85 -7.16 7.34
CA PRO A 132 30.66 -8.04 8.21
C PRO A 132 29.86 -9.02 9.04
N ALA A 133 30.37 -10.25 9.19
CA ALA A 133 29.73 -11.27 10.03
C ALA A 133 29.67 -10.81 11.49
N ALA A 134 30.67 -9.99 11.92
CA ALA A 134 30.75 -9.42 13.26
C ALA A 134 29.56 -8.49 13.56
N ASP A 135 28.87 -8.02 12.51
CA ASP A 135 27.71 -7.15 12.69
C ASP A 135 26.39 -7.91 12.67
N PHE A 136 26.43 -9.20 12.37
CA PHE A 136 25.18 -9.97 12.30
C PHE A 136 24.58 -10.17 13.69
N PRO A 137 23.27 -9.89 13.87
CA PRO A 137 22.68 -10.04 15.21
C PRO A 137 22.51 -11.49 15.64
N ASN A 138 22.71 -11.75 16.93
CA ASN A 138 22.47 -13.11 17.43
C ASN A 138 21.49 -13.09 18.59
N LEU A 139 20.74 -14.18 18.76
CA LEU A 139 19.84 -14.27 19.90
C LEU A 139 20.73 -14.45 21.12
N ASP A 140 20.33 -13.84 22.24
CA ASP A 140 21.11 -13.94 23.47
C ASP A 140 21.17 -15.38 23.96
N ASP A 141 22.34 -15.79 24.51
CA ASP A 141 22.53 -17.11 25.10
C ASP A 141 21.41 -17.40 26.09
N TRP A 142 21.05 -18.68 26.20
CA TRP A 142 19.96 -19.10 27.08
C TRP A 142 20.11 -20.58 27.43
N GLN A 143 19.43 -21.03 28.49
CA GLN A 143 19.54 -22.43 28.90
C GLN A 143 18.22 -23.16 28.72
N SER A 144 18.29 -24.36 28.17
CA SER A 144 17.18 -25.28 28.06
C SER A 144 16.77 -25.84 29.46
N GLU A 145 15.48 -25.85 29.77
CA GLU A 145 15.01 -26.34 31.05
C GLU A 145 14.03 -27.48 30.86
N VAL A 146 13.54 -27.65 29.62
CA VAL A 146 12.63 -28.74 29.24
C VAL A 146 13.08 -29.26 27.88
N GLU A 147 13.18 -30.58 27.71
CA GLU A 147 13.60 -31.17 26.44
C GLU A 147 12.79 -32.40 26.10
N PHE A 148 12.47 -32.60 24.84
CA PHE A 148 11.77 -33.81 24.41
C PHE A 148 11.87 -33.94 22.90
N THR A 149 11.69 -35.15 22.39
CA THR A 149 11.67 -35.45 20.98
C THR A 149 10.29 -35.95 20.62
N LEU A 150 9.86 -35.73 19.38
CA LEU A 150 8.59 -36.21 18.89
C LEU A 150 8.64 -36.30 17.37
N PRO A 151 7.82 -37.19 16.81
CA PRO A 151 7.73 -37.26 15.34
C PRO A 151 7.32 -35.94 14.74
N GLN A 152 7.89 -35.62 13.60
CA GLN A 152 7.53 -34.42 12.85
C GLN A 152 6.02 -34.41 12.53
N ALA A 153 5.45 -35.54 12.15
CA ALA A 153 4.03 -35.59 11.80
C ALA A 153 3.15 -35.21 12.97
N THR A 154 3.57 -35.60 14.20
CA THR A 154 2.83 -35.29 15.41
C THR A 154 2.79 -33.77 15.64
N MET A 155 3.94 -33.11 15.48
CA MET A 155 4.02 -31.66 15.61
C MET A 155 3.22 -30.95 14.53
N LYS A 156 3.28 -31.47 13.30
CA LYS A 156 2.56 -30.90 12.18
C LYS A 156 1.06 -30.94 12.45
N ARG A 157 0.54 -32.07 12.95
CA ARG A 157 -0.87 -32.27 13.27
C ARG A 157 -1.31 -31.31 14.39
N LEU A 158 -0.47 -31.17 15.44
CA LEU A 158 -0.75 -30.26 16.56
C LEU A 158 -0.90 -28.82 16.11
N ILE A 159 -0.02 -28.38 15.20
CA ILE A 159 -0.06 -27.03 14.68
C ILE A 159 -1.20 -26.79 13.70
N GLU A 160 -1.39 -27.67 12.68
CA GLU A 160 -2.48 -27.52 11.68
C GLU A 160 -3.86 -27.56 12.36
N ALA A 161 -3.98 -28.34 13.45
CA ALA A 161 -5.24 -28.46 14.13
C ALA A 161 -5.69 -27.16 14.81
N THR A 162 -4.77 -26.22 15.09
CA THR A 162 -5.14 -25.05 15.88
C THR A 162 -4.73 -23.73 15.27
N GLN A 163 -3.67 -23.75 14.45
CA GLN A 163 -3.08 -22.52 13.89
C GLN A 163 -4.11 -21.45 13.46
N PHE A 164 -5.15 -21.86 12.73
CA PHE A 164 -6.16 -20.91 12.21
C PHE A 164 -6.87 -20.05 13.30
N SER A 165 -6.89 -20.51 14.56
CA SER A 165 -7.60 -19.79 15.63
C SER A 165 -6.77 -18.72 16.35
N MET A 166 -5.47 -18.57 15.98
CA MET A 166 -4.60 -17.56 16.59
C MET A 166 -5.14 -16.19 16.21
N ALA A 167 -4.96 -15.20 17.06
CA ALA A 167 -5.26 -13.81 16.67
C ALA A 167 -4.16 -13.39 15.70
N HIS A 168 -4.37 -12.30 14.96
N HIS A 168 -4.37 -12.30 14.94
CA HIS A 168 -3.35 -11.88 13.98
CA HIS A 168 -3.35 -11.88 13.98
C HIS A 168 -2.49 -10.71 14.48
C HIS A 168 -2.49 -10.72 14.53
N GLN A 169 -3.11 -9.59 14.80
CA GLN A 169 -2.44 -8.42 15.33
C GLN A 169 -3.37 -7.81 16.39
N ASP A 170 -3.81 -8.63 17.33
CA ASP A 170 -4.62 -8.14 18.45
C ASP A 170 -3.72 -7.35 19.39
N VAL A 171 -4.25 -6.29 20.06
CA VAL A 171 -3.49 -5.59 21.10
C VAL A 171 -3.13 -6.54 22.25
N ARG A 172 -3.90 -7.62 22.45
CA ARG A 172 -3.60 -8.66 23.44
C ARG A 172 -2.58 -9.54 22.77
N TYR A 173 -1.33 -9.09 22.88
CA TYR A 173 -0.20 -9.66 22.18
CA TYR A 173 -0.15 -9.67 22.24
C TYR A 173 -0.05 -11.17 22.42
N TYR A 174 -0.40 -11.67 23.63
CA TYR A 174 -0.32 -13.10 23.95
C TYR A 174 -1.28 -13.96 23.12
N LEU A 175 -2.26 -13.35 22.43
CA LEU A 175 -3.21 -14.11 21.59
C LEU A 175 -2.66 -14.29 20.18
N ASN A 176 -1.68 -13.44 19.77
CA ASN A 176 -1.06 -13.50 18.43
C ASN A 176 0.06 -14.58 18.42
N GLY A 177 -0.29 -15.73 18.88
CA GLY A 177 0.67 -16.82 19.03
C GLY A 177 -0.07 -18.05 19.45
N MET A 178 0.70 -19.12 19.71
CA MET A 178 0.16 -20.43 20.07
C MET A 178 0.69 -20.90 21.39
N LEU A 179 -0.23 -21.33 22.27
CA LEU A 179 0.21 -21.98 23.52
C LEU A 179 0.74 -23.44 23.25
N PHE A 180 1.99 -23.74 23.68
CA PHE A 180 2.59 -25.10 23.67
C PHE A 180 2.70 -25.57 25.12
N GLU A 181 1.96 -26.60 25.47
CA GLU A 181 1.87 -27.05 26.83
C GLU A 181 2.21 -28.55 26.95
N THR A 182 3.06 -28.90 27.91
CA THR A 182 3.37 -30.30 28.22
C THR A 182 2.69 -30.68 29.52
N GLU A 183 2.01 -31.82 29.51
CA GLU A 183 1.31 -32.30 30.72
C GLU A 183 1.26 -33.79 30.60
N GLY A 184 1.86 -34.47 31.56
CA GLY A 184 1.91 -35.93 31.56
C GLY A 184 2.77 -36.46 30.42
N GLU A 185 2.13 -37.16 29.50
CA GLU A 185 2.76 -37.81 28.35
C GLU A 185 2.50 -37.03 27.07
N GLU A 186 1.71 -35.94 27.16
CA GLU A 186 1.17 -35.23 26.01
C GLU A 186 1.76 -33.87 25.81
N LEU A 187 1.78 -33.47 24.53
CA LEU A 187 2.06 -32.10 24.11
C LEU A 187 0.74 -31.56 23.57
N ARG A 188 0.39 -30.35 24.02
CA ARG A 188 -0.87 -29.72 23.68
C ARG A 188 -0.60 -28.36 23.02
N THR A 189 -1.41 -27.99 22.02
CA THR A 189 -1.38 -26.64 21.42
C THR A 189 -2.74 -26.00 21.68
N VAL A 190 -2.75 -24.71 21.97
CA VAL A 190 -4.00 -23.96 22.17
C VAL A 190 -3.86 -22.65 21.42
N ALA A 191 -4.90 -22.25 20.67
CA ALA A 191 -4.91 -20.95 20.01
C ALA A 191 -6.32 -20.37 20.09
N THR A 192 -6.40 -19.05 20.39
CA THR A 192 -7.69 -18.36 20.46
C THR A 192 -7.54 -16.89 20.05
N ASP A 193 -8.63 -16.29 19.54
CA ASP A 193 -8.66 -14.88 19.19
C ASP A 193 -9.75 -14.18 20.01
N GLY A 194 -10.26 -14.87 21.02
CA GLY A 194 -11.34 -14.37 21.87
C GLY A 194 -12.74 -14.65 21.35
N HIS A 195 -12.90 -15.05 20.08
CA HIS A 195 -14.20 -15.40 19.53
C HIS A 195 -14.29 -16.90 19.33
N ARG A 196 -13.16 -17.51 18.94
CA ARG A 196 -13.10 -18.93 18.75
C ARG A 196 -11.80 -19.48 19.32
N LEU A 197 -11.84 -20.76 19.74
CA LEU A 197 -10.66 -21.39 20.36
C LEU A 197 -10.48 -22.75 19.72
N ALA A 198 -9.24 -23.18 19.62
CA ALA A 198 -8.87 -24.51 19.15
C ALA A 198 -7.85 -25.09 20.14
N VAL A 199 -7.99 -26.36 20.51
CA VAL A 199 -7.04 -27.06 21.40
C VAL A 199 -6.81 -28.48 20.85
N CYS A 200 -5.58 -28.93 20.86
CA CYS A 200 -5.24 -30.29 20.35
C CYS A 200 -4.16 -30.90 21.25
N SER A 201 -4.35 -32.17 21.71
CA SER A 201 -3.38 -32.89 22.56
C SER A 201 -2.92 -34.15 21.83
N MET A 202 -1.64 -34.48 21.91
CA MET A 202 -1.13 -35.70 21.26
C MET A 202 -0.15 -36.40 22.19
N PRO A 203 -0.22 -37.73 22.41
CA PRO A 203 0.77 -38.37 23.30
C PRO A 203 2.11 -38.42 22.61
N ILE A 204 3.18 -38.19 23.36
CA ILE A 204 4.50 -38.22 22.76
C ILE A 204 5.38 -39.35 23.33
N GLY A 205 4.78 -40.20 24.18
CA GLY A 205 5.40 -41.41 24.75
C GLY A 205 6.67 -41.24 25.56
N GLN A 206 6.63 -40.35 26.54
CA GLN A 206 7.75 -39.94 27.36
C GLN A 206 7.11 -39.04 28.40
N SER A 207 7.37 -39.28 29.69
CA SER A 207 6.69 -38.45 30.70
C SER A 207 7.39 -37.10 30.84
N LEU A 208 6.59 -36.04 30.95
CA LEU A 208 7.10 -34.67 30.87
C LEU A 208 6.76 -33.86 32.10
N PRO A 209 7.59 -32.84 32.41
CA PRO A 209 7.17 -31.86 33.42
C PRO A 209 6.06 -30.96 32.87
N SER A 210 5.21 -30.45 33.77
CA SER A 210 4.14 -29.54 33.40
C SER A 210 4.70 -28.16 33.10
N HIS A 211 4.54 -27.70 31.85
CA HIS A 211 5.17 -26.46 31.40
C HIS A 211 4.34 -25.88 30.27
N SER A 212 4.21 -24.54 30.21
CA SER A 212 3.49 -23.93 29.11
C SER A 212 4.15 -22.66 28.67
N VAL A 213 4.26 -22.49 27.36
CA VAL A 213 4.91 -21.32 26.76
C VAL A 213 4.08 -20.87 25.55
N ILE A 214 4.22 -19.59 25.15
CA ILE A 214 3.54 -19.03 24.01
C ILE A 214 4.55 -18.79 22.91
N VAL A 215 4.35 -19.41 21.78
CA VAL A 215 5.23 -19.23 20.62
C VAL A 215 4.60 -18.16 19.69
N PRO A 216 5.34 -17.10 19.31
CA PRO A 216 4.74 -16.09 18.42
C PRO A 216 4.24 -16.71 17.12
N ARG A 217 3.17 -16.12 16.57
CA ARG A 217 2.53 -16.51 15.32
C ARG A 217 3.56 -16.85 14.26
N LYS A 218 4.49 -15.92 14.03
CA LYS A 218 5.51 -16.03 12.98
C LYS A 218 6.44 -17.20 13.21
N GLY A 219 6.75 -17.50 14.47
CA GLY A 219 7.53 -18.67 14.86
C GLY A 219 6.78 -19.97 14.61
N VAL A 220 5.45 -19.99 14.88
CA VAL A 220 4.58 -21.12 14.61
C VAL A 220 4.63 -21.44 13.11
N ILE A 221 4.56 -20.41 12.24
CA ILE A 221 4.57 -20.63 10.80
C ILE A 221 5.93 -21.21 10.35
N GLU A 222 7.02 -20.70 10.92
CA GLU A 222 8.38 -21.19 10.65
C GLU A 222 8.57 -22.63 11.08
N LEU A 223 8.15 -22.96 12.30
CA LEU A 223 8.25 -24.31 12.80
C LEU A 223 7.47 -25.27 11.87
N MET A 224 6.27 -24.83 11.45
CA MET A 224 5.42 -25.61 10.56
CA MET A 224 5.44 -25.61 10.55
C MET A 224 6.16 -25.89 9.24
N ARG A 225 6.80 -24.86 8.67
CA ARG A 225 7.51 -24.93 7.40
C ARG A 225 8.79 -25.77 7.45
N MET A 226 9.31 -26.11 8.63
CA MET A 226 10.51 -26.95 8.66
C MET A 226 10.15 -28.44 8.77
N LEU A 227 8.86 -28.75 8.93
CA LEU A 227 8.41 -30.14 9.00
C LEU A 227 7.98 -30.63 7.61
N ASP A 228 8.87 -31.37 6.96
CA ASP A 228 8.64 -31.98 5.65
C ASP A 228 8.11 -33.40 5.80
N GLY A 229 8.19 -34.15 4.70
CA GLY A 229 7.99 -35.58 4.67
C GLY A 229 9.37 -36.19 4.87
N GLY A 230 9.77 -36.27 6.12
CA GLY A 230 11.11 -36.72 6.49
C GLY A 230 11.15 -37.76 7.59
N ASP A 231 12.27 -38.47 7.62
CA ASP A 231 12.60 -39.54 8.55
C ASP A 231 13.03 -38.99 9.91
N ASN A 232 13.53 -37.75 9.96
CA ASN A 232 14.11 -37.20 11.17
C ASN A 232 13.11 -36.92 12.31
N PRO A 233 13.51 -37.12 13.56
CA PRO A 233 12.63 -36.71 14.65
C PRO A 233 12.74 -35.18 14.86
N LEU A 234 11.80 -34.61 15.59
CA LEU A 234 11.92 -33.21 15.95
C LEU A 234 12.40 -33.11 17.40
N ARG A 235 13.57 -32.50 17.62
CA ARG A 235 14.03 -32.33 19.01
C ARG A 235 13.72 -30.94 19.49
N VAL A 236 12.99 -30.85 20.61
CA VAL A 236 12.50 -29.56 21.11
C VAL A 236 13.22 -29.24 22.43
N GLN A 237 13.67 -28.00 22.59
CA GLN A 237 14.22 -27.50 23.85
C GLN A 237 13.49 -26.21 24.17
N ILE A 238 13.06 -26.08 25.43
CA ILE A 238 12.34 -24.91 25.92
C ILE A 238 13.10 -24.31 27.07
N GLY A 239 13.40 -23.02 26.99
CA GLY A 239 14.00 -22.26 28.07
C GLY A 239 12.98 -21.32 28.68
N SER A 240 13.36 -20.44 29.63
CA SER A 240 12.38 -19.47 30.19
C SER A 240 11.86 -18.47 29.14
N ASN A 241 12.70 -18.11 28.13
CA ASN A 241 12.32 -17.09 27.15
C ASN A 241 12.52 -17.53 25.70
N ASN A 242 12.83 -18.81 25.46
CA ASN A 242 13.08 -19.23 24.09
C ASN A 242 12.59 -20.63 23.87
N ILE A 243 12.44 -20.99 22.61
CA ILE A 243 12.17 -22.34 22.20
C ILE A 243 13.11 -22.66 21.04
N ARG A 244 13.59 -23.89 20.99
CA ARG A 244 14.44 -24.36 19.91
C ARG A 244 13.87 -25.66 19.35
N ALA A 245 13.82 -25.78 18.05
CA ALA A 245 13.39 -27.02 17.38
C ALA A 245 14.49 -27.44 16.39
N HIS A 246 14.97 -28.67 16.55
CA HIS A 246 16.02 -29.20 15.70
CA HIS A 246 16.06 -29.27 15.78
C HIS A 246 15.46 -30.32 14.87
N VAL A 247 15.55 -30.16 13.55
CA VAL A 247 15.06 -31.19 12.63
C VAL A 247 16.14 -31.40 11.59
N GLY A 248 16.79 -32.56 11.64
CA GLY A 248 17.86 -32.88 10.70
C GLY A 248 19.00 -31.88 10.80
N ASP A 249 19.31 -31.20 9.71
CA ASP A 249 20.39 -30.21 9.70
C ASP A 249 19.88 -28.78 9.87
N PHE A 250 18.64 -28.62 10.32
CA PHE A 250 18.01 -27.32 10.58
C PHE A 250 17.76 -27.08 12.06
N ILE A 251 18.06 -25.88 12.53
CA ILE A 251 17.83 -25.47 13.92
C ILE A 251 17.07 -24.16 13.93
N PHE A 252 15.86 -24.19 14.48
CA PHE A 252 15.00 -23.02 14.60
C PHE A 252 14.97 -22.56 16.05
N THR A 253 15.18 -21.27 16.30
CA THR A 253 15.08 -20.73 17.64
C THR A 253 14.18 -19.51 17.62
N SER A 254 13.34 -19.36 18.63
CA SER A 254 12.50 -18.18 18.71
C SER A 254 12.41 -17.72 20.12
N LYS A 255 12.25 -16.42 20.31
CA LYS A 255 11.89 -15.85 21.60
C LYS A 255 10.42 -16.25 21.86
N LEU A 256 10.05 -16.31 23.13
CA LEU A 256 8.67 -16.64 23.47
C LEU A 256 7.93 -15.35 23.76
N VAL A 257 6.58 -15.42 23.77
CA VAL A 257 5.72 -14.27 24.04
C VAL A 257 5.41 -14.26 25.52
N ASP A 258 5.57 -13.08 26.16
CA ASP A 258 5.19 -12.88 27.56
C ASP A 258 3.68 -12.79 27.75
N GLY A 259 3.18 -13.05 28.94
CA GLY A 259 1.78 -12.82 29.21
C GLY A 259 1.02 -14.04 29.67
N ARG A 260 -0.18 -13.84 30.24
CA ARG A 260 -0.99 -14.97 30.63
C ARG A 260 -1.93 -15.38 29.52
N PHE A 261 -1.70 -16.57 29.00
CA PHE A 261 -2.58 -17.12 27.98
C PHE A 261 -3.88 -17.58 28.66
N PRO A 262 -5.06 -17.36 28.05
CA PRO A 262 -6.32 -17.92 28.62
C PRO A 262 -6.24 -19.43 28.90
N ASP A 263 -7.04 -19.88 29.86
CA ASP A 263 -7.09 -21.29 30.23
C ASP A 263 -8.21 -21.96 29.46
N TYR A 264 -7.87 -22.84 28.48
CA TYR A 264 -8.89 -23.49 27.66
C TYR A 264 -9.89 -24.30 28.50
N ARG A 265 -9.43 -24.84 29.65
CA ARG A 265 -10.28 -25.66 30.48
C ARG A 265 -11.49 -24.82 30.97
N ARG A 266 -11.29 -23.52 31.16
CA ARG A 266 -12.34 -22.60 31.62
C ARG A 266 -13.23 -22.10 30.46
N VAL A 267 -12.78 -22.29 29.21
CA VAL A 267 -13.49 -21.85 28.03
C VAL A 267 -14.45 -22.93 27.50
N LEU A 268 -14.11 -24.21 27.68
CA LEU A 268 -14.97 -25.32 27.27
C LEU A 268 -16.37 -25.16 27.85
N PRO A 269 -17.44 -25.30 27.03
CA PRO A 269 -18.80 -25.23 27.59
C PRO A 269 -18.94 -26.19 28.77
N LYS A 270 -19.48 -25.70 29.89
CA LYS A 270 -19.52 -26.49 31.12
C LYS A 270 -20.53 -27.63 31.05
N ASN A 271 -21.80 -27.33 30.76
CA ASN A 271 -22.77 -28.43 30.73
C ASN A 271 -23.65 -28.41 29.47
N PRO A 272 -23.08 -28.73 28.28
CA PRO A 272 -23.91 -28.70 27.06
C PRO A 272 -24.97 -29.80 27.06
N ASP A 273 -26.25 -29.42 27.07
CA ASP A 273 -27.35 -30.37 27.13
C ASP A 273 -27.84 -30.81 25.75
N LYS A 274 -27.28 -30.24 24.65
CA LYS A 274 -27.77 -30.54 23.29
C LYS A 274 -26.63 -31.10 22.49
N HIS A 275 -26.87 -32.19 21.77
CA HIS A 275 -25.86 -32.92 21.05
CA HIS A 275 -25.82 -32.85 21.00
C HIS A 275 -26.31 -33.14 19.60
N LEU A 276 -25.58 -32.60 18.61
CA LEU A 276 -25.88 -32.77 17.19
C LEU A 276 -24.74 -33.55 16.55
N GLU A 277 -25.05 -34.49 15.69
CA GLU A 277 -24.01 -35.12 14.90
C GLU A 277 -24.39 -35.03 13.42
N ALA A 278 -23.38 -34.83 12.55
CA ALA A 278 -23.62 -34.75 11.10
C ALA A 278 -22.32 -35.05 10.35
N GLY A 279 -22.44 -35.39 9.08
CA GLY A 279 -21.27 -35.61 8.22
C GLY A 279 -20.48 -34.33 8.05
N CYS A 280 -19.16 -34.42 8.14
CA CYS A 280 -18.30 -33.27 8.07
C CYS A 280 -18.35 -32.56 6.71
N ASP A 281 -18.22 -33.29 5.60
CA ASP A 281 -18.25 -32.68 4.27
C ASP A 281 -19.63 -32.16 3.91
N LEU A 282 -20.70 -32.88 4.25
CA LEU A 282 -22.07 -32.44 3.99
C LEU A 282 -22.33 -31.09 4.71
N LEU A 283 -21.85 -30.98 5.94
CA LEU A 283 -21.99 -29.77 6.77
C LEU A 283 -21.15 -28.63 6.15
N LYS A 284 -19.92 -28.93 5.73
CA LYS A 284 -19.01 -27.98 5.12
C LYS A 284 -19.55 -27.39 3.82
N GLN A 285 -20.02 -28.27 2.92
CA GLN A 285 -20.52 -27.78 1.62
C GLN A 285 -21.77 -26.94 1.84
N ALA A 286 -22.63 -27.30 2.82
CA ALA A 286 -23.85 -26.51 3.05
C ALA A 286 -23.49 -25.13 3.60
N PHE A 287 -22.54 -25.07 4.54
CA PHE A 287 -22.06 -23.81 5.07
C PHE A 287 -21.36 -22.98 4.01
N ALA A 288 -20.56 -23.62 3.14
CA ALA A 288 -19.86 -22.93 2.07
C ALA A 288 -20.85 -22.28 1.07
N ARG A 289 -21.95 -22.96 0.73
CA ARG A 289 -22.91 -22.36 -0.18
C ARG A 289 -23.67 -21.23 0.52
N ALA A 290 -24.10 -21.45 1.78
CA ALA A 290 -24.86 -20.42 2.50
C ALA A 290 -24.05 -19.14 2.66
N ALA A 291 -22.71 -19.26 2.85
CA ALA A 291 -21.77 -18.13 3.02
C ALA A 291 -21.81 -17.18 1.84
N ILE A 292 -22.13 -17.68 0.64
CA ILE A 292 -22.24 -16.84 -0.57
C ILE A 292 -23.21 -15.70 -0.39
N LEU A 293 -24.31 -15.95 0.33
CA LEU A 293 -25.31 -14.94 0.55
C LEU A 293 -25.30 -14.34 1.95
N SER A 294 -24.19 -14.50 2.67
CA SER A 294 -24.02 -13.91 3.99
C SER A 294 -23.44 -12.49 3.82
N ASN A 295 -23.62 -11.66 4.82
CA ASN A 295 -23.08 -10.31 4.86
C ASN A 295 -21.55 -10.40 4.73
N GLU A 296 -20.97 -9.68 3.76
CA GLU A 296 -19.54 -9.72 3.46
C GLU A 296 -18.68 -9.31 4.66
N LYS A 297 -19.19 -8.39 5.50
CA LYS A 297 -18.47 -7.90 6.66
C LYS A 297 -18.67 -8.83 7.88
N PHE A 298 -19.95 -9.04 8.26
CA PHE A 298 -20.32 -9.76 9.49
C PHE A 298 -20.36 -11.30 9.34
N ARG A 299 -20.57 -11.81 8.11
CA ARG A 299 -20.50 -13.24 7.77
C ARG A 299 -21.47 -14.12 8.62
N GLY A 300 -22.56 -13.53 9.08
CA GLY A 300 -23.50 -14.26 9.94
C GLY A 300 -24.36 -15.25 9.17
N VAL A 301 -24.49 -16.44 9.72
CA VAL A 301 -25.44 -17.47 9.31
C VAL A 301 -26.29 -17.86 10.55
N ARG A 302 -27.51 -18.31 10.35
CA ARG A 302 -28.34 -18.76 11.46
C ARG A 302 -28.55 -20.24 11.34
N LEU A 303 -28.45 -20.97 12.45
CA LEU A 303 -28.61 -22.42 12.48
C LEU A 303 -29.90 -22.70 13.23
N TYR A 304 -30.78 -23.50 12.65
CA TYR A 304 -32.05 -23.90 13.31
C TYR A 304 -32.04 -25.39 13.46
N VAL A 305 -31.95 -25.86 14.70
CA VAL A 305 -31.90 -27.27 15.04
C VAL A 305 -33.29 -27.73 15.46
N SER A 306 -33.75 -28.84 14.85
CA SER A 306 -35.02 -29.46 15.20
C SER A 306 -34.82 -30.96 15.00
N GLU A 307 -35.84 -31.77 15.29
CA GLU A 307 -35.59 -33.21 15.29
C GLU A 307 -34.96 -33.72 14.00
N ASN A 308 -33.73 -34.24 14.14
CA ASN A 308 -32.94 -34.84 13.08
C ASN A 308 -32.79 -33.93 11.88
N GLN A 309 -32.79 -32.63 12.10
CA GLN A 309 -32.66 -31.67 11.01
C GLN A 309 -31.89 -30.46 11.44
N LEU A 310 -31.07 -29.91 10.52
CA LEU A 310 -30.36 -28.64 10.68
C LEU A 310 -30.69 -27.78 9.44
N LYS A 311 -31.21 -26.56 9.68
CA LYS A 311 -31.46 -25.60 8.63
C LYS A 311 -30.47 -24.46 8.82
N ILE A 312 -29.76 -24.09 7.74
CA ILE A 312 -28.78 -23.01 7.78
C ILE A 312 -29.33 -21.93 6.87
N THR A 313 -29.43 -20.71 7.36
CA THR A 313 -29.87 -19.61 6.53
C THR A 313 -28.84 -18.48 6.57
N ALA A 314 -28.71 -17.78 5.46
CA ALA A 314 -27.84 -16.60 5.37
C ALA A 314 -28.57 -15.53 4.59
N ASN A 315 -28.52 -14.29 5.10
CA ASN A 315 -29.13 -13.13 4.44
C ASN A 315 -28.08 -12.05 4.31
N ASN A 316 -28.25 -11.17 3.32
CA ASN A 316 -27.30 -10.07 3.11
C ASN A 316 -28.03 -8.75 2.96
N PRO A 317 -27.32 -7.60 2.84
CA PRO A 317 -28.04 -6.32 2.71
C PRO A 317 -28.81 -6.16 1.38
N GLU A 318 -28.45 -6.94 0.34
CA GLU A 318 -29.21 -6.96 -0.92
C GLU A 318 -30.52 -7.74 -0.81
N GLN A 319 -30.93 -8.15 0.41
CA GLN A 319 -32.17 -8.86 0.66
C GLN A 319 -32.16 -10.27 0.07
N GLU A 320 -30.97 -10.82 -0.15
CA GLU A 320 -30.87 -12.17 -0.72
C GLU A 320 -30.91 -13.17 0.39
N GLU A 321 -31.21 -14.43 0.09
CA GLU A 321 -31.25 -15.46 1.13
C GLU A 321 -30.81 -16.83 0.61
N ALA A 322 -29.95 -17.51 1.38
CA ALA A 322 -29.57 -18.90 1.10
C ALA A 322 -30.18 -19.73 2.18
N GLU A 323 -30.68 -20.92 1.85
CA GLU A 323 -31.22 -21.81 2.85
C GLU A 323 -30.80 -23.23 2.48
N GLU A 324 -30.15 -23.93 3.43
CA GLU A 324 -29.72 -25.31 3.28
C GLU A 324 -30.44 -26.12 4.34
N ILE A 325 -31.08 -27.22 3.96
CA ILE A 325 -31.65 -28.14 4.92
C ILE A 325 -30.87 -29.44 4.84
N LEU A 326 -30.43 -29.98 6.02
CA LEU A 326 -29.64 -31.20 6.12
C LEU A 326 -30.31 -32.15 7.10
N ASP A 327 -30.21 -33.45 6.84
CA ASP A 327 -30.57 -34.47 7.82
C ASP A 327 -29.35 -34.61 8.76
N VAL A 328 -29.59 -34.63 10.07
CA VAL A 328 -28.54 -34.76 11.08
C VAL A 328 -29.09 -35.64 12.17
N THR A 329 -28.26 -35.98 13.17
CA THR A 329 -28.75 -36.69 14.36
C THR A 329 -28.88 -35.68 15.48
N TYR A 330 -30.12 -35.42 15.92
CA TYR A 330 -30.45 -34.41 16.91
C TYR A 330 -31.84 -34.70 17.48
N SER A 331 -31.97 -34.63 18.81
CA SER A 331 -33.22 -34.73 19.56
C SER A 331 -33.08 -33.81 20.75
N GLY A 332 -34.11 -33.06 21.05
CA GLY A 332 -34.02 -32.05 22.08
C GLY A 332 -34.74 -30.80 21.66
N ALA A 333 -34.59 -29.73 22.45
CA ALA A 333 -35.34 -28.53 22.17
C ALA A 333 -34.92 -27.89 20.85
N GLU A 334 -35.88 -27.42 20.11
CA GLU A 334 -35.66 -26.60 18.93
C GLU A 334 -34.95 -25.34 19.40
N MET A 335 -33.91 -24.95 18.67
CA MET A 335 -33.20 -23.73 19.01
C MET A 335 -32.60 -23.12 17.75
N GLU A 336 -32.45 -21.80 17.79
CA GLU A 336 -31.85 -21.01 16.73
C GLU A 336 -30.63 -20.26 17.30
N ILE A 337 -29.49 -20.38 16.60
CA ILE A 337 -28.22 -19.82 17.06
C ILE A 337 -27.46 -19.24 15.85
N GLY A 338 -26.78 -18.12 16.05
CA GLY A 338 -26.11 -17.45 14.94
C GLY A 338 -24.60 -17.54 15.05
N PHE A 339 -23.92 -17.76 13.94
CA PHE A 339 -22.45 -17.85 13.92
C PHE A 339 -21.89 -17.11 12.76
N ASN A 340 -20.63 -16.70 12.92
CA ASN A 340 -19.79 -16.20 11.84
C ASN A 340 -19.45 -17.46 11.03
N VAL A 341 -19.89 -17.54 9.78
CA VAL A 341 -19.73 -18.76 8.98
C VAL A 341 -18.24 -19.10 8.72
N SER A 342 -17.36 -18.10 8.65
CA SER A 342 -15.93 -18.33 8.45
C SER A 342 -15.37 -19.15 9.62
N TYR A 343 -15.80 -18.84 10.86
CA TYR A 343 -15.34 -19.58 12.05
C TYR A 343 -15.76 -21.02 11.96
N VAL A 344 -17.01 -21.26 11.52
CA VAL A 344 -17.48 -22.64 11.40
C VAL A 344 -16.72 -23.39 10.30
N LEU A 345 -16.52 -22.73 9.13
CA LEU A 345 -15.83 -23.40 8.00
C LEU A 345 -14.37 -23.67 8.38
N ASP A 346 -13.75 -22.73 9.09
CA ASP A 346 -12.36 -22.98 9.58
C ASP A 346 -12.26 -24.25 10.36
N VAL A 347 -13.21 -24.48 11.29
CA VAL A 347 -13.22 -25.71 12.12
C VAL A 347 -13.44 -26.97 11.27
N LEU A 348 -14.43 -26.91 10.37
CA LEU A 348 -14.76 -28.07 9.55
C LEU A 348 -13.59 -28.43 8.66
N ASN A 349 -12.90 -27.42 8.08
CA ASN A 349 -11.70 -27.63 7.28
C ASN A 349 -10.57 -28.25 8.08
N ALA A 350 -10.43 -27.85 9.37
CA ALA A 350 -9.37 -28.38 10.23
C ALA A 350 -9.66 -29.79 10.65
N LEU A 351 -10.94 -30.14 10.83
CA LEU A 351 -11.32 -31.46 11.26
C LEU A 351 -11.08 -32.48 10.17
N LYS A 352 -11.40 -32.19 8.90
CA LYS A 352 -11.23 -33.14 7.82
C LYS A 352 -11.37 -34.64 8.30
N CYS A 353 -12.54 -34.97 8.89
CA CYS A 353 -12.93 -36.30 9.40
C CYS A 353 -14.25 -36.68 8.75
N GLU A 354 -14.85 -37.79 9.19
CA GLU A 354 -16.09 -38.33 8.64
C GLU A 354 -17.30 -37.61 9.22
N ASN A 355 -17.46 -37.68 10.55
CA ASN A 355 -18.57 -37.08 11.25
C ASN A 355 -18.11 -36.12 12.31
N VAL A 356 -18.94 -35.11 12.58
CA VAL A 356 -18.68 -34.07 13.52
C VAL A 356 -19.73 -34.12 14.59
N ARG A 357 -19.35 -33.74 15.80
CA ARG A 357 -20.21 -33.68 16.97
C ARG A 357 -20.20 -32.19 17.41
N MET A 358 -21.38 -31.62 17.56
CA MET A 358 -21.54 -30.26 18.07
C MET A 358 -22.30 -30.35 19.37
N MET A 359 -21.79 -29.71 20.41
CA MET A 359 -22.41 -29.67 21.71
C MET A 359 -22.86 -28.25 22.02
N LEU A 360 -24.18 -28.07 22.21
CA LEU A 360 -24.81 -26.77 22.42
C LEU A 360 -25.48 -26.67 23.77
N THR A 361 -25.79 -25.42 24.19
CA THR A 361 -26.53 -25.17 25.42
C THR A 361 -27.73 -24.30 25.06
N ASP A 362 -27.48 -23.06 24.58
CA ASP A 362 -28.53 -22.14 24.18
C ASP A 362 -28.00 -21.14 23.14
N SER A 363 -28.87 -20.23 22.69
CA SER A 363 -28.58 -19.27 21.60
C SER A 363 -27.54 -18.20 21.97
N VAL A 364 -27.24 -18.06 23.28
CA VAL A 364 -26.27 -17.05 23.75
C VAL A 364 -24.96 -17.67 24.26
N SER A 365 -24.80 -18.99 24.11
CA SER A 365 -23.62 -19.63 24.67
C SER A 365 -22.79 -20.28 23.60
N SER A 366 -21.52 -20.55 23.92
CA SER A 366 -20.60 -21.14 22.97
C SER A 366 -21.01 -22.55 22.58
N VAL A 367 -20.47 -23.02 21.47
CA VAL A 367 -20.66 -24.41 21.10
CA VAL A 367 -20.66 -24.39 20.98
C VAL A 367 -19.30 -25.07 20.99
N GLN A 368 -19.26 -26.34 21.33
CA GLN A 368 -18.04 -27.11 21.25
C GLN A 368 -18.19 -28.05 20.09
N ILE A 369 -17.19 -28.07 19.21
CA ILE A 369 -17.23 -28.90 18.02
C ILE A 369 -16.04 -29.87 18.05
N GLU A 370 -16.28 -31.15 17.75
CA GLU A 370 -15.17 -32.07 17.64
C GLU A 370 -15.46 -33.19 16.65
N ASP A 371 -14.42 -33.92 16.26
CA ASP A 371 -14.58 -35.12 15.43
C ASP A 371 -15.42 -36.07 16.29
N ALA A 372 -16.50 -36.66 15.72
CA ALA A 372 -17.37 -37.57 16.47
C ALA A 372 -16.61 -38.81 16.95
N ALA A 373 -15.48 -39.11 16.30
CA ALA A 373 -14.72 -40.33 16.53
C ALA A 373 -13.40 -40.16 17.33
N SER A 374 -13.06 -38.93 17.74
CA SER A 374 -11.79 -38.67 18.42
C SER A 374 -11.94 -37.42 19.29
N GLN A 375 -11.36 -37.46 20.49
CA GLN A 375 -11.42 -36.32 21.43
C GLN A 375 -10.05 -35.63 21.52
N SER A 376 -9.15 -35.92 20.59
CA SER A 376 -7.83 -35.33 20.57
C SER A 376 -7.85 -33.82 20.32
N ALA A 377 -8.78 -33.35 19.50
CA ALA A 377 -8.94 -31.92 19.26
C ALA A 377 -10.34 -31.44 19.66
N ALA A 378 -10.45 -30.20 20.12
CA ALA A 378 -11.74 -29.59 20.46
C ALA A 378 -11.77 -28.16 20.01
N TYR A 379 -12.93 -27.70 19.55
CA TYR A 379 -13.09 -26.33 19.07
C TYR A 379 -14.24 -25.67 19.77
N VAL A 380 -14.05 -24.46 20.25
CA VAL A 380 -15.11 -23.70 20.88
C VAL A 380 -15.36 -22.43 20.05
N VAL A 381 -16.61 -22.21 19.62
CA VAL A 381 -16.99 -21.02 18.85
C VAL A 381 -18.11 -20.26 19.56
N MET A 382 -17.89 -18.99 19.81
CA MET A 382 -18.89 -18.16 20.46
C MET A 382 -19.90 -17.66 19.39
N PRO A 383 -21.21 -17.63 19.71
CA PRO A 383 -22.20 -17.19 18.71
C PRO A 383 -22.22 -15.68 18.54
N MET A 384 -23.00 -15.21 17.54
CA MET A 384 -23.38 -13.82 17.36
C MET A 384 -24.84 -13.70 17.88
N ARG A 385 -25.18 -12.60 18.52
CA ARG A 385 -26.50 -12.40 19.15
C ARG A 385 -27.67 -12.59 18.18
N LEU A 386 -28.62 -13.44 18.58
CA LEU A 386 -29.91 -13.61 17.93
C LEU A 386 -30.98 -13.21 18.96
N SER B 19 -41.54 -11.65 -14.91
CA SER B 19 -41.23 -12.61 -15.96
C SER B 19 -41.57 -14.04 -15.53
N HIS B 20 -42.03 -14.84 -16.47
CA HIS B 20 -42.40 -16.22 -16.22
C HIS B 20 -41.23 -17.13 -16.55
N MET B 21 -40.02 -16.55 -16.68
CA MET B 21 -38.85 -17.34 -17.01
C MET B 21 -38.67 -18.52 -16.07
N LYS B 22 -38.46 -19.71 -16.65
CA LYS B 22 -38.18 -20.94 -15.90
C LYS B 22 -37.28 -21.83 -16.73
N PHE B 23 -36.31 -22.47 -16.10
CA PHE B 23 -35.49 -23.51 -16.75
C PHE B 23 -34.91 -24.45 -15.68
N THR B 24 -34.57 -25.70 -16.07
CA THR B 24 -33.86 -26.66 -15.18
C THR B 24 -32.74 -27.22 -15.98
N VAL B 25 -31.51 -27.03 -15.52
CA VAL B 25 -30.34 -27.48 -16.27
C VAL B 25 -29.39 -28.17 -15.31
N GLU B 26 -28.66 -29.19 -15.79
CA GLU B 26 -27.62 -29.84 -15.01
C GLU B 26 -26.52 -28.84 -14.75
N ARG B 27 -25.95 -28.88 -13.55
CA ARG B 27 -24.85 -28.02 -13.10
C ARG B 27 -23.69 -27.92 -14.12
N GLU B 28 -23.29 -29.05 -14.70
CA GLU B 28 -22.15 -29.11 -15.60
C GLU B 28 -22.40 -28.46 -16.97
N HIS B 29 -23.64 -28.24 -17.33
CA HIS B 29 -23.91 -27.50 -18.58
C HIS B 29 -23.90 -25.99 -18.34
N LEU B 30 -23.92 -25.56 -17.08
CA LEU B 30 -23.95 -24.13 -16.76
C LEU B 30 -22.58 -23.54 -16.43
N LEU B 31 -21.66 -24.36 -15.91
CA LEU B 31 -20.39 -23.85 -15.34
C LEU B 31 -19.51 -23.10 -16.32
N LYS B 32 -19.16 -23.71 -17.45
CA LYS B 32 -18.32 -23.02 -18.47
C LYS B 32 -19.06 -21.80 -19.04
N PRO B 33 -20.34 -21.91 -19.45
CA PRO B 33 -21.06 -20.71 -19.88
C PRO B 33 -20.98 -19.55 -18.88
N LEU B 34 -21.26 -19.81 -17.60
CA LEU B 34 -21.17 -18.81 -16.52
C LEU B 34 -19.76 -18.22 -16.34
N GLN B 35 -18.73 -19.07 -16.46
CA GLN B 35 -17.35 -18.63 -16.32
C GLN B 35 -17.01 -17.68 -17.46
N GLN B 36 -17.41 -18.04 -18.68
CA GLN B 36 -17.16 -17.24 -19.87
C GLN B 36 -17.85 -15.90 -19.87
N VAL B 37 -19.11 -15.83 -19.46
CA VAL B 37 -19.84 -14.57 -19.58
C VAL B 37 -19.53 -13.61 -18.44
N SER B 38 -18.95 -14.12 -17.35
CA SER B 38 -18.53 -13.28 -16.24
C SER B 38 -17.19 -12.62 -16.52
N GLY B 39 -16.52 -13.06 -17.59
CA GLY B 39 -15.25 -12.51 -18.06
C GLY B 39 -15.22 -11.00 -18.20
N PRO B 40 -16.11 -10.37 -19.03
CA PRO B 40 -16.10 -8.89 -19.14
C PRO B 40 -16.29 -8.14 -17.84
N LEU B 41 -16.78 -8.80 -16.80
CA LEU B 41 -17.15 -8.13 -15.56
C LEU B 41 -15.96 -7.74 -14.68
N GLY B 42 -15.84 -6.43 -14.46
CA GLY B 42 -14.86 -5.82 -13.56
C GLY B 42 -15.39 -5.79 -12.13
N GLY B 43 -14.47 -5.81 -11.16
CA GLY B 43 -14.76 -5.94 -9.75
C GLY B 43 -15.64 -4.91 -9.08
N ARG B 44 -15.54 -3.63 -9.51
CA ARG B 44 -16.28 -2.56 -8.83
C ARG B 44 -17.23 -1.88 -9.80
N PRO B 45 -18.41 -2.46 -10.12
CA PRO B 45 -19.23 -1.85 -11.19
C PRO B 45 -19.80 -0.53 -10.71
N THR B 46 -19.84 0.45 -11.63
CA THR B 46 -20.35 1.79 -11.34
C THR B 46 -21.85 1.75 -11.14
N LEU B 47 -22.52 0.88 -11.90
CA LEU B 47 -23.96 0.72 -11.83
C LEU B 47 -24.23 -0.71 -11.38
N PRO B 48 -25.22 -0.93 -10.49
CA PRO B 48 -25.45 -2.30 -10.00
C PRO B 48 -25.71 -3.31 -11.11
N ILE B 49 -26.42 -2.92 -12.18
CA ILE B 49 -26.74 -3.82 -13.30
C ILE B 49 -25.49 -4.40 -13.95
N LEU B 50 -24.38 -3.66 -13.92
CA LEU B 50 -23.14 -4.12 -14.55
C LEU B 50 -22.42 -5.24 -13.82
N GLY B 51 -22.87 -5.56 -12.61
CA GLY B 51 -22.40 -6.72 -11.88
C GLY B 51 -23.29 -7.92 -12.16
N ASN B 52 -24.34 -7.73 -12.98
CA ASN B 52 -25.31 -8.77 -13.30
C ASN B 52 -25.08 -9.44 -14.64
N LEU B 53 -25.69 -10.62 -14.81
CA LEU B 53 -25.79 -11.32 -16.10
C LEU B 53 -27.24 -11.22 -16.60
N LEU B 54 -27.41 -11.05 -17.90
CA LEU B 54 -28.74 -11.10 -18.48
C LEU B 54 -29.07 -12.56 -18.81
N LEU B 55 -30.17 -13.11 -18.25
CA LEU B 55 -30.62 -14.46 -18.57
C LEU B 55 -31.85 -14.39 -19.43
N GLN B 56 -31.90 -15.14 -20.52
CA GLN B 56 -33.08 -15.13 -21.41
C GLN B 56 -33.41 -16.56 -21.85
N VAL B 57 -34.67 -16.95 -21.68
CA VAL B 57 -35.16 -18.22 -22.19
C VAL B 57 -36.06 -17.90 -23.40
N ALA B 58 -35.70 -18.48 -24.54
CA ALA B 58 -36.48 -18.35 -25.79
C ALA B 58 -36.27 -19.63 -26.59
N ASP B 59 -37.34 -20.21 -27.16
CA ASP B 59 -37.24 -21.36 -28.11
C ASP B 59 -36.23 -22.48 -27.77
N GLY B 60 -36.34 -23.07 -26.60
CA GLY B 60 -35.41 -24.15 -26.24
C GLY B 60 -33.95 -23.78 -25.96
N THR B 61 -33.66 -22.47 -25.82
CA THR B 61 -32.31 -22.00 -25.54
C THR B 61 -32.29 -21.07 -24.33
N LEU B 62 -31.31 -21.27 -23.45
CA LEU B 62 -31.02 -20.29 -22.42
C LEU B 62 -29.85 -19.45 -22.93
N SER B 63 -30.01 -18.12 -22.96
CA SER B 63 -28.89 -17.23 -23.25
C SER B 63 -28.42 -16.51 -21.98
N LEU B 64 -27.12 -16.35 -21.85
CA LEU B 64 -26.50 -15.68 -20.73
C LEU B 64 -25.58 -14.61 -21.32
N THR B 65 -25.74 -13.33 -20.89
CA THR B 65 -24.89 -12.26 -21.38
C THR B 65 -24.25 -11.48 -20.24
N GLY B 66 -22.97 -11.16 -20.41
CA GLY B 66 -22.21 -10.32 -19.48
C GLY B 66 -21.58 -9.18 -20.26
N THR B 67 -21.48 -7.99 -19.65
CA THR B 67 -20.95 -6.81 -20.38
C THR B 67 -20.27 -5.83 -19.43
N ASP B 68 -19.35 -5.01 -19.98
CA ASP B 68 -18.75 -3.88 -19.27
C ASP B 68 -19.00 -2.59 -20.08
N LEU B 69 -19.94 -2.61 -21.02
CA LEU B 69 -20.28 -1.48 -21.89
C LEU B 69 -19.35 -1.33 -23.11
N GLU B 70 -18.15 -1.91 -23.06
CA GLU B 70 -17.17 -1.84 -24.15
C GLU B 70 -17.13 -3.17 -24.90
N MET B 71 -17.37 -4.25 -24.18
CA MET B 71 -17.45 -5.56 -24.79
C MET B 71 -18.51 -6.39 -24.11
N GLU B 72 -18.97 -7.43 -24.80
CA GLU B 72 -19.91 -8.36 -24.21
C GLU B 72 -19.61 -9.79 -24.59
N MET B 73 -20.04 -10.72 -23.74
CA MET B 73 -19.88 -12.14 -23.98
C MET B 73 -21.26 -12.83 -23.86
N VAL B 74 -21.63 -13.59 -24.87
CA VAL B 74 -22.92 -14.29 -24.88
C VAL B 74 -22.69 -15.79 -24.93
N ALA B 75 -23.40 -16.55 -24.11
CA ALA B 75 -23.32 -18.04 -24.13
C ALA B 75 -24.73 -18.59 -24.35
N ARG B 76 -24.84 -19.61 -25.19
CA ARG B 76 -26.12 -20.27 -25.46
C ARG B 76 -26.11 -21.71 -24.95
N VAL B 77 -27.12 -22.07 -24.17
CA VAL B 77 -27.25 -23.39 -23.53
C VAL B 77 -28.55 -24.02 -24.00
N ALA B 78 -28.50 -25.23 -24.58
CA ALA B 78 -29.70 -25.96 -25.01
C ALA B 78 -30.51 -26.44 -23.79
N LEU B 79 -31.84 -26.24 -23.88
CA LEU B 79 -32.73 -26.67 -22.81
C LEU B 79 -33.50 -27.90 -23.24
N VAL B 80 -33.18 -29.06 -22.66
CA VAL B 80 -33.88 -30.31 -22.96
C VAL B 80 -34.99 -30.58 -21.95
N GLN B 81 -34.89 -29.98 -20.77
CA GLN B 81 -35.89 -30.18 -19.71
C GLN B 81 -36.95 -29.08 -19.80
N PRO B 82 -38.10 -29.21 -19.09
CA PRO B 82 -39.14 -28.18 -19.20
C PRO B 82 -38.66 -26.76 -18.92
N HIS B 83 -39.15 -25.80 -19.69
CA HIS B 83 -38.75 -24.41 -19.56
C HIS B 83 -39.88 -23.47 -20.01
N GLU B 84 -39.83 -22.23 -19.54
CA GLU B 84 -40.80 -21.19 -19.87
C GLU B 84 -40.04 -19.94 -20.25
N PRO B 85 -40.54 -19.19 -21.27
CA PRO B 85 -39.75 -18.05 -21.78
C PRO B 85 -39.78 -16.85 -20.85
N GLY B 86 -38.81 -15.98 -21.00
CA GLY B 86 -38.70 -14.78 -20.18
C GLY B 86 -37.27 -14.37 -20.01
N ALA B 87 -37.04 -13.30 -19.27
CA ALA B 87 -35.70 -12.80 -19.08
C ALA B 87 -35.63 -12.08 -17.75
N THR B 88 -34.43 -11.99 -17.19
CA THR B 88 -34.13 -11.23 -15.96
C THR B 88 -32.63 -11.01 -15.92
N THR B 89 -32.15 -10.22 -14.95
CA THR B 89 -30.71 -10.05 -14.68
C THR B 89 -30.43 -10.46 -13.23
N VAL B 90 -29.31 -11.17 -12.98
CA VAL B 90 -28.95 -11.62 -11.62
C VAL B 90 -27.48 -11.37 -11.34
N PRO B 91 -27.07 -11.24 -10.05
CA PRO B 91 -25.65 -11.02 -9.77
C PRO B 91 -24.81 -12.18 -10.27
N ALA B 92 -23.85 -11.89 -11.16
CA ALA B 92 -23.01 -12.87 -11.85
C ALA B 92 -22.20 -13.76 -10.88
N ARG B 93 -21.37 -13.14 -10.05
CA ARG B 93 -20.47 -13.87 -9.17
C ARG B 93 -21.24 -14.75 -8.16
N LYS B 94 -22.33 -14.24 -7.59
CA LYS B 94 -23.16 -15.00 -6.67
C LYS B 94 -23.80 -16.19 -7.38
N PHE B 95 -24.42 -15.98 -8.56
CA PHE B 95 -25.03 -17.07 -9.32
C PHE B 95 -24.00 -18.13 -9.68
N PHE B 96 -22.81 -17.72 -10.18
CA PHE B 96 -21.74 -18.68 -10.52
C PHE B 96 -21.28 -19.50 -9.31
N ASP B 97 -20.99 -18.81 -8.18
CA ASP B 97 -20.55 -19.44 -6.95
C ASP B 97 -21.56 -20.45 -6.42
N ILE B 98 -22.85 -20.14 -6.55
CA ILE B 98 -23.90 -21.06 -6.11
C ILE B 98 -23.85 -22.31 -6.94
N CYS B 99 -23.82 -22.18 -8.27
CA CYS B 99 -23.81 -23.33 -9.19
C CYS B 99 -22.54 -24.16 -9.01
N ARG B 100 -21.39 -23.50 -8.82
CA ARG B 100 -20.11 -24.15 -8.59
C ARG B 100 -20.12 -24.92 -7.28
N GLY B 101 -20.69 -24.32 -6.24
CA GLY B 101 -20.72 -24.90 -4.90
C GLY B 101 -21.69 -26.05 -4.71
N LEU B 102 -22.59 -26.25 -5.67
CA LEU B 102 -23.52 -27.36 -5.63
C LEU B 102 -22.80 -28.67 -6.02
N PRO B 103 -23.29 -29.86 -5.55
CA PRO B 103 -22.60 -31.12 -5.87
C PRO B 103 -22.55 -31.48 -7.34
N GLU B 104 -21.53 -32.25 -7.74
CA GLU B 104 -21.42 -32.75 -9.10
C GLU B 104 -22.72 -33.47 -9.47
N GLY B 105 -23.23 -33.17 -10.68
CA GLY B 105 -24.46 -33.73 -11.22
C GLY B 105 -25.72 -33.08 -10.74
N ALA B 106 -25.62 -32.01 -9.92
CA ALA B 106 -26.86 -31.36 -9.42
C ALA B 106 -27.72 -30.84 -10.57
N GLU B 107 -29.06 -30.96 -10.42
CA GLU B 107 -30.05 -30.39 -11.31
C GLU B 107 -30.42 -29.01 -10.74
N ILE B 108 -30.21 -27.95 -11.51
CA ILE B 108 -30.43 -26.58 -11.03
C ILE B 108 -31.73 -26.02 -11.59
N ALA B 109 -32.74 -25.86 -10.73
CA ALA B 109 -34.04 -25.35 -11.15
C ALA B 109 -34.11 -23.85 -10.87
N VAL B 110 -34.40 -23.08 -11.91
CA VAL B 110 -34.49 -21.63 -11.77
C VAL B 110 -35.91 -21.13 -12.14
N GLN B 111 -36.42 -20.15 -11.38
CA GLN B 111 -37.66 -19.48 -11.72
C GLN B 111 -37.70 -18.13 -11.03
N LEU B 112 -38.60 -17.25 -11.48
CA LEU B 112 -38.78 -15.92 -10.90
C LEU B 112 -39.95 -15.87 -9.90
N GLU B 113 -39.77 -15.12 -8.80
CA GLU B 113 -40.84 -14.91 -7.82
C GLU B 113 -40.87 -13.44 -7.44
N GLY B 114 -41.56 -12.66 -8.26
CA GLY B 114 -41.58 -11.21 -8.11
C GLY B 114 -40.27 -10.63 -8.58
N GLU B 115 -39.58 -9.92 -7.68
CA GLU B 115 -38.29 -9.28 -7.98
C GLU B 115 -37.10 -10.17 -7.57
N ARG B 116 -37.34 -11.47 -7.30
CA ARG B 116 -36.28 -12.37 -6.86
C ARG B 116 -36.17 -13.50 -7.83
N MET B 117 -34.95 -14.01 -8.03
CA MET B 117 -34.79 -15.22 -8.81
C MET B 117 -34.48 -16.34 -7.84
N LEU B 118 -35.34 -17.38 -7.88
CA LEU B 118 -35.21 -18.53 -7.00
C LEU B 118 -34.41 -19.64 -7.71
N VAL B 119 -33.28 -20.09 -7.08
CA VAL B 119 -32.43 -21.20 -7.56
C VAL B 119 -32.62 -22.35 -6.57
N ARG B 120 -33.01 -23.54 -7.07
CA ARG B 120 -33.26 -24.69 -6.20
C ARG B 120 -32.56 -25.93 -6.73
N SER B 121 -31.94 -26.69 -5.82
CA SER B 121 -31.29 -27.96 -6.11
C SER B 121 -31.26 -28.76 -4.83
N GLY B 122 -31.73 -30.00 -4.85
CA GLY B 122 -31.82 -30.83 -3.64
C GLY B 122 -32.64 -30.10 -2.62
N ARG B 123 -32.07 -29.87 -1.41
CA ARG B 123 -32.73 -29.02 -0.41
C ARG B 123 -31.92 -27.75 -0.16
N SER B 124 -31.32 -27.25 -1.24
CA SER B 124 -30.61 -25.98 -1.21
C SER B 124 -31.51 -24.99 -1.96
N ARG B 125 -31.71 -23.80 -1.38
CA ARG B 125 -32.61 -22.82 -1.94
C ARG B 125 -31.97 -21.45 -1.85
N PHE B 126 -31.87 -20.77 -2.99
CA PHE B 126 -31.26 -19.44 -3.03
C PHE B 126 -32.22 -18.45 -3.63
N SER B 127 -32.32 -17.27 -3.05
CA SER B 127 -33.12 -16.20 -3.60
CA SER B 127 -33.14 -16.18 -3.58
C SER B 127 -32.24 -15.00 -3.89
N LEU B 128 -32.06 -14.69 -5.15
CA LEU B 128 -31.18 -13.62 -5.63
C LEU B 128 -31.99 -12.39 -6.02
N SER B 129 -31.44 -11.22 -5.81
CA SER B 129 -32.12 -9.99 -6.22
C SER B 129 -31.88 -9.81 -7.73
N THR B 130 -32.86 -9.28 -8.42
CA THR B 130 -32.78 -9.11 -9.87
C THR B 130 -32.92 -7.64 -10.24
N LEU B 131 -32.56 -7.29 -11.48
CA LEU B 131 -32.87 -6.00 -12.07
C LEU B 131 -33.49 -6.32 -13.41
N PRO B 132 -34.44 -5.49 -13.90
CA PRO B 132 -35.18 -5.83 -15.12
C PRO B 132 -34.29 -6.05 -16.34
N ALA B 133 -34.63 -7.05 -17.13
CA ALA B 133 -33.93 -7.34 -18.39
C ALA B 133 -33.95 -6.14 -19.34
N ALA B 134 -35.05 -5.36 -19.30
CA ALA B 134 -35.19 -4.17 -20.14
C ALA B 134 -34.15 -3.09 -19.81
N ASP B 135 -33.52 -3.19 -18.64
CA ASP B 135 -32.51 -2.21 -18.23
C ASP B 135 -31.12 -2.65 -18.59
N PHE B 136 -30.96 -3.87 -19.11
CA PHE B 136 -29.63 -4.36 -19.44
C PHE B 136 -29.05 -3.64 -20.67
N PRO B 137 -27.81 -3.11 -20.58
CA PRO B 137 -27.24 -2.44 -21.75
C PRO B 137 -26.92 -3.35 -22.93
N ASN B 138 -27.10 -2.82 -24.13
CA ASN B 138 -26.75 -3.54 -25.36
C ASN B 138 -25.72 -2.72 -26.10
N LEU B 139 -24.73 -3.38 -26.70
CA LEU B 139 -23.77 -2.66 -27.54
C LEU B 139 -24.57 -2.23 -28.77
N ASP B 140 -24.39 -1.00 -29.23
CA ASP B 140 -25.17 -0.47 -30.35
C ASP B 140 -25.18 -1.38 -31.57
N ASP B 141 -26.31 -1.39 -32.30
CA ASP B 141 -26.45 -2.11 -33.56
C ASP B 141 -25.30 -1.73 -34.50
N TRP B 142 -24.77 -2.70 -35.26
CA TRP B 142 -23.68 -2.39 -36.18
C TRP B 142 -23.64 -3.36 -37.35
N GLN B 143 -23.00 -2.96 -38.46
CA GLN B 143 -22.91 -3.84 -39.62
C GLN B 143 -21.51 -4.36 -39.85
N SER B 144 -21.41 -5.67 -40.12
CA SER B 144 -20.17 -6.36 -40.50
C SER B 144 -19.79 -5.97 -41.95
N GLU B 145 -18.50 -5.65 -42.18
CA GLU B 145 -17.99 -5.24 -43.49
C GLU B 145 -16.84 -6.16 -43.96
N VAL B 146 -16.29 -6.99 -43.05
CA VAL B 146 -15.24 -7.98 -43.34
C VAL B 146 -15.58 -9.24 -42.54
N GLU B 147 -15.53 -10.42 -43.19
CA GLU B 147 -15.79 -11.67 -42.47
C GLU B 147 -14.83 -12.75 -42.89
N PHE B 148 -14.45 -13.61 -41.96
CA PHE B 148 -13.62 -14.77 -42.30
C PHE B 148 -13.72 -15.79 -41.20
N THR B 149 -13.45 -17.04 -41.53
CA THR B 149 -13.43 -18.13 -40.56
C THR B 149 -12.01 -18.66 -40.49
N LEU B 150 -11.59 -19.09 -39.29
CA LEU B 150 -10.29 -19.72 -39.10
C LEU B 150 -10.36 -20.65 -37.87
N PRO B 151 -9.43 -21.64 -37.76
CA PRO B 151 -9.40 -22.48 -36.55
C PRO B 151 -9.20 -21.63 -35.30
N GLN B 152 -9.90 -21.96 -34.20
CA GLN B 152 -9.77 -21.20 -32.96
C GLN B 152 -8.35 -21.24 -32.36
N ALA B 153 -7.61 -22.35 -32.62
CA ALA B 153 -6.23 -22.52 -32.18
C ALA B 153 -5.27 -21.60 -32.93
N THR B 154 -5.60 -21.31 -34.22
CA THR B 154 -4.80 -20.40 -35.03
C THR B 154 -4.94 -18.97 -34.48
N MET B 155 -6.18 -18.57 -34.13
CA MET B 155 -6.42 -17.25 -33.55
C MET B 155 -5.72 -17.16 -32.20
N LYS B 156 -5.80 -18.26 -31.42
CA LYS B 156 -5.18 -18.27 -30.09
C LYS B 156 -3.67 -18.11 -30.19
N ARG B 157 -3.05 -18.79 -31.18
CA ARG B 157 -1.63 -18.70 -31.45
C ARG B 157 -1.23 -17.28 -31.86
N LEU B 158 -2.01 -16.65 -32.77
CA LEU B 158 -1.76 -15.29 -33.24
C LEU B 158 -1.73 -14.31 -32.07
N ILE B 159 -2.67 -14.47 -31.15
CA ILE B 159 -2.76 -13.59 -29.98
C ILE B 159 -1.66 -13.89 -28.97
N GLU B 160 -1.47 -15.18 -28.65
CA GLU B 160 -0.45 -15.64 -27.69
C GLU B 160 0.95 -15.17 -28.08
N ALA B 161 1.26 -15.21 -29.40
CA ALA B 161 2.57 -14.85 -29.91
C ALA B 161 2.91 -13.37 -29.68
N THR B 162 1.87 -12.50 -29.49
CA THR B 162 2.12 -11.05 -29.50
C THR B 162 1.59 -10.29 -28.29
N GLN B 163 0.59 -10.83 -27.59
CA GLN B 163 -0.10 -10.09 -26.53
C GLN B 163 0.80 -9.49 -25.43
N PHE B 164 1.93 -10.11 -25.09
CA PHE B 164 2.82 -9.54 -24.04
C PHE B 164 3.43 -8.18 -24.44
N SER B 165 3.42 -7.87 -25.76
CA SER B 165 4.03 -6.62 -26.22
C SER B 165 3.06 -5.45 -26.26
N MET B 166 1.76 -5.67 -25.94
CA MET B 166 0.76 -4.59 -25.93
C MET B 166 1.16 -3.60 -24.84
N ALA B 167 0.87 -2.33 -25.02
CA ALA B 167 1.06 -1.37 -23.94
C ALA B 167 -0.07 -1.66 -22.92
N HIS B 168 0.07 -1.17 -21.69
N HIS B 168 0.07 -1.19 -21.68
CA HIS B 168 -0.93 -1.42 -20.66
CA HIS B 168 -0.93 -1.42 -20.66
C HIS B 168 -1.81 -0.21 -20.44
C HIS B 168 -1.81 -0.19 -20.48
N GLN B 169 -1.21 0.92 -20.03
CA GLN B 169 -1.94 2.18 -19.85
C GLN B 169 -1.09 3.30 -20.41
N ASP B 170 -0.68 3.14 -21.67
CA ASP B 170 0.10 4.15 -22.37
C ASP B 170 -0.84 5.28 -22.77
N VAL B 171 -0.31 6.51 -22.78
CA VAL B 171 -1.03 7.69 -23.21
C VAL B 171 -1.48 7.50 -24.68
N ARG B 172 -0.70 6.71 -25.46
CA ARG B 172 -1.04 6.46 -26.85
C ARG B 172 -2.07 5.32 -26.81
N TYR B 173 -3.35 5.68 -26.60
CA TYR B 173 -4.47 4.75 -26.43
C TYR B 173 -4.47 3.63 -27.46
N TYR B 174 -4.10 3.92 -28.71
CA TYR B 174 -4.10 2.92 -29.80
C TYR B 174 -3.07 1.80 -29.61
N LEU B 175 -2.14 1.95 -28.63
CA LEU B 175 -1.16 0.91 -28.35
C LEU B 175 -1.64 -0.04 -27.25
N ASN B 176 -2.63 0.41 -26.46
CA ASN B 176 -3.20 -0.40 -25.38
C ASN B 176 -4.20 -1.38 -26.01
N GLY B 177 -3.69 -2.16 -26.95
CA GLY B 177 -4.52 -3.09 -27.69
C GLY B 177 -3.69 -3.79 -28.73
N MET B 178 -4.35 -4.48 -29.65
CA MET B 178 -3.67 -5.29 -30.65
C MET B 178 -4.23 -5.00 -32.03
N LEU B 179 -3.34 -4.88 -33.00
CA LEU B 179 -3.72 -4.76 -34.39
C LEU B 179 -4.07 -6.14 -34.94
N PHE B 180 -5.22 -6.24 -35.61
CA PHE B 180 -5.63 -7.41 -36.38
C PHE B 180 -5.71 -6.94 -37.82
N GLU B 181 -4.91 -7.53 -38.67
CA GLU B 181 -4.76 -7.08 -40.04
C GLU B 181 -4.88 -8.22 -41.01
N THR B 182 -5.70 -8.04 -42.06
CA THR B 182 -5.84 -9.02 -43.12
C THR B 182 -5.11 -8.53 -44.37
N GLU B 183 -4.35 -9.40 -45.01
CA GLU B 183 -3.60 -9.05 -46.20
C GLU B 183 -3.40 -10.30 -47.03
N GLY B 184 -3.95 -10.29 -48.25
CA GLY B 184 -3.90 -11.45 -49.13
C GLY B 184 -4.61 -12.63 -48.50
N GLU B 185 -3.85 -13.66 -48.08
CA GLU B 185 -4.47 -14.80 -47.43
CA GLU B 185 -4.40 -14.86 -47.45
C GLU B 185 -4.08 -14.88 -45.95
N GLU B 186 -3.37 -13.86 -45.45
CA GLU B 186 -2.94 -13.88 -44.05
C GLU B 186 -3.77 -13.04 -43.11
N LEU B 187 -3.87 -13.53 -41.87
CA LEU B 187 -4.30 -12.74 -40.74
C LEU B 187 -3.03 -12.48 -39.93
N ARG B 188 -2.84 -11.24 -39.50
CA ARG B 188 -1.66 -10.79 -38.80
C ARG B 188 -2.07 -10.07 -37.53
N THR B 189 -1.33 -10.29 -36.43
CA THR B 189 -1.49 -9.51 -35.21
C THR B 189 -0.18 -8.72 -34.99
N VAL B 190 -0.32 -7.48 -34.52
CA VAL B 190 0.86 -6.66 -34.18
C VAL B 190 0.56 -6.02 -32.83
N ALA B 191 1.56 -6.02 -31.93
CA ALA B 191 1.41 -5.39 -30.62
C ALA B 191 2.72 -4.75 -30.26
N THR B 192 2.62 -3.52 -29.76
CA THR B 192 3.81 -2.75 -29.42
C THR B 192 3.49 -1.77 -28.31
N ASP B 193 4.51 -1.44 -27.54
CA ASP B 193 4.37 -0.45 -26.49
C ASP B 193 5.31 0.73 -26.74
N GLY B 194 5.88 0.75 -27.95
CA GLY B 194 6.82 1.78 -28.37
C GLY B 194 8.28 1.45 -28.05
N HIS B 195 8.53 0.43 -27.24
CA HIS B 195 9.91 0.02 -26.92
C HIS B 195 10.20 -1.34 -27.55
N ARG B 196 9.21 -2.21 -27.54
CA ARG B 196 9.34 -3.51 -28.16
C ARG B 196 8.06 -3.83 -28.94
N LEU B 197 8.18 -4.66 -29.98
CA LEU B 197 7.09 -4.96 -30.91
C LEU B 197 7.08 -6.45 -31.17
N ALA B 198 5.91 -7.00 -31.39
CA ALA B 198 5.74 -8.41 -31.76
C ALA B 198 4.77 -8.45 -32.93
N VAL B 199 5.09 -9.23 -33.95
CA VAL B 199 4.22 -9.40 -35.12
C VAL B 199 4.15 -10.91 -35.46
N CYS B 200 2.95 -11.39 -35.78
CA CYS B 200 2.77 -12.79 -36.14
C CYS B 200 1.76 -12.87 -37.28
N SER B 201 2.05 -13.65 -38.33
CA SER B 201 1.17 -13.84 -39.49
C SER B 201 0.86 -15.30 -39.63
N MET B 202 -0.38 -15.62 -40.05
CA MET B 202 -0.78 -16.99 -40.33
C MET B 202 -1.63 -17.02 -41.56
N PRO B 203 -1.37 -17.91 -42.53
CA PRO B 203 -2.27 -17.99 -43.71
C PRO B 203 -3.59 -18.66 -43.36
N ILE B 204 -4.72 -18.08 -43.80
CA ILE B 204 -6.00 -18.65 -43.41
C ILE B 204 -6.84 -19.18 -44.60
N GLY B 205 -6.19 -19.39 -45.75
CA GLY B 205 -6.79 -20.04 -46.91
C GLY B 205 -7.90 -19.33 -47.65
N GLN B 206 -8.05 -18.02 -47.46
CA GLN B 206 -9.10 -17.27 -48.15
C GLN B 206 -8.52 -15.97 -48.67
N SER B 207 -8.95 -15.52 -49.84
CA SER B 207 -8.49 -14.22 -50.35
C SER B 207 -9.23 -13.14 -49.59
N LEU B 208 -8.50 -12.32 -48.83
CA LEU B 208 -9.11 -11.36 -47.93
C LEU B 208 -8.91 -9.94 -48.40
N PRO B 209 -9.86 -9.02 -48.08
CA PRO B 209 -9.59 -7.61 -48.36
C PRO B 209 -8.53 -7.07 -47.39
N SER B 210 -7.73 -6.07 -47.81
CA SER B 210 -6.71 -5.48 -46.94
C SER B 210 -7.40 -4.55 -45.95
N HIS B 211 -7.34 -4.90 -44.65
CA HIS B 211 -8.08 -4.19 -43.62
C HIS B 211 -7.30 -4.32 -42.31
N SER B 212 -7.40 -3.31 -41.44
CA SER B 212 -6.73 -3.38 -40.14
C SER B 212 -7.57 -2.70 -39.07
N VAL B 213 -7.71 -3.37 -37.92
CA VAL B 213 -8.43 -2.80 -36.79
C VAL B 213 -7.64 -3.02 -35.51
N ILE B 214 -7.90 -2.19 -34.50
CA ILE B 214 -7.27 -2.29 -33.21
C ILE B 214 -8.28 -2.78 -32.20
N VAL B 215 -7.98 -3.92 -31.59
CA VAL B 215 -8.84 -4.48 -30.54
C VAL B 215 -8.30 -4.03 -29.17
N PRO B 216 -9.14 -3.47 -28.25
CA PRO B 216 -8.62 -3.06 -26.93
C PRO B 216 -8.00 -4.23 -26.19
N ARG B 217 -7.00 -3.95 -25.36
CA ARG B 217 -6.32 -5.04 -24.67
C ARG B 217 -7.22 -5.92 -23.81
N LYS B 218 -8.22 -5.33 -23.12
CA LYS B 218 -9.15 -6.12 -22.33
C LYS B 218 -9.93 -7.11 -23.21
N GLY B 219 -10.30 -6.67 -24.42
CA GLY B 219 -10.97 -7.49 -25.42
C GLY B 219 -10.11 -8.61 -25.96
N VAL B 220 -8.83 -8.30 -26.22
CA VAL B 220 -7.85 -9.31 -26.67
C VAL B 220 -7.75 -10.41 -25.59
N ILE B 221 -7.65 -10.02 -24.32
CA ILE B 221 -7.49 -11.01 -23.24
C ILE B 221 -8.74 -11.91 -23.12
N GLU B 222 -9.91 -11.30 -23.28
CA GLU B 222 -11.21 -11.97 -23.25
C GLU B 222 -11.37 -12.93 -24.43
N LEU B 223 -11.00 -12.48 -25.65
CA LEU B 223 -11.08 -13.36 -26.82
C LEU B 223 -10.15 -14.55 -26.64
N MET B 224 -8.93 -14.31 -26.12
CA MET B 224 -7.93 -15.36 -25.94
C MET B 224 -8.46 -16.42 -24.96
N ARG B 225 -9.08 -15.97 -23.87
CA ARG B 225 -9.64 -16.85 -22.85
C ARG B 225 -10.86 -17.64 -23.32
N MET B 226 -11.50 -17.25 -24.45
CA MET B 226 -12.65 -18.00 -24.92
C MET B 226 -12.24 -19.13 -25.85
N LEU B 227 -10.98 -19.10 -26.34
CA LEU B 227 -10.53 -20.11 -27.29
C LEU B 227 -9.92 -21.31 -26.64
N ASP B 228 -10.40 -22.49 -27.01
CA ASP B 228 -9.90 -23.75 -26.44
C ASP B 228 -9.78 -24.78 -27.56
N ASN B 232 -14.62 -26.94 -33.33
CA ASN B 232 -15.32 -25.76 -33.82
C ASN B 232 -14.43 -24.66 -34.48
N PRO B 233 -14.87 -24.15 -35.65
CA PRO B 233 -14.18 -23.00 -36.25
C PRO B 233 -14.57 -21.67 -35.58
N LEU B 234 -13.74 -20.65 -35.76
CA LEU B 234 -14.00 -19.32 -35.23
C LEU B 234 -14.43 -18.44 -36.36
N ARG B 235 -15.64 -17.88 -36.27
CA ARG B 235 -16.15 -16.97 -37.28
C ARG B 235 -15.93 -15.53 -36.80
N VAL B 236 -15.20 -14.75 -37.57
CA VAL B 236 -14.86 -13.38 -37.19
C VAL B 236 -15.59 -12.43 -38.11
N GLN B 237 -16.23 -11.41 -37.50
CA GLN B 237 -16.86 -10.33 -38.26
C GLN B 237 -16.30 -9.02 -37.76
N ILE B 238 -15.86 -8.18 -38.70
CA ILE B 238 -15.31 -6.86 -38.40
C ILE B 238 -16.19 -5.77 -38.99
N GLY B 239 -16.62 -4.85 -38.15
CA GLY B 239 -17.42 -3.71 -38.56
C GLY B 239 -16.54 -2.47 -38.56
N SER B 240 -17.08 -1.29 -38.82
CA SER B 240 -16.27 -0.07 -38.74
C SER B 240 -15.81 0.22 -37.30
N ASN B 241 -16.62 -0.12 -36.31
CA ASN B 241 -16.32 0.18 -34.90
C ASN B 241 -16.39 -1.01 -33.94
N ASN B 242 -16.55 -2.23 -34.47
CA ASN B 242 -16.70 -3.40 -33.62
C ASN B 242 -16.04 -4.62 -34.23
N ILE B 243 -15.83 -5.64 -33.40
CA ILE B 243 -15.39 -6.94 -33.85
C ILE B 243 -16.25 -7.98 -33.13
N ARG B 244 -16.57 -9.06 -33.82
CA ARG B 244 -17.33 -10.15 -33.25
C ARG B 244 -16.61 -11.48 -33.55
N ALA B 245 -16.53 -12.35 -32.55
CA ALA B 245 -15.96 -13.70 -32.71
C ALA B 245 -16.97 -14.72 -32.19
N HIS B 246 -17.39 -15.63 -33.03
CA HIS B 246 -18.35 -16.66 -32.66
C HIS B 246 -17.65 -17.99 -32.77
N VAL B 247 -17.66 -18.77 -31.68
CA VAL B 247 -17.12 -20.13 -31.63
C VAL B 247 -18.01 -21.00 -30.79
N GLY B 248 -18.48 -22.10 -31.36
CA GLY B 248 -19.37 -23.00 -30.65
C GLY B 248 -20.61 -22.25 -30.21
N ASP B 249 -20.89 -22.29 -28.93
CA ASP B 249 -22.06 -21.64 -28.37
C ASP B 249 -21.72 -20.32 -27.67
N PHE B 250 -20.59 -19.74 -28.00
CA PHE B 250 -20.11 -18.48 -27.41
C PHE B 250 -19.94 -17.41 -28.46
N ILE B 251 -20.39 -16.18 -28.16
CA ILE B 251 -20.24 -15.03 -29.05
C ILE B 251 -19.63 -13.87 -28.27
N PHE B 252 -18.47 -13.42 -28.69
CA PHE B 252 -17.81 -12.30 -28.12
C PHE B 252 -17.84 -11.08 -29.06
N THR B 253 -18.24 -9.90 -28.53
CA THR B 253 -18.24 -8.68 -29.31
C THR B 253 -17.50 -7.58 -28.56
N SER B 254 -16.74 -6.77 -29.26
CA SER B 254 -16.05 -5.67 -28.59
C SER B 254 -16.07 -4.46 -29.50
N LYS B 255 -16.04 -3.29 -28.89
CA LYS B 255 -15.80 -2.04 -29.60
C LYS B 255 -14.33 -2.05 -30.04
N LEU B 256 -14.00 -1.29 -31.09
CA LEU B 256 -12.61 -1.18 -31.54
C LEU B 256 -11.97 0.11 -31.00
N VAL B 257 -10.64 0.18 -31.00
CA VAL B 257 -9.93 1.40 -30.61
C VAL B 257 -9.77 2.29 -31.84
N ASP B 258 -10.26 3.52 -31.76
CA ASP B 258 -10.22 4.43 -32.90
C ASP B 258 -8.94 5.24 -32.84
N GLY B 259 -8.05 5.03 -33.80
CA GLY B 259 -6.77 5.71 -33.92
C GLY B 259 -5.87 5.03 -34.93
N ARG B 260 -4.67 5.60 -35.19
CA ARG B 260 -3.76 5.00 -36.18
C ARG B 260 -2.61 4.21 -35.55
N PHE B 261 -2.54 2.91 -35.88
CA PHE B 261 -1.52 2.00 -35.37
C PHE B 261 -0.21 2.13 -36.14
N PRO B 262 0.96 2.07 -35.47
CA PRO B 262 2.22 2.10 -36.23
C PRO B 262 2.34 1.00 -37.28
N ASP B 263 3.17 1.26 -38.25
CA ASP B 263 3.49 0.31 -39.32
C ASP B 263 4.71 -0.51 -38.92
N TYR B 264 4.51 -1.81 -38.62
CA TYR B 264 5.60 -2.70 -38.23
C TYR B 264 6.65 -2.83 -39.31
N ARG B 265 6.26 -2.70 -40.59
CA ARG B 265 7.19 -2.82 -41.72
C ARG B 265 8.26 -1.75 -41.65
N ARG B 266 7.93 -0.59 -41.05
CA ARG B 266 8.87 0.54 -40.89
C ARG B 266 9.81 0.32 -39.70
N VAL B 267 9.38 -0.52 -38.76
CA VAL B 267 10.10 -0.80 -37.52
C VAL B 267 11.16 -1.90 -37.70
N LEU B 268 10.92 -2.85 -38.62
CA LEU B 268 11.86 -3.96 -38.85
C LEU B 268 13.22 -3.43 -39.26
N PRO B 269 14.30 -3.95 -38.66
CA PRO B 269 15.65 -3.49 -39.06
C PRO B 269 15.87 -3.59 -40.57
N LYS B 270 16.37 -2.48 -41.16
CA LYS B 270 16.46 -2.35 -42.61
C LYS B 270 17.55 -3.23 -43.20
N ASN B 271 18.80 -3.02 -42.82
CA ASN B 271 19.88 -3.82 -43.41
C ASN B 271 20.85 -4.36 -42.33
N PRO B 272 20.40 -5.35 -41.54
CA PRO B 272 21.21 -5.79 -40.40
C PRO B 272 22.51 -6.43 -40.85
N ASP B 273 23.64 -5.87 -40.43
CA ASP B 273 24.94 -6.43 -40.82
C ASP B 273 25.51 -7.43 -39.79
N LYS B 274 24.74 -7.71 -38.72
CA LYS B 274 25.20 -8.61 -37.68
C LYS B 274 24.15 -9.67 -37.40
N HIS B 275 24.56 -10.93 -37.35
CA HIS B 275 23.67 -12.08 -37.16
C HIS B 275 24.21 -12.97 -36.07
N LEU B 276 23.38 -13.23 -35.05
CA LEU B 276 23.74 -14.09 -33.94
C LEU B 276 22.74 -15.24 -33.88
N GLU B 277 23.24 -16.47 -33.66
CA GLU B 277 22.35 -17.60 -33.39
C GLU B 277 22.79 -18.26 -32.08
N ALA B 278 21.82 -18.71 -31.26
CA ALA B 278 22.13 -19.40 -29.99
C ALA B 278 20.95 -20.22 -29.52
N GLY B 279 21.23 -21.20 -28.65
CA GLY B 279 20.18 -22.01 -28.03
C GLY B 279 19.24 -21.15 -27.21
N CYS B 280 17.92 -21.33 -27.42
CA CYS B 280 16.89 -20.54 -26.74
C CYS B 280 16.94 -20.65 -25.21
N ASP B 281 16.99 -21.87 -24.67
CA ASP B 281 16.97 -22.05 -23.22
C ASP B 281 18.23 -21.57 -22.55
N LEU B 282 19.38 -21.83 -23.16
CA LEU B 282 20.67 -21.41 -22.64
C LEU B 282 20.75 -19.90 -22.60
N LEU B 283 20.22 -19.23 -23.64
CA LEU B 283 20.16 -17.77 -23.70
C LEU B 283 19.24 -17.22 -22.59
N LYS B 284 18.09 -17.85 -22.43
CA LYS B 284 17.06 -17.39 -21.51
C LYS B 284 17.53 -17.55 -20.03
N GLN B 285 18.17 -18.69 -19.69
CA GLN B 285 18.66 -18.92 -18.33
C GLN B 285 19.82 -17.97 -18.02
N ALA B 286 20.67 -17.64 -19.02
CA ALA B 286 21.78 -16.72 -18.79
C ALA B 286 21.23 -15.31 -18.51
N PHE B 287 20.27 -14.85 -19.32
CA PHE B 287 19.62 -13.56 -19.10
C PHE B 287 18.86 -13.54 -17.78
N ALA B 288 18.19 -14.64 -17.42
CA ALA B 288 17.45 -14.71 -16.14
C ALA B 288 18.39 -14.59 -14.93
N ARG B 289 19.58 -15.20 -14.99
CA ARG B 289 20.50 -15.07 -13.84
C ARG B 289 21.10 -13.70 -13.79
N ALA B 290 21.45 -13.13 -14.97
CA ALA B 290 22.08 -11.81 -15.00
C ALA B 290 21.11 -10.75 -14.51
N ALA B 291 19.80 -10.93 -14.78
CA ALA B 291 18.73 -10.01 -14.38
C ALA B 291 18.73 -9.81 -12.88
N ILE B 292 19.07 -10.84 -12.11
CA ILE B 292 19.07 -10.77 -10.63
C ILE B 292 19.88 -9.58 -10.13
N LEU B 293 21.02 -9.31 -10.78
CA LEU B 293 21.91 -8.22 -10.39
C LEU B 293 21.77 -6.95 -11.27
N SER B 294 20.69 -6.85 -12.05
CA SER B 294 20.36 -5.65 -12.84
C SER B 294 19.62 -4.63 -11.96
N ASN B 295 19.69 -3.36 -12.34
CA ASN B 295 18.94 -2.30 -11.65
C ASN B 295 17.42 -2.67 -11.62
N GLU B 296 16.82 -2.68 -10.41
CA GLU B 296 15.42 -3.10 -10.21
C GLU B 296 14.42 -2.25 -10.99
N LYS B 297 14.79 -1.00 -11.24
CA LYS B 297 13.93 -0.09 -11.99
C LYS B 297 14.18 -0.16 -13.49
N PHE B 298 15.43 0.01 -13.90
CA PHE B 298 15.78 0.16 -15.31
C PHE B 298 16.08 -1.16 -16.02
N ARG B 299 16.44 -2.21 -15.26
CA ARG B 299 16.60 -3.61 -15.75
C ARG B 299 17.63 -3.77 -16.89
N GLY B 300 18.59 -2.87 -16.95
CA GLY B 300 19.53 -2.86 -18.05
C GLY B 300 20.59 -3.94 -17.94
N VAL B 301 20.78 -4.69 -19.04
CA VAL B 301 21.89 -5.65 -19.18
C VAL B 301 22.73 -5.21 -20.39
N ARG B 302 24.02 -5.56 -20.38
CA ARG B 302 25.00 -5.21 -21.40
C ARG B 302 25.36 -6.51 -22.21
N LEU B 303 25.22 -6.48 -23.54
CA LEU B 303 25.58 -7.61 -24.38
C LEU B 303 26.83 -7.27 -25.10
N TYR B 304 27.86 -8.10 -24.97
CA TYR B 304 29.11 -7.90 -25.69
C TYR B 304 29.29 -9.12 -26.57
N VAL B 305 29.28 -8.92 -27.88
CA VAL B 305 29.36 -10.03 -28.79
CA VAL B 305 29.36 -10.04 -28.80
C VAL B 305 30.57 -9.92 -29.72
N SER B 306 31.45 -10.93 -29.70
CA SER B 306 32.65 -11.07 -30.52
C SER B 306 33.17 -12.50 -30.40
N GLU B 307 33.84 -12.96 -31.47
CA GLU B 307 34.60 -14.22 -31.52
C GLU B 307 33.76 -15.38 -31.09
N ASN B 308 32.51 -15.36 -31.56
CA ASN B 308 31.53 -16.40 -31.27
C ASN B 308 31.24 -16.57 -29.79
N GLN B 309 31.40 -15.47 -29.03
CA GLN B 309 31.07 -15.49 -27.61
C GLN B 309 30.18 -14.31 -27.22
N LEU B 310 29.04 -14.60 -26.58
CA LEU B 310 28.20 -13.53 -26.07
C LEU B 310 28.46 -13.41 -24.57
N LYS B 311 28.85 -12.20 -24.14
CA LYS B 311 29.04 -11.90 -22.73
C LYS B 311 27.91 -10.97 -22.30
N ILE B 312 27.14 -11.39 -21.28
CA ILE B 312 26.03 -10.62 -20.72
C ILE B 312 26.48 -10.14 -19.35
N THR B 313 26.46 -8.83 -19.11
CA THR B 313 26.80 -8.31 -17.81
C THR B 313 25.65 -7.45 -17.29
N ALA B 314 25.47 -7.48 -15.97
CA ALA B 314 24.44 -6.68 -15.30
C ALA B 314 25.04 -6.13 -14.04
N ASN B 315 24.82 -4.84 -13.77
CA ASN B 315 25.30 -4.14 -12.57
C ASN B 315 24.11 -3.41 -11.94
N ASN B 316 24.19 -3.16 -10.65
CA ASN B 316 23.13 -2.47 -9.95
C ASN B 316 23.69 -1.31 -9.08
N PRO B 317 22.83 -0.50 -8.40
CA PRO B 317 23.36 0.59 -7.56
C PRO B 317 24.21 0.13 -6.36
N GLU B 318 24.07 -1.11 -5.91
CA GLU B 318 24.92 -1.66 -4.85
C GLU B 318 26.31 -2.07 -5.38
N GLN B 319 26.60 -1.80 -6.66
CA GLN B 319 27.86 -2.14 -7.32
C GLN B 319 28.10 -3.65 -7.43
N GLU B 320 27.01 -4.39 -7.47
CA GLU B 320 27.07 -5.83 -7.64
C GLU B 320 27.12 -6.12 -9.12
N GLU B 321 27.62 -7.29 -9.52
CA GLU B 321 27.76 -7.58 -10.94
C GLU B 321 27.55 -9.04 -11.26
N ALA B 322 26.81 -9.31 -12.33
CA ALA B 322 26.63 -10.66 -12.84
C ALA B 322 27.29 -10.70 -14.20
N GLU B 323 27.94 -11.83 -14.53
CA GLU B 323 28.51 -12.00 -15.85
C GLU B 323 28.25 -13.42 -16.35
N GLU B 324 27.68 -13.55 -17.54
CA GLU B 324 27.43 -14.83 -18.20
C GLU B 324 28.18 -14.84 -19.52
N ILE B 325 28.94 -15.90 -19.81
CA ILE B 325 29.54 -16.08 -21.12
C ILE B 325 28.96 -17.32 -21.78
N LEU B 326 28.55 -17.20 -23.06
CA LEU B 326 27.90 -18.27 -23.83
C LEU B 326 28.57 -18.40 -25.18
N ASP B 327 28.60 -19.62 -25.71
CA ASP B 327 29.04 -19.91 -27.04
C ASP B 327 27.88 -19.58 -27.96
N VAL B 328 28.14 -18.82 -29.03
CA VAL B 328 27.08 -18.46 -29.98
C VAL B 328 27.68 -18.54 -31.36
N THR B 329 26.84 -18.48 -32.39
CA THR B 329 27.31 -18.39 -33.77
C THR B 329 27.12 -16.96 -34.15
N TYR B 330 28.20 -16.25 -34.50
CA TYR B 330 28.11 -14.83 -34.74
C TYR B 330 28.91 -14.35 -35.97
N SER B 331 28.26 -13.54 -36.83
CA SER B 331 28.91 -12.86 -37.93
C SER B 331 28.64 -11.36 -37.82
N GLY B 332 29.70 -10.58 -38.03
CA GLY B 332 29.66 -9.14 -37.85
C GLY B 332 30.75 -8.66 -36.94
N ALA B 333 31.00 -7.34 -36.95
CA ALA B 333 31.99 -6.69 -36.11
C ALA B 333 31.68 -6.90 -34.61
N GLU B 334 32.69 -6.85 -33.75
CA GLU B 334 32.43 -6.86 -32.30
C GLU B 334 31.53 -5.64 -31.96
N MET B 335 30.63 -5.80 -30.97
CA MET B 335 29.70 -4.73 -30.56
C MET B 335 29.19 -4.93 -29.13
N GLU B 336 28.89 -3.81 -28.44
CA GLU B 336 28.28 -3.74 -27.12
C GLU B 336 26.93 -3.05 -27.31
N ILE B 337 25.85 -3.62 -26.76
CA ILE B 337 24.50 -3.08 -26.90
C ILE B 337 23.74 -3.36 -25.61
N GLY B 338 22.90 -2.41 -25.21
CA GLY B 338 22.18 -2.56 -23.96
C GLY B 338 20.72 -2.87 -24.19
N PHE B 339 20.12 -3.63 -23.28
CA PHE B 339 18.69 -3.94 -23.37
C PHE B 339 18.09 -3.99 -22.01
N ASN B 340 16.78 -3.74 -21.96
CA ASN B 340 15.94 -4.00 -20.79
C ASN B 340 15.80 -5.52 -20.80
N VAL B 341 16.34 -6.19 -19.81
CA VAL B 341 16.39 -7.66 -19.74
C VAL B 341 14.99 -8.28 -19.72
N SER B 342 14.00 -7.58 -19.18
CA SER B 342 12.61 -8.08 -19.17
C SER B 342 12.04 -8.22 -20.57
N TYR B 343 12.37 -7.29 -21.48
CA TYR B 343 11.91 -7.33 -22.85
C TYR B 343 12.53 -8.53 -23.56
N VAL B 344 13.82 -8.81 -23.30
CA VAL B 344 14.49 -9.93 -23.94
C VAL B 344 13.90 -11.24 -23.40
N LEU B 345 13.72 -11.35 -22.08
CA LEU B 345 13.17 -12.55 -21.46
C LEU B 345 11.75 -12.78 -21.94
N ASP B 346 10.92 -11.70 -22.09
CA ASP B 346 9.56 -11.85 -22.66
C ASP B 346 9.61 -12.49 -24.03
N VAL B 347 10.51 -12.03 -24.88
CA VAL B 347 10.67 -12.60 -26.23
C VAL B 347 11.08 -14.09 -26.15
N LEU B 348 12.10 -14.42 -25.34
CA LEU B 348 12.61 -15.79 -25.24
C LEU B 348 11.57 -16.71 -24.67
N ASN B 349 10.79 -16.22 -23.69
CA ASN B 349 9.68 -16.98 -23.13
C ASN B 349 8.59 -17.28 -24.15
N ALA B 350 8.30 -16.31 -25.05
CA ALA B 350 7.26 -16.48 -26.07
C ALA B 350 7.71 -17.44 -27.16
N LEU B 351 9.02 -17.45 -27.49
CA LEU B 351 9.57 -18.36 -28.49
C LEU B 351 9.79 -19.70 -27.82
N LYS B 352 8.94 -20.66 -28.05
CA LYS B 352 9.21 -21.89 -27.30
C LYS B 352 9.96 -22.84 -28.21
N CYS B 353 11.19 -22.44 -28.57
CA CYS B 353 11.93 -23.14 -29.62
C CYS B 353 13.31 -23.60 -29.20
N GLU B 354 14.04 -24.24 -30.13
CA GLU B 354 15.37 -24.76 -29.91
C GLU B 354 16.42 -23.66 -30.03
N ASN B 355 16.45 -22.98 -31.18
CA ASN B 355 17.44 -21.94 -31.44
C ASN B 355 16.77 -20.63 -31.82
N VAL B 356 17.42 -19.52 -31.46
CA VAL B 356 16.94 -18.20 -31.80
CA VAL B 356 16.96 -18.17 -31.73
C VAL B 356 17.98 -17.50 -32.65
N ARG B 357 17.51 -16.66 -33.54
CA ARG B 357 18.34 -15.84 -34.40
C ARG B 357 18.06 -14.37 -34.04
N MET B 358 19.12 -13.58 -33.90
CA MET B 358 19.05 -12.15 -33.63
C MET B 358 19.77 -11.42 -34.78
N MET B 359 19.15 -10.38 -35.31
CA MET B 359 19.72 -9.56 -36.38
C MET B 359 19.93 -8.13 -35.87
N LEU B 360 21.18 -7.65 -35.90
CA LEU B 360 21.54 -6.36 -35.33
C LEU B 360 22.20 -5.45 -36.35
N THR B 361 22.31 -4.15 -36.03
CA THR B 361 23.02 -3.18 -36.87
C THR B 361 24.05 -2.48 -36.00
N ASP B 362 23.62 -1.75 -34.97
CA ASP B 362 24.54 -1.06 -34.05
C ASP B 362 23.90 -0.88 -32.67
N SER B 363 24.61 -0.19 -31.76
CA SER B 363 24.26 -0.06 -30.34
C SER B 363 23.02 0.82 -30.13
N VAL B 364 22.63 1.59 -31.14
CA VAL B 364 21.50 2.52 -31.04
C VAL B 364 20.33 2.10 -31.92
N SER B 365 20.42 0.94 -32.54
CA SER B 365 19.35 0.51 -33.42
C SER B 365 18.66 -0.73 -32.92
N SER B 366 17.41 -0.92 -33.34
CA SER B 366 16.59 -2.04 -32.91
C SER B 366 17.23 -3.36 -33.34
N VAL B 367 16.87 -4.44 -32.65
CA VAL B 367 17.31 -5.78 -32.95
C VAL B 367 16.10 -6.62 -33.23
N GLN B 368 16.18 -7.45 -34.25
CA GLN B 368 15.08 -8.34 -34.59
C GLN B 368 15.42 -9.72 -34.08
N ILE B 369 14.46 -10.34 -33.38
CA ILE B 369 14.64 -11.65 -32.78
C ILE B 369 13.58 -12.59 -33.30
N GLU B 370 13.98 -13.79 -33.64
CA GLU B 370 13.02 -14.79 -34.10
C GLU B 370 13.52 -16.20 -33.85
N ASP B 371 12.64 -17.17 -33.94
CA ASP B 371 12.97 -18.60 -33.93
C ASP B 371 13.85 -18.82 -35.14
N ALA B 372 15.00 -19.46 -34.97
CA ALA B 372 15.92 -19.68 -36.08
C ALA B 372 15.28 -20.50 -37.20
N ALA B 373 14.24 -21.28 -36.89
CA ALA B 373 13.57 -22.21 -37.80
C ALA B 373 12.21 -21.74 -38.34
N SER B 374 11.70 -20.60 -37.90
CA SER B 374 10.36 -20.16 -38.32
C SER B 374 10.33 -18.65 -38.43
N GLN B 375 9.75 -18.14 -39.51
CA GLN B 375 9.66 -16.70 -39.73
C GLN B 375 8.22 -16.23 -39.52
N SER B 376 7.35 -17.08 -38.96
CA SER B 376 5.94 -16.72 -38.76
C SER B 376 5.75 -15.59 -37.77
N ALA B 377 6.61 -15.54 -36.73
CA ALA B 377 6.64 -14.49 -35.73
C ALA B 377 7.98 -13.76 -35.73
N ALA B 378 7.95 -12.46 -35.51
CA ALA B 378 9.17 -11.66 -35.42
C ALA B 378 9.03 -10.69 -34.26
N TYR B 379 10.15 -10.41 -33.58
CA TYR B 379 10.12 -9.51 -32.43
C TYR B 379 11.19 -8.45 -32.59
N VAL B 380 10.82 -7.20 -32.36
CA VAL B 380 11.75 -6.10 -32.50
C VAL B 380 11.88 -5.42 -31.13
N VAL B 381 13.12 -5.35 -30.62
CA VAL B 381 13.38 -4.73 -29.34
C VAL B 381 14.34 -3.55 -29.52
N MET B 382 13.94 -2.39 -29.04
CA MET B 382 14.80 -1.24 -29.13
C MET B 382 15.78 -1.26 -27.96
N PRO B 383 17.07 -0.94 -28.20
CA PRO B 383 18.04 -0.96 -27.09
C PRO B 383 17.88 0.21 -26.12
N MET B 384 18.65 0.17 -25.01
CA MET B 384 18.80 1.26 -24.09
C MET B 384 20.27 1.69 -24.19
N ARG B 385 20.53 2.93 -23.78
CA ARG B 385 21.91 3.36 -23.53
C ARG B 385 22.25 2.83 -22.15
N LEU B 386 23.51 2.49 -21.91
CA LEU B 386 24.00 1.91 -20.64
C LEU B 386 24.75 2.95 -19.78
N SER C 19 -36.82 15.98 -12.69
CA SER C 19 -36.17 15.58 -13.95
C SER C 19 -35.00 16.48 -14.35
N HIS C 20 -35.11 17.79 -14.12
CA HIS C 20 -34.14 18.73 -14.69
C HIS C 20 -33.59 19.66 -13.62
N MET C 21 -32.90 19.07 -12.59
CA MET C 21 -32.28 19.78 -11.47
C MET C 21 -31.47 20.98 -11.94
N LYS C 22 -31.63 22.11 -11.25
CA LYS C 22 -30.88 23.33 -11.56
C LYS C 22 -30.82 24.18 -10.32
N PHE C 23 -29.67 24.80 -10.06
CA PHE C 23 -29.54 25.81 -9.02
C PHE C 23 -28.38 26.76 -9.36
N THR C 24 -28.39 27.99 -8.78
CA THR C 24 -27.25 28.92 -8.87
C THR C 24 -26.98 29.41 -7.48
N VAL C 25 -25.76 29.20 -6.99
CA VAL C 25 -25.43 29.61 -5.62
C VAL C 25 -24.05 30.29 -5.64
N GLU C 26 -23.85 31.24 -4.74
CA GLU C 26 -22.58 31.90 -4.63
C GLU C 26 -21.51 30.95 -4.12
N ARG C 27 -20.29 31.05 -4.65
CA ARG C 27 -19.18 30.16 -4.29
C ARG C 27 -19.02 30.05 -2.76
N GLU C 28 -19.14 31.16 -2.05
CA GLU C 28 -18.91 31.16 -0.61
C GLU C 28 -20.03 30.51 0.19
N HIS C 29 -21.23 30.37 -0.37
CA HIS C 29 -22.29 29.64 0.30
C HIS C 29 -22.17 28.13 0.08
N LEU C 30 -21.35 27.70 -0.88
CA LEU C 30 -21.15 26.29 -1.17
C LEU C 30 -19.95 25.64 -0.50
N LEU C 31 -18.85 26.39 -0.30
CA LEU C 31 -17.58 25.84 0.12
C LEU C 31 -17.58 25.08 1.46
N LYS C 32 -18.01 25.73 2.54
CA LYS C 32 -18.08 25.05 3.84
C LYS C 32 -19.03 23.86 3.77
N PRO C 33 -20.25 23.98 3.20
CA PRO C 33 -21.09 22.79 3.01
C PRO C 33 -20.37 21.64 2.31
N LEU C 34 -19.67 21.91 1.20
CA LEU C 34 -18.93 20.90 0.45
C LEU C 34 -17.83 20.23 1.25
N GLN C 35 -17.08 21.03 2.03
CA GLN C 35 -16.01 20.55 2.91
C GLN C 35 -16.57 19.59 3.94
N GLN C 36 -17.66 19.98 4.57
CA GLN C 36 -18.31 19.19 5.60
C GLN C 36 -18.88 17.84 5.12
N VAL C 37 -19.58 17.83 3.97
CA VAL C 37 -20.14 16.58 3.44
C VAL C 37 -19.07 15.74 2.76
N SER C 38 -17.86 16.28 2.57
CA SER C 38 -16.77 15.46 2.04
C SER C 38 -16.07 14.58 3.14
N GLY C 39 -16.46 14.77 4.40
CA GLY C 39 -15.92 14.09 5.57
C GLY C 39 -15.95 12.56 5.57
N PRO C 40 -17.15 11.92 5.50
CA PRO C 40 -17.23 10.45 5.50
C PRO C 40 -16.47 9.74 4.37
N LEU C 41 -16.04 10.52 3.38
CA LEU C 41 -15.42 9.97 2.17
C LEU C 41 -13.95 9.64 2.34
N GLY C 42 -13.63 8.37 2.14
CA GLY C 42 -12.25 7.89 2.16
C GLY C 42 -11.73 7.69 0.76
N GLY C 43 -10.41 7.59 0.64
CA GLY C 43 -9.76 7.30 -0.63
C GLY C 43 -10.03 5.87 -1.05
N ARG C 44 -10.16 5.64 -2.37
CA ARG C 44 -10.50 4.33 -2.93
C ARG C 44 -11.80 3.78 -2.32
N PRO C 45 -12.96 4.35 -2.69
CA PRO C 45 -14.23 3.81 -2.17
C PRO C 45 -14.48 2.41 -2.71
N THR C 46 -15.10 1.56 -1.90
CA THR C 46 -15.38 0.19 -2.28
C THR C 46 -16.32 0.14 -3.51
N LEU C 47 -17.38 0.96 -3.46
CA LEU C 47 -18.39 1.14 -4.51
C LEU C 47 -18.21 2.56 -5.09
N PRO C 48 -18.10 2.72 -6.43
CA PRO C 48 -17.79 4.04 -7.00
C PRO C 48 -18.71 5.18 -6.54
N ILE C 49 -19.99 4.87 -6.31
CA ILE C 49 -20.91 5.92 -5.88
C ILE C 49 -20.60 6.49 -4.50
N LEU C 50 -19.85 5.76 -3.68
CA LEU C 50 -19.45 6.25 -2.37
C LEU C 50 -18.41 7.36 -2.47
N GLY C 51 -17.76 7.56 -3.63
CA GLY C 51 -16.89 8.70 -3.90
C GLY C 51 -17.66 9.90 -4.42
N ASN C 52 -19.00 9.78 -4.56
CA ASN C 52 -19.86 10.85 -5.05
C ASN C 52 -20.63 11.55 -3.93
N LEU C 53 -21.12 12.77 -4.21
CA LEU C 53 -22.01 13.50 -3.33
C LEU C 53 -23.40 13.44 -3.94
N LEU C 54 -24.42 13.25 -3.11
CA LEU C 54 -25.79 13.33 -3.57
C LEU C 54 -26.21 14.81 -3.53
N LEU C 55 -26.65 15.36 -4.67
CA LEU C 55 -27.17 16.73 -4.73
C LEU C 55 -28.66 16.66 -4.94
N GLN C 56 -29.45 17.36 -4.10
CA GLN C 56 -30.89 17.34 -4.25
C GLN C 56 -31.45 18.74 -4.15
N VAL C 57 -32.30 19.15 -5.11
CA VAL C 57 -33.00 20.44 -5.00
C VAL C 57 -34.45 20.10 -4.74
N ALA C 58 -35.00 20.59 -3.61
CA ALA C 58 -36.41 20.41 -3.28
C ALA C 58 -36.87 21.65 -2.50
N ASP C 59 -38.06 22.22 -2.81
CA ASP C 59 -38.66 23.33 -2.05
C ASP C 59 -37.73 24.46 -1.57
N GLY C 60 -36.99 25.10 -2.47
CA GLY C 60 -36.11 26.21 -2.04
C GLY C 60 -34.84 25.83 -1.27
N THR C 61 -34.54 24.52 -1.17
CA THR C 61 -33.34 24.05 -0.48
C THR C 61 -32.48 23.17 -1.37
N LEU C 62 -31.15 23.35 -1.31
CA LEU C 62 -30.23 22.41 -1.90
C LEU C 62 -29.67 21.55 -0.78
N SER C 63 -29.79 20.24 -0.90
CA SER C 63 -29.15 19.30 0.03
C SER C 63 -27.95 18.60 -0.62
N LEU C 64 -26.81 18.54 0.13
CA LEU C 64 -25.57 17.87 -0.24
CA LEU C 64 -25.56 17.88 -0.24
C LEU C 64 -25.33 16.76 0.76
N THR C 65 -25.12 15.52 0.28
CA THR C 65 -24.90 14.40 1.18
C THR C 65 -23.70 13.58 0.75
N GLY C 66 -22.84 13.27 1.73
CA GLY C 66 -21.72 12.36 1.56
C GLY C 66 -21.93 11.18 2.50
N THR C 67 -21.49 9.97 2.12
CA THR C 67 -21.69 8.76 2.95
C THR C 67 -20.60 7.70 2.73
N ASP C 68 -20.44 6.81 3.68
CA ASP C 68 -19.59 5.63 3.53
C ASP C 68 -20.39 4.33 3.84
N LEU C 69 -21.74 4.42 3.84
CA LEU C 69 -22.64 3.29 4.11
C LEU C 69 -22.91 3.08 5.60
N GLU C 70 -22.03 3.58 6.45
CA GLU C 70 -22.21 3.45 7.88
C GLU C 70 -22.73 4.78 8.46
N MET C 71 -22.17 5.88 7.99
CA MET C 71 -22.58 7.21 8.41
C MET C 71 -22.79 8.12 7.19
N GLU C 72 -23.46 9.25 7.41
CA GLU C 72 -23.63 10.26 6.38
C GLU C 72 -23.56 11.66 6.96
N MET C 73 -23.11 12.60 6.13
CA MET C 73 -23.03 14.00 6.50
C MET C 73 -23.86 14.78 5.50
N VAL C 74 -24.79 15.58 6.00
CA VAL C 74 -25.74 16.32 5.15
C VAL C 74 -25.57 17.83 5.38
N ALA C 75 -25.60 18.60 4.32
CA ALA C 75 -25.58 20.07 4.43
C ALA C 75 -26.74 20.63 3.66
N ARG C 76 -27.39 21.64 4.23
CA ARG C 76 -28.57 22.27 3.61
C ARG C 76 -28.30 23.72 3.27
N VAL C 77 -28.55 24.12 2.03
CA VAL C 77 -28.26 25.47 1.55
C VAL C 77 -29.56 26.08 1.05
N ALA C 78 -29.92 27.28 1.54
CA ALA C 78 -31.12 27.98 1.06
C ALA C 78 -30.89 28.54 -0.35
N LEU C 79 -31.87 28.33 -1.24
CA LEU C 79 -31.77 28.78 -2.64
C LEU C 79 -32.62 30.01 -2.85
N VAL C 80 -31.96 31.17 -3.00
CA VAL C 80 -32.62 32.45 -3.22
C VAL C 80 -32.70 32.81 -4.71
N GLN C 81 -31.87 32.16 -5.53
CA GLN C 81 -31.85 32.38 -6.97
C GLN C 81 -32.73 31.34 -7.67
N PRO C 82 -33.10 31.53 -8.96
CA PRO C 82 -33.96 30.54 -9.62
C PRO C 82 -33.41 29.13 -9.56
N HIS C 83 -34.29 28.13 -9.33
CA HIS C 83 -33.84 26.76 -9.25
C HIS C 83 -34.96 25.83 -9.73
N GLU C 84 -34.60 24.58 -10.02
CA GLU C 84 -35.55 23.55 -10.47
C GLU C 84 -35.23 22.26 -9.74
N PRO C 85 -36.26 21.54 -9.29
CA PRO C 85 -36.05 20.37 -8.44
C PRO C 85 -35.46 19.20 -9.21
N GLY C 86 -34.89 18.28 -8.47
CA GLY C 86 -34.26 17.07 -8.99
C GLY C 86 -33.09 16.64 -8.15
N ALA C 87 -32.48 15.52 -8.49
CA ALA C 87 -31.36 14.99 -7.75
C ALA C 87 -30.42 14.26 -8.67
N THR C 88 -29.14 14.21 -8.30
CA THR C 88 -28.13 13.44 -9.01
C THR C 88 -26.95 13.25 -8.08
N THR C 89 -25.93 12.48 -8.51
CA THR C 89 -24.70 12.37 -7.73
C THR C 89 -23.52 12.68 -8.62
N VAL C 90 -22.52 13.38 -8.07
CA VAL C 90 -21.31 13.76 -8.79
C VAL C 90 -20.06 13.42 -7.99
N PRO C 91 -18.89 13.29 -8.64
CA PRO C 91 -17.64 13.05 -7.87
C PRO C 91 -17.37 14.19 -6.91
N ALA C 92 -17.29 13.87 -5.59
CA ALA C 92 -17.13 14.82 -4.50
C ALA C 92 -15.90 15.70 -4.60
N ARG C 93 -14.73 15.07 -4.66
CA ARG C 93 -13.46 15.79 -4.66
C ARG C 93 -13.35 16.70 -5.89
N LYS C 94 -13.73 16.20 -7.08
CA LYS C 94 -13.69 17.03 -8.31
C LYS C 94 -14.63 18.23 -8.17
N PHE C 95 -15.89 18.01 -7.77
CA PHE C 95 -16.83 19.13 -7.60
C PHE C 95 -16.33 20.15 -6.56
N PHE C 96 -15.82 19.69 -5.41
CA PHE C 96 -15.26 20.62 -4.41
C PHE C 96 -14.10 21.44 -4.99
N ASP C 97 -13.16 20.76 -5.65
CA ASP C 97 -11.96 21.39 -6.20
C ASP C 97 -12.33 22.41 -7.28
N ILE C 98 -13.38 22.11 -8.06
CA ILE C 98 -13.82 23.08 -9.07
C ILE C 98 -14.35 24.34 -8.36
N CYS C 99 -15.26 24.17 -7.38
CA CYS C 99 -15.83 25.32 -6.68
C CYS C 99 -14.77 26.11 -5.95
N ARG C 100 -13.82 25.42 -5.32
CA ARG C 100 -12.76 26.07 -4.58
C ARG C 100 -11.83 26.83 -5.55
N GLY C 101 -11.62 26.27 -6.74
CA GLY C 101 -10.71 26.86 -7.74
C GLY C 101 -11.26 28.09 -8.44
N LEU C 102 -12.57 28.29 -8.34
CA LEU C 102 -13.23 29.45 -8.95
C LEU C 102 -12.94 30.72 -8.15
N PRO C 103 -12.91 31.93 -8.78
CA PRO C 103 -12.55 33.14 -8.02
C PRO C 103 -13.51 33.46 -6.88
N GLU C 104 -12.98 34.16 -5.88
CA GLU C 104 -13.76 34.62 -4.75
C GLU C 104 -14.98 35.40 -5.29
N GLY C 105 -16.14 35.08 -4.75
CA GLY C 105 -17.37 35.75 -5.14
C GLY C 105 -18.11 35.15 -6.31
N ALA C 106 -17.52 34.13 -7.00
CA ALA C 106 -18.12 33.58 -8.20
C ALA C 106 -19.54 33.06 -7.96
N GLU C 107 -20.41 33.23 -8.94
CA GLU C 107 -21.74 32.64 -8.91
C GLU C 107 -21.61 31.30 -9.63
N ILE C 108 -21.99 30.22 -8.97
CA ILE C 108 -21.85 28.87 -9.53
C ILE C 108 -23.20 28.36 -10.01
N ALA C 109 -23.33 28.22 -11.35
CA ALA C 109 -24.56 27.77 -11.98
C ALA C 109 -24.44 26.28 -12.32
N VAL C 110 -25.33 25.45 -11.78
CA VAL C 110 -25.29 24.00 -11.95
C VAL C 110 -26.59 23.52 -12.61
N GLN C 111 -26.49 22.56 -13.52
CA GLN C 111 -27.68 21.94 -14.11
C GLN C 111 -27.39 20.57 -14.69
N LEU C 112 -28.33 19.66 -14.51
CA LEU C 112 -28.21 18.34 -15.10
C LEU C 112 -28.45 18.52 -16.57
N GLU C 113 -27.63 17.87 -17.40
CA GLU C 113 -27.83 17.85 -18.86
C GLU C 113 -27.65 16.39 -19.25
N GLY C 114 -28.74 15.68 -19.46
CA GLY C 114 -28.69 14.23 -19.67
C GLY C 114 -28.04 13.49 -18.51
N GLU C 115 -26.92 12.76 -18.78
CA GLU C 115 -26.17 12.01 -17.80
C GLU C 115 -24.92 12.75 -17.29
N ARG C 116 -24.86 14.05 -17.58
CA ARG C 116 -23.75 14.89 -17.12
C ARG C 116 -24.29 15.99 -16.21
N MET C 117 -23.48 16.43 -15.27
CA MET C 117 -23.83 17.61 -14.51
C MET C 117 -22.92 18.76 -14.93
N LEU C 118 -23.52 19.90 -15.29
CA LEU C 118 -22.79 21.05 -15.75
C LEU C 118 -22.59 22.03 -14.65
N VAL C 119 -21.39 22.59 -14.59
CA VAL C 119 -21.01 23.61 -13.60
C VAL C 119 -20.45 24.75 -14.39
N ARG C 120 -21.01 25.96 -14.22
CA ARG C 120 -20.61 27.11 -15.05
C ARG C 120 -20.43 28.34 -14.17
N SER C 121 -19.41 29.11 -14.46
CA SER C 121 -19.18 30.38 -13.81
C SER C 121 -18.29 31.17 -14.78
N GLY C 122 -18.75 32.36 -15.17
CA GLY C 122 -18.05 33.19 -16.14
C GLY C 122 -17.91 32.43 -17.44
N ARG C 123 -16.67 32.25 -17.91
CA ARG C 123 -16.43 31.43 -19.10
C ARG C 123 -15.65 30.15 -18.73
N SER C 124 -15.93 29.62 -17.53
CA SER C 124 -15.39 28.35 -17.06
C SER C 124 -16.54 27.35 -17.10
N ARG C 125 -16.34 26.20 -17.74
CA ARG C 125 -17.42 25.21 -17.89
C ARG C 125 -16.87 23.82 -17.53
N PHE C 126 -17.64 23.07 -16.75
CA PHE C 126 -17.22 21.74 -16.27
C PHE C 126 -18.35 20.80 -16.44
N SER C 127 -18.11 19.70 -17.16
CA SER C 127 -19.10 18.67 -17.37
C SER C 127 -18.65 17.42 -16.57
N LEU C 128 -19.38 17.10 -15.50
CA LEU C 128 -19.08 15.98 -14.61
C LEU C 128 -19.93 14.74 -14.92
N SER C 129 -19.35 13.57 -14.75
CA SER C 129 -20.11 12.34 -14.96
C SER C 129 -20.94 12.14 -13.71
N THR C 130 -22.08 11.49 -13.84
CA THR C 130 -22.94 11.31 -12.68
C THR C 130 -23.20 9.82 -12.46
N LEU C 131 -23.75 9.47 -11.29
CA LEU C 131 -24.32 8.14 -11.02
C LEU C 131 -25.75 8.40 -10.50
N PRO C 132 -26.70 7.49 -10.72
CA PRO C 132 -28.09 7.82 -10.34
C PRO C 132 -28.28 8.10 -8.85
N ALA C 133 -29.05 9.15 -8.52
CA ALA C 133 -29.47 9.43 -7.14
C ALA C 133 -30.18 8.23 -6.55
N ALA C 134 -30.94 7.45 -7.37
CA ALA C 134 -31.66 6.24 -6.90
C ALA C 134 -30.71 5.14 -6.37
N ASP C 135 -29.43 5.21 -6.71
CA ASP C 135 -28.44 4.25 -6.25
C ASP C 135 -27.70 4.75 -5.03
N PHE C 136 -27.97 5.99 -4.61
CA PHE C 136 -27.26 6.51 -3.46
C PHE C 136 -27.84 5.91 -2.15
N PRO C 137 -27.00 5.42 -1.24
CA PRO C 137 -27.54 4.88 0.03
C PRO C 137 -28.29 5.91 0.90
N ASN C 138 -29.37 5.47 1.52
CA ASN C 138 -30.28 6.30 2.32
C ASN C 138 -30.29 5.89 3.79
N LEU C 139 -29.54 6.63 4.65
CA LEU C 139 -29.26 6.24 6.03
C LEU C 139 -30.03 7.08 7.08
N ASP C 140 -30.77 8.12 6.67
CA ASP C 140 -31.34 9.06 7.65
C ASP C 140 -32.88 8.94 7.81
N ASP C 141 -33.49 7.98 7.13
CA ASP C 141 -34.92 7.80 7.10
C ASP C 141 -35.43 6.94 8.28
N TRP C 142 -35.32 7.48 9.51
CA TRP C 142 -35.74 6.80 10.77
C TRP C 142 -36.22 7.86 11.75
N GLN C 143 -36.86 7.45 12.86
CA GLN C 143 -37.39 8.43 13.79
C GLN C 143 -36.74 8.34 15.17
N SER C 144 -36.44 9.52 15.77
CA SER C 144 -35.81 9.67 17.08
C SER C 144 -36.67 9.13 18.24
N GLU C 145 -36.03 8.53 19.26
CA GLU C 145 -36.67 8.08 20.50
C GLU C 145 -36.25 8.96 21.70
N VAL C 146 -35.01 9.50 21.69
CA VAL C 146 -34.40 10.32 22.76
C VAL C 146 -33.83 11.55 22.06
N GLU C 147 -34.06 12.76 22.60
CA GLU C 147 -33.36 13.91 22.04
C GLU C 147 -33.02 14.95 23.10
N PHE C 148 -31.86 15.58 22.93
CA PHE C 148 -31.36 16.61 23.84
C PHE C 148 -30.47 17.58 23.07
N THR C 149 -30.34 18.79 23.59
CA THR C 149 -29.48 19.81 23.03
C THR C 149 -28.32 20.05 23.96
N LEU C 150 -27.18 20.49 23.43
CA LEU C 150 -26.03 20.91 24.25
C LEU C 150 -25.12 21.81 23.43
N PRO C 151 -24.32 22.67 24.07
CA PRO C 151 -23.41 23.53 23.31
C PRO C 151 -22.44 22.68 22.53
N GLN C 152 -22.08 23.12 21.32
CA GLN C 152 -21.10 22.44 20.48
C GLN C 152 -19.77 22.23 21.21
N ALA C 153 -19.31 23.23 21.97
CA ALA C 153 -18.05 23.15 22.70
C ALA C 153 -18.08 22.09 23.79
N THR C 154 -19.27 21.89 24.41
CA THR C 154 -19.44 20.83 25.41
C THR C 154 -19.30 19.46 24.76
N MET C 155 -19.94 19.26 23.59
CA MET C 155 -19.82 17.97 22.87
C MET C 155 -18.40 17.75 22.39
N LYS C 156 -17.76 18.81 21.93
CA LYS C 156 -16.39 18.72 21.45
C LYS C 156 -15.46 18.31 22.58
N ARG C 157 -15.62 18.91 23.79
CA ARG C 157 -14.78 18.55 24.94
C ARG C 157 -15.05 17.12 25.41
N LEU C 158 -16.32 16.68 25.40
CA LEU C 158 -16.66 15.29 25.76
C LEU C 158 -15.97 14.28 24.87
N ILE C 159 -15.90 14.59 23.56
CA ILE C 159 -15.29 13.66 22.59
C ILE C 159 -13.78 13.77 22.68
N GLU C 160 -13.26 14.99 22.72
CA GLU C 160 -11.81 15.21 22.80
C GLU C 160 -11.21 14.58 24.04
N ALA C 161 -11.91 14.65 25.16
CA ALA C 161 -11.44 14.11 26.41
C ALA C 161 -11.26 12.58 26.39
N THR C 162 -11.91 11.84 25.50
CA THR C 162 -11.89 10.36 25.56
C THR C 162 -11.57 9.67 24.24
N GLN C 163 -11.62 10.37 23.07
CA GLN C 163 -11.51 9.67 21.76
C GLN C 163 -10.21 8.88 21.53
N PHE C 164 -9.13 9.36 22.08
CA PHE C 164 -7.84 8.67 21.93
C PHE C 164 -7.82 7.24 22.50
N SER C 165 -8.75 6.93 23.45
CA SER C 165 -8.80 5.63 24.09
C SER C 165 -9.63 4.58 23.35
N MET C 166 -10.30 4.96 22.26
CA MET C 166 -11.10 4.02 21.48
C MET C 166 -10.19 2.97 20.88
N ALA C 167 -10.68 1.75 20.72
CA ALA C 167 -9.84 0.74 20.05
C ALA C 167 -9.80 1.14 18.57
N HIS C 168 -8.82 0.58 17.84
N HIS C 168 -8.89 0.54 17.80
CA HIS C 168 -8.62 0.73 16.39
CA HIS C 168 -8.82 0.73 16.37
C HIS C 168 -8.59 -0.69 15.79
C HIS C 168 -8.62 -0.62 15.75
N GLN C 169 -9.62 -1.09 15.04
CA GLN C 169 -9.68 -2.39 14.34
C GLN C 169 -9.55 -3.63 15.23
N ASP C 170 -10.06 -3.55 16.43
CA ASP C 170 -10.12 -4.68 17.34
C ASP C 170 -11.26 -5.59 16.84
N VAL C 171 -11.09 -6.91 17.01
CA VAL C 171 -12.15 -7.86 16.71
C VAL C 171 -13.34 -7.66 17.64
N ARG C 172 -13.12 -7.02 18.81
CA ARG C 172 -14.25 -6.67 19.71
C ARG C 172 -14.77 -5.38 19.16
N TYR C 173 -15.65 -5.53 18.15
CA TYR C 173 -16.11 -4.41 17.34
CA TYR C 173 -16.19 -4.42 17.33
C TYR C 173 -16.72 -3.27 18.17
N TYR C 174 -17.37 -3.58 19.31
CA TYR C 174 -17.99 -2.58 20.21
C TYR C 174 -16.97 -1.64 20.88
N LEU C 175 -15.65 -1.96 20.80
CA LEU C 175 -14.59 -1.11 21.36
C LEU C 175 -14.11 -0.07 20.36
N ASN C 176 -14.33 -0.32 19.07
CA ASN C 176 -13.94 0.55 17.94
C ASN C 176 -14.98 1.67 17.79
N GLY C 177 -15.23 2.31 18.89
CA GLY C 177 -16.27 3.30 18.96
C GLY C 177 -16.30 3.93 20.32
N MET C 178 -17.29 4.79 20.54
CA MET C 178 -17.42 5.54 21.78
C MET C 178 -18.80 5.38 22.34
N LEU C 179 -18.87 5.14 23.66
CA LEU C 179 -20.15 5.09 24.35
C LEU C 179 -20.63 6.52 24.61
N PHE C 180 -21.88 6.79 24.27
CA PHE C 180 -22.59 8.03 24.63
C PHE C 180 -23.72 7.63 25.56
N GLU C 181 -23.67 8.15 26.79
CA GLU C 181 -24.62 7.72 27.81
C GLU C 181 -25.24 8.92 28.50
N THR C 182 -26.58 8.88 28.68
CA THR C 182 -27.30 9.91 29.42
C THR C 182 -27.75 9.28 30.72
N GLU C 183 -27.57 10.02 31.80
CA GLU C 183 -27.93 9.57 33.14
C GLU C 183 -28.14 10.80 33.99
N GLY C 184 -29.41 11.03 34.34
CA GLY C 184 -29.77 12.16 35.18
C GLY C 184 -29.55 13.50 34.54
N GLU C 185 -28.60 14.28 35.08
CA GLU C 185 -28.34 15.61 34.52
C GLU C 185 -27.24 15.61 33.46
N GLU C 186 -26.57 14.45 33.26
CA GLU C 186 -25.33 14.40 32.52
C GLU C 186 -25.33 13.60 31.25
N LEU C 187 -24.44 14.02 30.30
CA LEU C 187 -24.07 13.25 29.13
C LEU C 187 -22.64 12.82 29.39
N ARG C 188 -22.37 11.53 29.14
CA ARG C 188 -21.10 10.91 29.42
C ARG C 188 -20.58 10.24 28.16
N THR C 189 -19.27 10.34 27.91
CA THR C 189 -18.62 9.56 26.85
C THR C 189 -17.65 8.59 27.55
N VAL C 190 -17.53 7.38 27.02
CA VAL C 190 -16.57 6.38 27.54
C VAL C 190 -15.89 5.77 26.34
N ALA C 191 -14.57 5.56 26.43
CA ALA C 191 -13.84 4.86 25.36
C ALA C 191 -12.76 4.02 25.97
N THR C 192 -12.60 2.80 25.48
CA THR C 192 -11.57 1.88 25.99
C THR C 192 -11.11 0.92 24.90
N ASP C 193 -9.84 0.48 24.99
CA ASP C 193 -9.27 -0.49 24.05
C ASP C 193 -8.83 -1.75 24.80
N GLY C 194 -9.25 -1.86 26.06
CA GLY C 194 -8.88 -2.97 26.93
C GLY C 194 -7.59 -2.78 27.73
N HIS C 195 -6.78 -1.78 27.37
CA HIS C 195 -5.55 -1.47 28.08
C HIS C 195 -5.67 -0.16 28.84
N ARG C 196 -6.41 0.77 28.25
CA ARG C 196 -6.66 2.05 28.88
C ARG C 196 -8.10 2.47 28.64
N LEU C 197 -8.65 3.26 29.58
CA LEU C 197 -10.04 3.71 29.46
C LEU C 197 -10.08 5.21 29.76
N ALA C 198 -11.04 5.92 29.13
CA ALA C 198 -11.25 7.33 29.36
C ALA C 198 -12.74 7.51 29.53
N VAL C 199 -13.16 8.27 30.54
CA VAL C 199 -14.57 8.58 30.77
C VAL C 199 -14.67 10.07 31.10
N CYS C 200 -15.65 10.78 30.51
CA CYS C 200 -15.86 12.20 30.76
C CYS C 200 -17.36 12.43 30.86
N SER C 201 -17.82 13.19 31.87
CA SER C 201 -19.25 13.51 32.10
C SER C 201 -19.37 15.01 32.13
N MET C 202 -20.46 15.56 31.59
CA MET C 202 -20.76 16.98 31.65
C MET C 202 -22.24 17.16 31.94
N PRO C 203 -22.62 18.08 32.84
CA PRO C 203 -24.06 18.31 33.08
C PRO C 203 -24.70 19.08 31.93
N ILE C 204 -25.81 18.59 31.41
CA ILE C 204 -26.43 19.26 30.24
C ILE C 204 -27.89 19.61 30.47
N GLY C 205 -28.51 18.99 31.47
CA GLY C 205 -29.94 19.19 31.64
C GLY C 205 -30.59 18.54 32.85
N GLN C 206 -31.84 18.07 32.66
CA GLN C 206 -32.73 17.60 33.73
C GLN C 206 -33.37 16.28 33.42
N SER C 207 -33.40 15.38 34.42
CA SER C 207 -34.11 14.11 34.31
C SER C 207 -34.07 13.56 32.88
N LEU C 208 -32.86 13.46 32.27
CA LEU C 208 -32.73 12.84 30.96
C LEU C 208 -33.09 11.38 31.14
N PRO C 209 -33.65 10.70 30.13
CA PRO C 209 -33.85 9.25 30.28
C PRO C 209 -32.51 8.52 30.21
N SER C 210 -32.37 7.41 30.93
CA SER C 210 -31.14 6.65 30.96
C SER C 210 -31.03 5.87 29.66
N HIS C 211 -30.02 6.19 28.85
CA HIS C 211 -29.84 5.61 27.53
C HIS C 211 -28.35 5.55 27.20
N SER C 212 -27.91 4.45 26.58
CA SER C 212 -26.51 4.31 26.22
CA SER C 212 -26.50 4.25 26.25
C SER C 212 -26.37 3.66 24.87
N VAL C 213 -25.61 4.32 24.00
CA VAL C 213 -25.40 3.82 22.63
C VAL C 213 -23.91 3.92 22.29
N ILE C 214 -23.47 3.09 21.35
CA ILE C 214 -22.10 3.08 20.87
C ILE C 214 -22.07 3.70 19.46
N VAL C 215 -21.28 4.75 19.31
CA VAL C 215 -21.11 5.43 18.03
C VAL C 215 -19.80 4.89 17.41
N PRO C 216 -19.81 4.45 16.14
CA PRO C 216 -18.55 3.96 15.55
C PRO C 216 -17.47 5.00 15.54
N ARG C 217 -16.22 4.54 15.61
CA ARG C 217 -15.12 5.45 15.74
C ARG C 217 -15.00 6.44 14.59
N LYS C 218 -15.24 5.98 13.36
CA LYS C 218 -15.17 6.87 12.22
C LYS C 218 -16.19 8.00 12.33
N GLY C 219 -17.36 7.67 12.86
CA GLY C 219 -18.43 8.64 13.09
C GLY C 219 -18.07 9.63 14.17
N VAL C 220 -17.50 9.14 15.27
CA VAL C 220 -17.02 9.99 16.37
C VAL C 220 -16.05 11.04 15.81
N ILE C 221 -15.09 10.59 15.00
CA ILE C 221 -14.07 11.52 14.47
C ILE C 221 -14.71 12.61 13.59
N GLU C 222 -15.68 12.22 12.75
CA GLU C 222 -16.41 13.11 11.86
C GLU C 222 -17.31 14.06 12.59
N LEU C 223 -18.00 13.58 13.64
CA LEU C 223 -18.82 14.47 14.47
C LEU C 223 -17.92 15.53 15.13
N MET C 224 -16.75 15.10 15.64
CA MET C 224 -15.81 16.03 16.28
C MET C 224 -15.37 17.09 15.30
N ARG C 225 -15.04 16.70 14.06
CA ARG C 225 -14.57 17.61 13.00
C ARG C 225 -15.66 18.58 12.48
N MET C 226 -16.91 18.25 12.73
CA MET C 226 -18.04 19.08 12.34
C MET C 226 -18.30 20.19 13.37
N LEU C 227 -17.82 20.04 14.62
CA LEU C 227 -18.08 20.99 15.69
C LEU C 227 -17.09 22.14 15.74
N ASP C 228 -17.59 23.37 15.95
CA ASP C 228 -16.76 24.58 15.93
C ASP C 228 -17.10 25.58 17.04
N GLY C 229 -17.52 25.07 18.20
CA GLY C 229 -17.92 25.95 19.30
C GLY C 229 -18.88 27.05 18.86
N ASN C 232 -24.68 28.66 18.58
CA ASN C 232 -25.30 27.63 17.76
C ASN C 232 -25.29 26.27 18.46
N PRO C 233 -26.44 25.85 19.04
CA PRO C 233 -26.46 24.61 19.80
C PRO C 233 -26.38 23.36 18.94
N LEU C 234 -26.04 22.21 19.56
CA LEU C 234 -26.01 20.93 18.87
C LEU C 234 -27.21 20.11 19.31
N ARG C 235 -28.09 19.74 18.38
CA ARG C 235 -29.25 18.94 18.73
C ARG C 235 -28.97 17.49 18.41
N VAL C 236 -29.09 16.63 19.40
CA VAL C 236 -28.79 15.20 19.24
C VAL C 236 -30.08 14.39 19.31
N GLN C 237 -30.24 13.42 18.41
CA GLN C 237 -31.38 12.52 18.39
C GLN C 237 -30.90 11.09 18.29
N ILE C 238 -31.40 10.25 19.16
CA ILE C 238 -31.05 8.83 19.18
C ILE C 238 -32.27 7.99 18.83
N GLY C 239 -32.13 7.16 17.79
CA GLY C 239 -33.18 6.24 17.36
C GLY C 239 -32.86 4.84 17.84
N SER C 240 -33.61 3.82 17.36
CA SER C 240 -33.30 2.46 17.82
C SER C 240 -31.95 1.93 17.31
N ASN C 241 -31.52 2.34 16.11
CA ASN C 241 -30.27 1.82 15.52
C ASN C 241 -29.34 2.93 15.01
N ASN C 242 -29.70 4.19 15.27
CA ASN C 242 -28.99 5.31 14.66
C ASN C 242 -28.86 6.46 15.61
N ILE C 243 -27.95 7.37 15.32
CA ILE C 243 -27.81 8.64 16.04
C ILE C 243 -27.70 9.77 15.02
N ARG C 244 -28.18 10.96 15.38
CA ARG C 244 -28.15 12.13 14.53
C ARG C 244 -27.75 13.32 15.36
N ALA C 245 -26.93 14.17 14.80
CA ALA C 245 -26.47 15.42 15.43
C ALA C 245 -26.66 16.55 14.45
N HIS C 246 -27.48 17.55 14.82
CA HIS C 246 -27.85 18.72 14.00
CA HIS C 246 -27.75 18.68 13.95
C HIS C 246 -27.12 19.95 14.54
N VAL C 247 -26.34 20.66 13.73
CA VAL C 247 -25.82 21.96 14.16
C VAL C 247 -25.95 22.93 12.99
N GLY C 248 -26.73 23.97 13.14
CA GLY C 248 -27.01 24.88 12.05
C GLY C 248 -27.64 24.16 10.88
N ASP C 249 -27.03 24.25 9.70
CA ASP C 249 -27.53 23.62 8.49
C ASP C 249 -26.76 22.32 8.18
N PHE C 250 -26.10 21.74 9.19
CA PHE C 250 -25.38 20.49 9.03
C PHE C 250 -25.99 19.39 9.87
N ILE C 251 -26.05 18.18 9.30
CA ILE C 251 -26.58 17.03 9.99
C ILE C 251 -25.57 15.88 9.85
N PHE C 252 -25.20 15.27 10.96
CA PHE C 252 -24.38 14.07 11.03
C PHE C 252 -25.35 12.97 11.41
N THR C 253 -25.32 11.81 10.70
CA THR C 253 -26.12 10.66 11.10
C THR C 253 -25.24 9.43 11.01
N SER C 254 -25.41 8.50 11.96
CA SER C 254 -24.63 7.27 11.88
C SER C 254 -25.43 6.11 12.36
N LYS C 255 -25.15 4.91 11.82
CA LYS C 255 -25.61 3.66 12.41
C LYS C 255 -24.92 3.48 13.78
N LEU C 256 -25.56 2.76 14.72
CA LEU C 256 -24.94 2.52 16.02
C LEU C 256 -24.22 1.18 15.99
N VAL C 257 -23.30 0.96 16.93
CA VAL C 257 -22.60 -0.34 17.02
C VAL C 257 -23.34 -1.24 18.01
N ASP C 258 -23.56 -2.50 17.62
CA ASP C 258 -24.18 -3.50 18.52
C ASP C 258 -23.16 -4.01 19.51
N GLY C 259 -23.64 -4.52 20.63
CA GLY C 259 -22.76 -5.15 21.60
C GLY C 259 -22.82 -4.51 22.95
N ARG C 260 -22.28 -5.20 23.95
CA ARG C 260 -22.31 -4.70 25.32
C ARG C 260 -20.99 -4.00 25.58
N PHE C 261 -21.07 -2.69 25.74
CA PHE C 261 -19.89 -1.93 26.07
C PHE C 261 -19.49 -2.23 27.52
N PRO C 262 -18.17 -2.34 27.83
CA PRO C 262 -17.74 -2.51 29.23
C PRO C 262 -18.27 -1.44 30.17
N ASP C 263 -18.45 -1.78 31.44
CA ASP C 263 -18.93 -0.83 32.42
C ASP C 263 -17.74 -0.12 33.10
N TYR C 264 -17.55 1.17 32.83
CA TYR C 264 -16.44 1.92 33.42
C TYR C 264 -16.44 1.90 34.95
N ARG C 265 -17.63 1.85 35.56
CA ARG C 265 -17.77 1.87 37.02
C ARG C 265 -17.06 0.65 37.62
N ARG C 266 -17.00 -0.47 36.89
CA ARG C 266 -16.33 -1.68 37.34
C ARG C 266 -14.81 -1.67 37.06
N VAL C 267 -14.36 -0.74 36.22
CA VAL C 267 -12.96 -0.64 35.80
C VAL C 267 -12.19 0.31 36.74
N LEU C 268 -12.86 1.32 37.29
CA LEU C 268 -12.23 2.26 38.21
C LEU C 268 -11.56 1.53 39.36
N PRO C 269 -10.29 1.88 39.69
CA PRO C 269 -9.64 1.25 40.86
C PRO C 269 -10.51 1.37 42.12
N LYS C 270 -10.71 0.27 42.83
CA LYS C 270 -11.59 0.27 43.99
C LYS C 270 -11.02 1.02 45.18
N ASN C 271 -9.80 0.69 45.61
CA ASN C 271 -9.29 1.36 46.79
C ASN C 271 -7.86 1.83 46.63
N PRO C 272 -7.60 2.86 45.80
CA PRO C 272 -6.22 3.31 45.64
C PRO C 272 -5.68 3.92 46.92
N ASP C 273 -4.65 3.31 47.50
CA ASP C 273 -4.10 3.77 48.78
C ASP C 273 -2.95 4.76 48.60
N LYS C 274 -2.58 5.10 47.35
CA LYS C 274 -1.43 5.95 47.07
C LYS C 274 -1.83 7.07 46.15
N HIS C 275 -1.48 8.31 46.51
CA HIS C 275 -1.83 9.51 45.73
C HIS C 275 -0.58 10.34 45.39
N LEU C 276 -0.39 10.64 44.10
CA LEU C 276 0.72 11.47 43.61
C LEU C 276 0.12 12.67 42.91
N GLU C 277 0.67 13.87 43.12
CA GLU C 277 0.28 15.03 42.35
C GLU C 277 1.49 15.66 41.69
N ALA C 278 1.35 16.12 40.46
CA ALA C 278 2.45 16.80 39.76
C ALA C 278 1.91 17.72 38.65
N GLY C 279 2.74 18.67 38.21
CA GLY C 279 2.43 19.58 37.12
C GLY C 279 2.19 18.81 35.84
N CYS C 280 1.10 19.11 35.13
CA CYS C 280 0.74 18.39 33.92
C CYS C 280 1.80 18.48 32.80
N ASP C 281 2.25 19.68 32.48
CA ASP C 281 3.23 19.88 31.42
C ASP C 281 4.58 19.30 31.80
N LEU C 282 5.05 19.54 33.03
CA LEU C 282 6.32 19.04 33.54
C LEU C 282 6.34 17.48 33.43
N LEU C 283 5.22 16.84 33.76
CA LEU C 283 5.08 15.39 33.66
C LEU C 283 5.10 14.95 32.21
N LYS C 284 4.42 15.71 31.34
CA LYS C 284 4.31 15.39 29.92
C LYS C 284 5.69 15.49 29.26
N GLN C 285 6.40 16.58 29.51
CA GLN C 285 7.71 16.77 28.87
C GLN C 285 8.69 15.69 29.31
N ALA C 286 8.65 15.30 30.61
CA ALA C 286 9.55 14.26 31.09
C ALA C 286 9.24 12.92 30.42
N PHE C 287 7.93 12.57 30.30
CA PHE C 287 7.55 11.35 29.62
C PHE C 287 7.88 11.40 28.14
N ALA C 288 7.68 12.56 27.51
CA ALA C 288 8.00 12.71 26.07
C ALA C 288 9.50 12.50 25.79
N ARG C 289 10.38 13.01 26.66
CA ARG C 289 11.80 12.78 26.43
C ARG C 289 12.17 11.34 26.70
N ALA C 290 11.63 10.74 27.79
CA ALA C 290 11.97 9.36 28.12
C ALA C 290 11.53 8.42 27.02
N ALA C 291 10.37 8.71 26.39
CA ALA C 291 9.82 7.89 25.29
C ALA C 291 10.82 7.71 24.15
N ILE C 292 11.68 8.71 23.89
CA ILE C 292 12.65 8.66 22.80
C ILE C 292 13.53 7.39 22.92
N LEU C 293 13.88 7.00 24.16
CA LEU C 293 14.74 5.86 24.34
C LEU C 293 14.00 4.62 24.85
N SER C 294 12.66 4.58 24.66
CA SER C 294 11.88 3.40 25.00
C SER C 294 11.84 2.45 23.77
N ASN C 295 11.56 1.18 24.01
CA ASN C 295 11.42 0.16 22.96
C ASN C 295 10.38 0.64 21.96
N GLU C 296 10.76 0.71 20.65
CA GLU C 296 9.84 1.23 19.61
C GLU C 296 8.53 0.48 19.48
N LYS C 297 8.57 -0.82 19.78
CA LYS C 297 7.40 -1.67 19.70
C LYS C 297 6.57 -1.64 21.00
N PHE C 298 7.22 -1.92 22.15
CA PHE C 298 6.54 -2.08 23.43
C PHE C 298 6.39 -0.78 24.24
N ARG C 299 7.21 0.25 23.96
CA ARG C 299 7.04 1.59 24.53
C ARG C 299 7.01 1.63 26.08
N GLY C 300 7.66 0.65 26.72
CA GLY C 300 7.65 0.58 28.18
C GLY C 300 8.55 1.61 28.84
N VAL C 301 8.00 2.31 29.84
CA VAL C 301 8.76 3.14 30.78
C VAL C 301 8.53 2.59 32.21
N ARG C 302 9.50 2.79 33.13
CA ARG C 302 9.41 2.42 34.54
C ARG C 302 9.20 3.70 35.35
N LEU C 303 8.23 3.68 36.29
CA LEU C 303 8.03 4.78 37.21
C LEU C 303 8.44 4.28 38.59
N TYR C 304 9.27 5.04 39.25
CA TYR C 304 9.67 4.76 40.64
C TYR C 304 9.18 5.93 41.51
N VAL C 305 8.20 5.68 42.37
CA VAL C 305 7.67 6.73 43.24
C VAL C 305 8.28 6.58 44.64
N SER C 306 8.79 7.69 45.19
CA SER C 306 9.33 7.77 46.54
C SER C 306 8.97 9.16 47.07
N GLU C 307 9.36 9.48 48.30
CA GLU C 307 8.87 10.72 48.91
C GLU C 307 9.15 11.95 48.07
N ASN C 308 8.07 12.58 47.63
CA ASN C 308 8.06 13.82 46.84
C ASN C 308 8.89 13.72 45.57
N GLN C 309 9.02 12.51 45.01
CA GLN C 309 9.87 12.34 43.84
C GLN C 309 9.31 11.25 42.92
N LEU C 310 9.45 11.50 41.59
CA LEU C 310 9.11 10.53 40.58
C LEU C 310 10.31 10.38 39.67
N LYS C 311 10.80 9.14 39.51
CA LYS C 311 11.87 8.84 38.56
C LYS C 311 11.27 7.99 37.41
N ILE C 312 11.49 8.43 36.17
CA ILE C 312 10.97 7.75 34.98
C ILE C 312 12.19 7.21 34.22
N THR C 313 12.22 5.92 33.95
CA THR C 313 13.33 5.38 33.17
C THR C 313 12.80 4.65 31.96
N ALA C 314 13.55 4.73 30.85
CA ALA C 314 13.22 4.04 29.61
C ALA C 314 14.48 3.47 29.04
N ASN C 315 14.43 2.20 28.61
CA ASN C 315 15.53 1.46 28.01
CA ASN C 315 15.56 1.64 27.89
C ASN C 315 15.08 0.83 26.71
N ASN C 316 15.98 0.58 25.76
CA ASN C 316 15.62 -0.05 24.50
C ASN C 316 16.55 -1.25 24.22
N PRO C 317 16.35 -2.03 23.13
CA PRO C 317 17.24 -3.18 22.88
C PRO C 317 18.70 -2.79 22.60
N GLU C 318 18.97 -1.54 22.18
CA GLU C 318 20.33 -1.02 22.00
C GLU C 318 20.99 -0.66 23.35
N GLN C 319 20.29 -0.89 24.47
CA GLN C 319 20.79 -0.60 25.80
C GLN C 319 20.99 0.91 26.03
N GLU C 320 20.27 1.72 25.28
CA GLU C 320 20.27 3.16 25.50
C GLU C 320 19.30 3.44 26.62
N GLU C 321 19.50 4.51 27.39
CA GLU C 321 18.64 4.78 28.54
C GLU C 321 18.34 6.25 28.73
N ALA C 322 17.07 6.56 28.98
CA ALA C 322 16.65 7.88 29.38
C ALA C 322 16.20 7.82 30.85
N GLU C 323 16.55 8.82 31.62
CA GLU C 323 16.12 8.89 32.99
C GLU C 323 15.76 10.33 33.29
N GLU C 324 14.58 10.53 33.87
CA GLU C 324 14.05 11.82 34.26
C GLU C 324 13.74 11.75 35.75
N ILE C 325 14.12 12.74 36.52
CA ILE C 325 13.75 12.84 37.94
C ILE C 325 12.96 14.15 38.12
N LEU C 326 11.78 14.06 38.74
CA LEU C 326 10.85 15.19 38.94
C LEU C 326 10.51 15.33 40.41
N ASP C 327 10.29 16.57 40.88
CA ASP C 327 9.70 16.79 42.20
C ASP C 327 8.20 16.65 42.06
N VAL C 328 7.57 15.90 42.95
CA VAL C 328 6.11 15.69 42.91
C VAL C 328 5.61 15.75 44.35
N THR C 329 4.29 15.70 44.55
CA THR C 329 3.75 15.61 45.90
C THR C 329 3.36 14.15 46.10
N TYR C 330 4.07 13.49 47.01
CA TYR C 330 3.91 12.07 47.31
C TYR C 330 4.47 11.69 48.70
N SER C 331 3.62 11.00 49.50
CA SER C 331 3.98 10.59 50.87
C SER C 331 3.67 9.09 51.21
N GLY C 332 3.20 8.31 50.23
CA GLY C 332 2.92 6.90 50.43
C GLY C 332 4.13 5.99 50.32
N ALA C 333 3.92 4.67 50.28
CA ALA C 333 5.04 3.73 50.19
C ALA C 333 5.75 3.80 48.85
N GLU C 334 7.05 3.55 48.84
CA GLU C 334 7.82 3.45 47.61
C GLU C 334 7.29 2.32 46.78
N MET C 335 7.18 2.53 45.47
CA MET C 335 6.77 1.47 44.57
C MET C 335 7.27 1.72 43.16
N GLU C 336 7.32 0.65 42.34
CA GLU C 336 7.72 0.72 40.95
C GLU C 336 6.55 0.25 40.12
N ILE C 337 6.36 0.81 38.93
CA ILE C 337 5.24 0.38 38.08
C ILE C 337 5.61 0.71 36.65
N GLY C 338 5.31 -0.20 35.75
CA GLY C 338 5.63 -0.02 34.34
C GLY C 338 4.41 0.40 33.55
N PHE C 339 4.63 1.21 32.53
CA PHE C 339 3.53 1.63 31.65
C PHE C 339 4.01 1.74 30.23
N ASN C 340 3.07 1.58 29.31
CA ASN C 340 3.25 1.97 27.90
C ASN C 340 3.23 3.51 27.93
N VAL C 341 4.35 4.13 27.60
CA VAL C 341 4.49 5.60 27.68
C VAL C 341 3.52 6.36 26.75
N SER C 342 3.12 5.76 25.61
CA SER C 342 2.12 6.38 24.73
C SER C 342 0.80 6.56 25.43
N TYR C 343 0.39 5.55 26.24
CA TYR C 343 -0.88 5.64 26.99
C TYR C 343 -0.86 6.80 27.98
N VAL C 344 0.29 6.98 28.64
CA VAL C 344 0.44 8.05 29.63
C VAL C 344 0.43 9.42 28.94
N LEU C 345 1.23 9.55 27.85
CA LEU C 345 1.26 10.80 27.06
C LEU C 345 -0.12 11.14 26.50
N ASP C 346 -0.85 10.14 26.00
CA ASP C 346 -2.20 10.39 25.51
C ASP C 346 -3.05 11.07 26.54
N VAL C 347 -3.03 10.57 27.80
CA VAL C 347 -3.80 11.16 28.89
C VAL C 347 -3.37 12.59 29.18
N LEU C 348 -2.06 12.79 29.36
CA LEU C 348 -1.53 14.11 29.70
C LEU C 348 -1.85 15.14 28.63
N ASN C 349 -1.74 14.75 27.35
CA ASN C 349 -2.14 15.59 26.23
C ASN C 349 -3.62 15.95 26.27
N ALA C 350 -4.49 15.00 26.68
CA ALA C 350 -5.95 15.23 26.73
C ALA C 350 -6.33 16.08 27.94
N LEU C 351 -5.57 15.97 29.04
CA LEU C 351 -5.86 16.79 30.21
C LEU C 351 -5.29 18.19 29.96
N LYS C 352 -6.16 19.15 29.82
CA LYS C 352 -5.65 20.48 29.52
C LYS C 352 -5.59 21.23 30.82
N CYS C 353 -4.73 20.76 31.71
CA CYS C 353 -4.81 21.37 33.02
C CYS C 353 -3.46 21.72 33.59
N GLU C 354 -3.50 22.29 34.80
CA GLU C 354 -2.30 22.71 35.52
C GLU C 354 -1.63 21.53 36.22
N ASN C 355 -2.39 20.82 37.07
CA ASN C 355 -1.87 19.72 37.88
C ASN C 355 -2.68 18.46 37.67
N VAL C 356 -2.00 17.31 37.75
CA VAL C 356 -2.67 16.02 37.62
CA VAL C 356 -2.62 16.00 37.59
C VAL C 356 -2.51 15.23 38.92
N ARG C 357 -3.50 14.38 39.20
CA ARG C 357 -3.45 13.48 40.34
C ARG C 357 -3.46 12.08 39.79
N MET C 358 -2.53 11.24 40.29
CA MET C 358 -2.49 9.81 39.97
C MET C 358 -2.81 9.02 41.23
N MET C 359 -3.72 8.06 41.12
CA MET C 359 -4.13 7.20 42.23
C MET C 359 -3.68 5.77 41.96
N LEU C 360 -2.78 5.25 42.81
CA LEU C 360 -2.16 3.94 42.63
C LEU C 360 -2.51 3.01 43.75
N THR C 361 -2.32 1.70 43.51
CA THR C 361 -2.53 0.65 44.53
C THR C 361 -1.25 -0.16 44.60
N ASP C 362 -0.89 -0.83 43.49
CA ASP C 362 0.35 -1.60 43.42
C ASP C 362 0.89 -1.68 41.99
N SER C 363 1.99 -2.39 41.80
CA SER C 363 2.67 -2.50 40.52
C SER C 363 1.92 -3.33 39.47
N VAL C 364 0.91 -4.08 39.90
CA VAL C 364 0.13 -4.92 38.97
C VAL C 364 -1.30 -4.45 38.81
N SER C 365 -1.65 -3.29 39.37
CA SER C 365 -3.00 -2.81 39.27
C SER C 365 -3.07 -1.53 38.48
N SER C 366 -4.24 -1.26 37.91
CA SER C 366 -4.48 -0.06 37.13
C SER C 366 -4.25 1.21 37.98
N VAL C 367 -3.92 2.30 37.31
CA VAL C 367 -3.84 3.60 37.97
C VAL C 367 -4.97 4.46 37.41
N GLN C 368 -5.52 5.31 38.25
CA GLN C 368 -6.47 6.28 37.81
C GLN C 368 -5.75 7.64 37.74
N ILE C 369 -5.92 8.36 36.65
CA ILE C 369 -5.32 9.67 36.44
C ILE C 369 -6.43 10.68 36.23
N GLU C 370 -6.31 11.87 36.85
CA GLU C 370 -7.28 12.92 36.58
C GLU C 370 -6.67 14.29 36.81
N ASP C 371 -7.37 15.34 36.35
CA ASP C 371 -7.01 16.72 36.68
C ASP C 371 -7.10 16.80 38.22
N ALA C 372 -6.08 17.35 38.88
CA ALA C 372 -6.08 17.48 40.36
C ALA C 372 -7.24 18.33 40.84
N ALA C 373 -7.76 19.21 39.98
CA ALA C 373 -8.82 20.17 40.34
C ALA C 373 -10.24 19.82 39.87
N SER C 374 -10.41 18.76 39.08
CA SER C 374 -11.71 18.46 38.52
C SER C 374 -11.89 16.96 38.40
N GLN C 375 -13.08 16.46 38.72
CA GLN C 375 -13.40 15.04 38.62
C GLN C 375 -14.33 14.79 37.42
N SER C 376 -14.36 15.72 36.46
CA SER C 376 -15.24 15.56 35.31
C SER C 376 -14.73 14.46 34.38
N ALA C 377 -13.41 14.26 34.31
CA ALA C 377 -12.83 13.23 33.49
C ALA C 377 -11.97 12.33 34.34
N ALA C 378 -11.96 11.02 34.00
CA ALA C 378 -11.11 10.07 34.69
C ALA C 378 -10.47 9.14 33.67
N TYR C 379 -9.21 8.79 33.88
CA TYR C 379 -8.47 7.93 32.98
C TYR C 379 -7.93 6.78 33.77
N VAL C 380 -8.15 5.57 33.26
CA VAL C 380 -7.64 4.35 33.89
C VAL C 380 -6.66 3.69 32.94
N VAL C 381 -5.41 3.49 33.41
CA VAL C 381 -4.37 2.87 32.58
C VAL C 381 -3.85 1.62 33.26
N MET C 382 -3.87 0.52 32.54
CA MET C 382 -3.38 -0.74 33.09
C MET C 382 -1.84 -0.82 32.92
N PRO C 383 -1.08 -1.25 33.96
CA PRO C 383 0.38 -1.34 33.79
C PRO C 383 0.85 -2.48 32.91
N MET C 384 2.17 -2.51 32.63
CA MET C 384 2.90 -3.62 31.99
C MET C 384 3.78 -4.26 33.08
N ARG C 385 4.04 -5.57 32.97
CA ARG C 385 4.99 -6.19 33.91
C ARG C 385 6.42 -5.74 33.61
N LEU C 386 7.15 -5.41 34.70
CA LEU C 386 8.57 -5.03 34.74
C LEU C 386 9.46 -6.28 34.95
N SER D 19 40.63 12.04 23.36
CA SER D 19 40.27 10.69 23.81
C SER D 19 38.97 10.66 24.63
N HIS D 20 38.65 11.78 25.32
CA HIS D 20 37.49 11.84 26.21
C HIS D 20 36.68 13.11 25.96
N MET D 21 36.05 13.23 24.75
CA MET D 21 35.27 14.39 24.30
C MET D 21 34.26 14.87 25.33
N LYS D 22 34.17 16.19 25.50
CA LYS D 22 33.19 16.76 26.43
CA LYS D 22 33.19 16.76 26.42
C LYS D 22 32.91 18.21 26.01
N PHE D 23 31.65 18.65 26.10
CA PHE D 23 31.27 20.04 25.84
C PHE D 23 29.96 20.34 26.57
N THR D 24 29.72 21.63 26.91
CA THR D 24 28.42 22.10 27.42
C THR D 24 27.99 23.29 26.60
N VAL D 25 26.80 23.21 25.98
CA VAL D 25 26.30 24.29 25.13
C VAL D 25 24.81 24.53 25.43
N GLU D 26 24.37 25.82 25.36
CA GLU D 26 22.96 26.18 25.50
C GLU D 26 22.16 25.50 24.41
N ARG D 27 20.96 24.99 24.74
CA ARG D 27 20.06 24.32 23.81
C ARG D 27 19.86 25.10 22.52
N GLU D 28 19.67 26.41 22.61
CA GLU D 28 19.35 27.21 21.43
C GLU D 28 20.52 27.42 20.48
N HIS D 29 21.76 27.14 20.91
CA HIS D 29 22.90 27.22 19.99
C HIS D 29 23.08 25.94 19.23
N LEU D 30 22.40 24.86 19.66
CA LEU D 30 22.52 23.54 19.05
C LEU D 30 21.43 23.24 18.05
N LEU D 31 20.22 23.75 18.26
CA LEU D 31 19.03 23.35 17.50
C LEU D 31 19.12 23.57 15.98
N LYS D 32 19.39 24.81 15.52
CA LYS D 32 19.56 25.08 14.07
C LYS D 32 20.73 24.30 13.47
N PRO D 33 21.92 24.26 14.11
CA PRO D 33 22.99 23.38 13.60
C PRO D 33 22.55 21.93 13.42
N LEU D 34 21.88 21.33 14.44
CA LEU D 34 21.37 19.95 14.36
C LEU D 34 20.38 19.74 13.22
N GLN D 35 19.45 20.67 13.05
CA GLN D 35 18.46 20.66 11.98
C GLN D 35 19.14 20.68 10.60
N GLN D 36 20.11 21.57 10.44
CA GLN D 36 20.87 21.66 9.19
C GLN D 36 21.70 20.42 8.86
N VAL D 37 22.45 19.87 9.84
CA VAL D 37 23.36 18.76 9.56
C VAL D 37 22.63 17.42 9.35
N SER D 38 21.38 17.30 9.81
CA SER D 38 20.58 16.09 9.62
C SER D 38 19.84 16.07 8.25
N GLY D 39 19.91 17.18 7.52
CA GLY D 39 19.37 17.31 6.17
C GLY D 39 19.80 16.21 5.21
N PRO D 40 21.10 15.90 5.05
CA PRO D 40 21.47 14.80 4.14
C PRO D 40 20.94 13.41 4.49
N LEU D 41 20.33 13.24 5.69
CA LEU D 41 19.93 11.93 6.25
C LEU D 41 18.57 11.44 5.80
N THR D 46 20.05 2.66 5.03
CA THR D 46 21.40 2.41 4.50
C THR D 46 22.31 1.94 5.64
N LEU D 47 23.65 2.13 5.53
CA LEU D 47 24.59 1.74 6.59
C LEU D 47 24.20 2.43 7.89
N PRO D 48 24.28 1.74 9.05
CA PRO D 48 23.87 2.37 10.32
C PRO D 48 24.56 3.69 10.66
N ILE D 49 25.89 3.80 10.44
CA ILE D 49 26.66 5.01 10.72
C ILE D 49 26.14 6.21 9.95
N LEU D 50 25.46 5.99 8.79
CA LEU D 50 24.92 7.10 8.01
C LEU D 50 23.69 7.74 8.64
N GLY D 51 23.12 7.08 9.65
CA GLY D 51 22.02 7.62 10.44
C GLY D 51 22.54 8.33 11.69
N ASN D 52 23.89 8.42 11.81
CA ASN D 52 24.54 9.08 12.93
C ASN D 52 25.10 10.44 12.52
N LEU D 53 25.31 11.32 13.50
CA LEU D 53 26.01 12.60 13.27
C LEU D 53 27.39 12.46 13.85
N LEU D 54 28.39 13.01 13.16
CA LEU D 54 29.74 13.04 13.70
C LEU D 54 29.88 14.27 14.58
N LEU D 55 30.27 14.08 15.88
CA LEU D 55 30.52 15.19 16.81
C LEU D 55 32.00 15.29 17.03
N GLN D 56 32.59 16.49 16.84
CA GLN D 56 34.04 16.66 17.06
C GLN D 56 34.31 17.92 17.85
N VAL D 57 35.08 17.79 18.95
CA VAL D 57 35.52 18.97 19.70
C VAL D 57 37.01 19.18 19.41
N ALA D 58 37.37 20.34 18.85
CA ALA D 58 38.76 20.69 18.56
C ALA D 58 38.93 22.19 18.75
N ASP D 59 39.98 22.62 19.48
CA ASP D 59 40.32 24.04 19.65
C ASP D 59 39.16 25.07 19.78
N GLY D 60 38.35 24.91 20.82
CA GLY D 60 37.23 25.84 21.05
C GLY D 60 36.05 25.75 20.10
N THR D 61 36.00 24.70 19.26
CA THR D 61 34.91 24.55 18.29
C THR D 61 34.29 23.16 18.37
N LEU D 62 32.97 23.09 18.35
CA LEU D 62 32.26 21.83 18.18
C LEU D 62 31.83 21.77 16.71
N SER D 63 32.18 20.68 16.02
CA SER D 63 31.73 20.43 14.67
C SER D 63 30.74 19.28 14.64
N LEU D 64 29.66 19.47 13.93
CA LEU D 64 28.61 18.48 13.74
C LEU D 64 28.52 18.21 12.23
N THR D 65 28.58 16.92 11.84
CA THR D 65 28.51 16.55 10.43
C THR D 65 27.44 15.47 10.21
N GLY D 66 26.63 15.65 9.17
CA GLY D 66 25.72 14.63 8.67
C GLY D 66 26.05 14.34 7.22
N THR D 67 26.01 13.06 6.79
CA THR D 67 26.38 12.68 5.42
C THR D 67 25.51 11.50 4.93
N ASP D 68 25.28 11.40 3.60
CA ASP D 68 24.68 10.20 2.97
C ASP D 68 25.76 9.62 2.06
N LEU D 69 26.95 10.12 2.23
CA LEU D 69 28.17 9.71 1.53
C LEU D 69 28.19 10.25 0.05
N GLU D 70 27.07 10.81 -0.48
CA GLU D 70 27.06 11.57 -1.75
C GLU D 70 27.30 13.05 -1.42
N MET D 71 26.70 13.52 -0.32
CA MET D 71 26.87 14.89 0.13
C MET D 71 26.97 14.96 1.65
N GLU D 72 27.51 16.06 2.17
CA GLU D 72 27.60 16.24 3.62
C GLU D 72 27.37 17.67 4.02
N MET D 73 26.89 17.84 5.25
CA MET D 73 26.64 19.15 5.81
C MET D 73 27.38 19.27 7.13
N VAL D 74 28.24 20.31 7.27
CA VAL D 74 29.02 20.56 8.47
C VAL D 74 28.55 21.85 9.16
N ALA D 75 28.39 21.82 10.50
CA ALA D 75 28.02 23.01 11.25
C ALA D 75 29.07 23.25 12.32
N ARG D 76 29.48 24.51 12.52
CA ARG D 76 30.49 24.85 13.53
C ARG D 76 29.88 25.71 14.64
N VAL D 77 30.09 25.30 15.89
CA VAL D 77 29.53 25.94 17.08
C VAL D 77 30.69 26.32 17.97
N ALA D 78 30.77 27.59 18.34
CA ALA D 78 31.81 28.08 19.23
C ALA D 78 31.57 27.59 20.65
N LEU D 79 32.62 27.11 21.32
CA LEU D 79 32.51 26.58 22.69
C LEU D 79 33.12 27.56 23.67
N VAL D 80 32.27 28.25 24.44
CA VAL D 80 32.71 29.23 25.43
C VAL D 80 32.80 28.62 26.81
N GLN D 81 32.08 27.51 27.04
CA GLN D 81 32.11 26.82 28.34
C GLN D 81 33.22 25.75 28.32
N PRO D 82 33.64 25.23 29.49
CA PRO D 82 34.69 24.19 29.48
C PRO D 82 34.42 23.02 28.55
N HIS D 83 35.47 22.52 27.89
CA HIS D 83 35.34 21.44 26.93
C HIS D 83 36.62 20.66 26.85
N GLU D 84 36.54 19.45 26.32
CA GLU D 84 37.68 18.55 26.10
C GLU D 84 37.57 17.97 24.70
N PRO D 85 38.72 17.88 24.01
CA PRO D 85 38.68 17.44 22.61
C PRO D 85 38.36 15.95 22.44
N GLY D 86 37.89 15.62 21.25
CA GLY D 86 37.61 14.24 20.89
C GLY D 86 36.47 14.16 19.91
N ALA D 87 36.12 12.96 19.50
CA ALA D 87 35.07 12.77 18.52
C ALA D 87 34.34 11.48 18.73
N THR D 88 33.07 11.43 18.31
CA THR D 88 32.24 10.24 18.33
C THR D 88 31.10 10.45 17.36
N THR D 89 30.25 9.43 17.17
CA THR D 89 29.07 9.55 16.37
C THR D 89 27.87 9.04 17.15
N VAL D 90 26.75 9.75 17.05
CA VAL D 90 25.51 9.36 17.76
C VAL D 90 24.32 9.34 16.81
N PRO D 91 23.25 8.59 17.15
CA PRO D 91 22.04 8.60 16.30
C PRO D 91 21.47 10.01 16.18
N ALA D 92 21.34 10.49 14.94
CA ALA D 92 20.95 11.89 14.67
C ALA D 92 19.57 12.25 15.20
N ARG D 93 18.54 11.47 14.81
CA ARG D 93 17.17 11.73 15.18
C ARG D 93 16.95 11.73 16.71
N LYS D 94 17.49 10.71 17.39
CA LYS D 94 17.41 10.62 18.85
C LYS D 94 18.10 11.81 19.52
N PHE D 95 19.33 12.14 19.10
CA PHE D 95 20.03 13.29 19.69
C PHE D 95 19.27 14.59 19.46
N PHE D 96 18.75 14.83 18.23
CA PHE D 96 18.00 16.06 17.98
C PHE D 96 16.72 16.14 18.83
N ASP D 97 15.96 15.02 18.89
CA ASP D 97 14.72 14.96 19.65
C ASP D 97 14.96 15.19 21.14
N ILE D 98 16.10 14.69 21.66
CA ILE D 98 16.43 14.94 23.07
C ILE D 98 16.65 16.46 23.27
N CYS D 99 17.50 17.08 22.47
CA CYS D 99 17.83 18.51 22.58
C CYS D 99 16.58 19.38 22.40
N ARG D 100 15.74 19.04 21.41
CA ARG D 100 14.52 19.77 21.16
C ARG D 100 13.52 19.61 22.30
N GLY D 101 13.47 18.41 22.90
CA GLY D 101 12.53 18.11 23.97
C GLY D 101 12.91 18.68 25.31
N LEU D 102 14.16 19.16 25.45
CA LEU D 102 14.57 19.81 26.70
C LEU D 102 13.97 21.23 26.83
N PRO D 103 13.80 21.76 28.05
CA PRO D 103 13.17 23.09 28.17
C PRO D 103 13.98 24.22 27.52
N GLU D 104 13.30 25.28 27.16
CA GLU D 104 13.91 26.46 26.59
C GLU D 104 14.95 26.98 27.58
N GLY D 105 16.15 27.28 27.08
CA GLY D 105 17.25 27.77 27.89
C GLY D 105 18.08 26.70 28.56
N ALA D 106 17.78 25.41 28.30
CA ALA D 106 18.54 24.34 28.95
C ALA D 106 20.00 24.36 28.55
N GLU D 107 20.90 24.07 29.51
CA GLU D 107 22.33 23.85 29.26
C GLU D 107 22.48 22.37 28.96
N ILE D 108 23.01 22.02 27.79
CA ILE D 108 23.18 20.62 27.43
C ILE D 108 24.63 20.19 27.63
N ALA D 109 24.86 19.28 28.59
CA ALA D 109 26.19 18.77 28.91
C ALA D 109 26.37 17.39 28.28
N VAL D 110 27.37 17.28 27.38
CA VAL D 110 27.60 16.05 26.63
C VAL D 110 28.99 15.51 26.99
N GLN D 111 29.11 14.21 27.17
CA GLN D 111 30.42 13.58 27.33
C GLN D 111 30.41 12.13 26.94
N LEU D 112 31.49 11.72 26.26
CA LEU D 112 31.69 10.32 25.88
C LEU D 112 32.11 9.57 27.16
N GLU D 113 31.42 8.45 27.46
CA GLU D 113 31.70 7.62 28.62
C GLU D 113 31.84 6.21 28.06
N GLY D 114 33.06 5.77 27.78
CA GLY D 114 33.26 4.47 27.13
C GLY D 114 32.68 4.45 25.72
N GLU D 115 31.77 3.50 25.44
CA GLU D 115 31.13 3.42 24.11
C GLU D 115 29.73 4.08 24.09
N ARG D 116 29.44 4.89 25.10
CA ARG D 116 28.14 5.58 25.18
C ARG D 116 28.38 7.07 25.17
N MET D 117 27.40 7.82 24.66
CA MET D 117 27.46 9.27 24.78
C MET D 117 26.38 9.75 25.73
N LEU D 118 26.81 10.44 26.78
CA LEU D 118 25.92 10.94 27.81
C LEU D 118 25.46 12.35 27.49
N VAL D 119 24.15 12.57 27.60
CA VAL D 119 23.55 13.88 27.45
C VAL D 119 22.84 14.20 28.77
N ARG D 120 23.20 15.31 29.39
CA ARG D 120 22.64 15.64 30.70
C ARG D 120 22.20 17.09 30.68
N SER D 121 21.08 17.36 31.31
CA SER D 121 20.56 18.70 31.52
C SER D 121 19.59 18.63 32.68
N GLY D 122 19.80 19.47 33.68
CA GLY D 122 18.96 19.46 34.87
C GLY D 122 19.01 18.07 35.50
N ARG D 123 17.82 17.43 35.69
CA ARG D 123 17.81 16.03 36.16
C ARG D 123 17.34 15.05 35.09
N SER D 124 17.66 15.39 33.82
CA SER D 124 17.45 14.52 32.67
C SER D 124 18.81 13.93 32.28
N ARG D 125 18.84 12.64 32.01
CA ARG D 125 20.07 11.91 31.68
C ARG D 125 19.77 10.94 30.55
N PHE D 126 20.57 10.99 29.49
CA PHE D 126 20.35 10.15 28.30
C PHE D 126 21.67 9.49 27.97
N SER D 127 21.66 8.18 27.75
CA SER D 127 22.86 7.43 27.36
C SER D 127 22.61 6.88 25.97
N LEU D 128 23.32 7.39 24.99
CA LEU D 128 23.15 7.00 23.57
C LEU D 128 24.25 6.05 23.12
N SER D 129 23.92 5.14 22.22
CA SER D 129 24.91 4.25 21.67
C SER D 129 25.72 5.02 20.64
N THR D 130 26.96 4.65 20.44
CA THR D 130 27.81 5.34 19.47
C THR D 130 28.40 4.39 18.43
N LEU D 131 28.94 4.95 17.33
CA LEU D 131 29.79 4.24 16.38
C LEU D 131 31.07 5.05 16.25
N PRO D 132 32.24 4.42 16.04
CA PRO D 132 33.49 5.19 16.07
C PRO D 132 33.59 6.31 15.06
N ALA D 133 34.13 7.46 15.48
CA ALA D 133 34.35 8.60 14.58
C ALA D 133 35.27 8.20 13.44
N ALA D 134 36.24 7.27 13.70
CA ALA D 134 37.17 6.80 12.68
C ALA D 134 36.48 6.07 11.54
N ASP D 135 35.24 5.64 11.75
CA ASP D 135 34.47 4.96 10.70
C ASP D 135 33.58 5.91 9.92
N PHE D 136 33.52 7.19 10.33
CA PHE D 136 32.67 8.16 9.67
C PHE D 136 33.28 8.65 8.36
N PRO D 137 32.52 8.61 7.25
CA PRO D 137 33.08 9.12 5.97
C PRO D 137 33.31 10.64 5.98
N ASN D 138 34.56 11.11 5.80
CA ASN D 138 34.83 12.55 5.79
C ASN D 138 35.25 12.98 4.38
N LEU D 139 34.63 14.04 3.85
CA LEU D 139 34.77 14.48 2.46
C LEU D 139 35.22 15.94 2.29
N ASP D 140 36.54 16.19 2.37
CA ASP D 140 37.12 17.53 2.24
C ASP D 140 38.59 17.55 1.77
N ASP D 141 39.26 16.38 1.70
CA ASP D 141 40.68 16.30 1.28
C ASP D 141 40.95 16.91 -0.10
N TRP D 142 39.89 17.09 -0.91
CA TRP D 142 39.98 17.63 -2.26
C TRP D 142 40.31 19.14 -2.32
N GLN D 143 40.81 19.57 -3.49
CA GLN D 143 41.26 20.91 -3.80
C GLN D 143 40.28 21.65 -4.73
N SER D 144 40.07 22.93 -4.44
CA SER D 144 39.24 23.81 -5.23
C SER D 144 39.89 24.10 -6.58
N GLU D 145 39.10 24.21 -7.66
CA GLU D 145 39.59 24.60 -9.00
C GLU D 145 39.13 26.04 -9.35
N VAL D 146 37.84 26.34 -9.08
CA VAL D 146 37.11 27.59 -9.36
C VAL D 146 36.51 28.07 -8.02
N GLU D 147 36.57 29.37 -7.75
CA GLU D 147 35.98 29.92 -6.54
C GLU D 147 35.30 31.24 -6.82
N PHE D 148 34.17 31.49 -6.17
CA PHE D 148 33.51 32.78 -6.26
C PHE D 148 32.58 32.98 -5.08
N THR D 149 32.31 34.24 -4.75
CA THR D 149 31.38 34.60 -3.71
C THR D 149 30.18 35.28 -4.35
N LEU D 150 28.98 35.10 -3.78
CA LEU D 150 27.76 35.75 -4.24
C LEU D 150 26.75 35.83 -3.09
N PRO D 151 25.74 36.74 -3.16
CA PRO D 151 24.72 36.77 -2.11
C PRO D 151 23.95 35.45 -2.06
N GLN D 152 23.62 34.99 -0.85
CA GLN D 152 22.82 33.79 -0.63
C GLN D 152 21.52 33.81 -1.43
N ALA D 153 20.84 34.97 -1.40
CA ALA D 153 19.54 35.16 -2.03
C ALA D 153 19.64 35.00 -3.52
N THR D 154 20.80 35.37 -4.12
CA THR D 154 21.00 35.23 -5.57
C THR D 154 21.08 33.74 -5.94
N MET D 155 21.84 32.98 -5.16
CA MET D 155 21.94 31.54 -5.36
C MET D 155 20.57 30.86 -5.15
N LYS D 156 19.83 31.32 -4.13
CA LYS D 156 18.53 30.76 -3.81
C LYS D 156 17.55 31.02 -4.95
N ARG D 157 17.61 32.23 -5.57
CA ARG D 157 16.76 32.62 -6.69
C ARG D 157 17.07 31.75 -7.92
N LEU D 158 18.37 31.58 -8.21
CA LEU D 158 18.84 30.81 -9.37
C LEU D 158 18.33 29.38 -9.27
N ILE D 159 18.32 28.82 -8.04
CA ILE D 159 17.89 27.46 -7.82
C ILE D 159 16.37 27.35 -7.87
N GLU D 160 15.67 28.25 -7.17
CA GLU D 160 14.21 28.30 -7.14
C GLU D 160 13.60 28.51 -8.53
N ALA D 161 14.25 29.33 -9.37
CA ALA D 161 13.75 29.57 -10.73
C ALA D 161 13.79 28.30 -11.61
N THR D 162 14.62 27.29 -11.24
CA THR D 162 14.81 26.17 -12.15
C THR D 162 14.60 24.79 -11.56
N GLN D 163 14.68 24.62 -10.22
CA GLN D 163 14.74 23.29 -9.60
C GLN D 163 13.56 22.40 -9.93
N PHE D 164 12.37 22.98 -10.15
CA PHE D 164 11.21 22.15 -10.47
C PHE D 164 11.40 21.38 -11.81
N SER D 165 12.28 21.88 -12.72
CA SER D 165 12.47 21.19 -14.01
C SER D 165 13.50 20.06 -14.00
N MET D 166 14.18 19.81 -12.88
CA MET D 166 15.15 18.70 -12.79
C MET D 166 14.41 17.36 -12.98
N ALA D 167 15.06 16.34 -13.58
CA ALA D 167 14.49 15.00 -13.55
C ALA D 167 14.58 14.47 -12.10
N HIS D 168 13.78 13.46 -11.78
N HIS D 168 13.77 13.47 -11.77
CA HIS D 168 13.75 12.89 -10.43
CA HIS D 168 13.76 12.89 -10.42
C HIS D 168 14.56 11.60 -10.33
C HIS D 168 14.60 11.61 -10.36
N GLN D 169 14.16 10.57 -11.07
CA GLN D 169 14.90 9.30 -11.08
C GLN D 169 14.96 8.80 -12.47
N ASP D 170 15.39 9.67 -13.39
CA ASP D 170 15.46 9.36 -14.80
C ASP D 170 16.66 8.46 -14.97
N VAL D 171 16.58 7.53 -15.93
CA VAL D 171 17.71 6.66 -16.29
C VAL D 171 18.91 7.50 -16.79
N ARG D 172 18.63 8.71 -17.30
CA ARG D 172 19.68 9.63 -17.74
C ARG D 172 20.12 10.36 -16.48
N TYR D 173 21.04 9.72 -15.73
CA TYR D 173 21.50 10.18 -14.41
C TYR D 173 21.89 11.65 -14.38
N TYR D 174 22.46 12.18 -15.48
CA TYR D 174 22.94 13.58 -15.57
C TYR D 174 21.77 14.60 -15.57
N LEU D 175 20.53 14.12 -15.69
CA LEU D 175 19.37 15.02 -15.66
C LEU D 175 18.83 15.13 -14.26
N ASN D 176 19.18 14.17 -13.39
CA ASN D 176 18.69 14.14 -12.01
C ASN D 176 19.52 15.09 -11.18
N GLY D 177 19.57 16.32 -11.65
CA GLY D 177 20.40 17.35 -11.04
C GLY D 177 20.32 18.66 -11.77
N MET D 178 21.19 19.59 -11.43
CA MET D 178 21.13 20.92 -11.98
C MET D 178 22.48 21.32 -12.52
N LEU D 179 22.50 21.91 -13.70
CA LEU D 179 23.71 22.50 -14.23
C LEU D 179 23.97 23.85 -13.58
N PHE D 180 25.20 24.03 -13.09
CA PHE D 180 25.70 25.31 -12.61
C PHE D 180 26.82 25.71 -13.54
N GLU D 181 26.63 26.85 -14.21
CA GLU D 181 27.54 27.28 -15.23
C GLU D 181 27.96 28.73 -15.01
N THR D 182 29.29 28.97 -15.05
CA THR D 182 29.84 30.33 -15.01
C THR D 182 30.23 30.75 -16.44
N GLU D 183 29.84 31.95 -16.84
CA GLU D 183 30.17 32.47 -18.16
C GLU D 183 30.16 33.98 -18.08
N GLY D 184 31.28 34.61 -18.40
CA GLY D 184 31.44 36.05 -18.35
C GLY D 184 31.33 36.59 -16.94
N GLU D 185 30.24 37.28 -16.67
CA GLU D 185 29.98 37.88 -15.38
C GLU D 185 28.77 37.22 -14.72
N GLU D 186 28.29 36.13 -15.32
CA GLU D 186 27.08 35.48 -14.83
C GLU D 186 27.27 34.07 -14.30
N LEU D 187 26.37 33.69 -13.38
CA LEU D 187 26.20 32.33 -12.93
C LEU D 187 24.81 31.92 -13.46
N ARG D 188 24.75 30.74 -14.10
CA ARG D 188 23.55 30.24 -14.74
C ARG D 188 23.20 28.88 -14.18
N THR D 189 21.91 28.62 -13.96
CA THR D 189 21.43 27.29 -13.64
C THR D 189 20.55 26.81 -14.82
N VAL D 190 20.67 25.53 -15.14
CA VAL D 190 19.83 24.91 -16.17
C VAL D 190 19.32 23.60 -15.58
N ALA D 191 18.04 23.32 -15.75
CA ALA D 191 17.47 22.07 -15.29
C ALA D 191 16.47 21.58 -16.32
N THR D 192 16.52 20.29 -16.64
CA THR D 192 15.62 19.69 -17.63
C THR D 192 15.40 18.22 -17.31
N ASP D 193 14.22 17.70 -17.69
CA ASP D 193 13.93 16.30 -17.52
C ASP D 193 13.70 15.67 -18.89
N GLY D 194 14.08 16.41 -19.94
CA GLY D 194 13.92 16.00 -21.33
C GLY D 194 12.56 16.29 -21.92
N HIS D 195 11.63 16.82 -21.11
CA HIS D 195 10.29 17.20 -21.59
C HIS D 195 10.13 18.70 -21.43
N ARG D 196 10.63 19.25 -20.33
CA ARG D 196 10.62 20.68 -20.08
C ARG D 196 11.97 21.11 -19.54
N LEU D 197 12.34 22.38 -19.79
CA LEU D 197 13.62 22.94 -19.40
C LEU D 197 13.38 24.30 -18.76
N ALA D 198 14.18 24.65 -17.78
CA ALA D 198 14.24 25.97 -17.16
C ALA D 198 15.71 26.42 -17.20
N VAL D 199 15.94 27.71 -17.47
CA VAL D 199 17.27 28.30 -17.48
C VAL D 199 17.17 29.69 -16.87
N CYS D 200 18.10 30.03 -15.98
CA CYS D 200 18.10 31.30 -15.27
C CYS D 200 19.53 31.77 -15.14
N SER D 201 19.81 33.04 -15.49
CA SER D 201 21.16 33.64 -15.39
C SER D 201 21.07 34.85 -14.47
N MET D 202 22.13 35.10 -13.71
CA MET D 202 22.24 36.27 -12.85
C MET D 202 23.67 36.80 -12.94
N PRO D 203 23.86 38.12 -13.08
CA PRO D 203 25.22 38.66 -13.02
C PRO D 203 25.74 38.65 -11.59
N ILE D 204 26.96 38.17 -11.36
CA ILE D 204 27.44 38.12 -9.98
C ILE D 204 28.60 39.11 -9.76
N GLY D 205 28.69 40.08 -10.70
CA GLY D 205 29.60 41.22 -10.64
C GLY D 205 31.08 40.92 -10.68
N GLN D 206 31.46 39.72 -11.17
CA GLN D 206 32.86 39.28 -11.24
C GLN D 206 33.15 38.68 -12.62
N SER D 207 34.42 38.75 -13.07
CA SER D 207 34.84 38.12 -14.31
C SER D 207 35.20 36.65 -14.00
N LEU D 208 34.43 35.70 -14.55
CA LEU D 208 34.61 34.29 -14.19
C LEU D 208 35.14 33.42 -15.32
N PRO D 209 35.86 32.31 -15.00
CA PRO D 209 36.24 31.36 -16.07
C PRO D 209 35.01 30.56 -16.52
N SER D 210 34.98 30.14 -17.79
CA SER D 210 33.85 29.35 -18.30
C SER D 210 33.94 27.92 -17.76
N HIS D 211 33.00 27.54 -16.89
CA HIS D 211 33.00 26.26 -16.22
C HIS D 211 31.57 25.76 -16.03
N SER D 212 31.34 24.46 -16.15
CA SER D 212 29.99 23.95 -15.98
C SER D 212 30.04 22.61 -15.27
N VAL D 213 29.23 22.46 -14.22
CA VAL D 213 29.18 21.21 -13.44
C VAL D 213 27.72 20.87 -13.15
N ILE D 214 27.44 19.58 -12.90
CA ILE D 214 26.09 19.10 -12.56
C ILE D 214 26.05 18.75 -11.09
N VAL D 215 25.17 19.41 -10.34
CA VAL D 215 24.98 19.11 -8.92
C VAL D 215 23.78 18.15 -8.78
N PRO D 216 23.90 17.03 -8.03
CA PRO D 216 22.74 16.09 -7.90
C PRO D 216 21.54 16.78 -7.28
N ARG D 217 20.33 16.34 -7.63
CA ARG D 217 19.09 17.01 -7.21
C ARG D 217 18.98 17.07 -5.70
N LYS D 218 19.34 15.97 -5.02
CA LYS D 218 19.29 15.94 -3.56
C LYS D 218 20.19 17.02 -2.96
N GLY D 219 21.34 17.24 -3.59
CA GLY D 219 22.29 18.28 -3.19
C GLY D 219 21.78 19.68 -3.46
N VAL D 220 21.14 19.86 -4.61
CA VAL D 220 20.51 21.14 -4.96
C VAL D 220 19.45 21.49 -3.90
N ILE D 221 18.59 20.53 -3.53
CA ILE D 221 17.52 20.78 -2.55
C ILE D 221 18.10 21.16 -1.17
N GLU D 222 19.19 20.47 -0.78
CA GLU D 222 19.91 20.71 0.47
C GLU D 222 20.58 22.08 0.48
N LEU D 223 21.22 22.46 -0.63
CA LEU D 223 21.87 23.78 -0.72
C LEU D 223 20.81 24.85 -0.59
N MET D 224 19.66 24.66 -1.27
CA MET D 224 18.57 25.64 -1.25
C MET D 224 18.08 25.86 0.18
N ARG D 225 17.94 24.75 0.98
CA ARG D 225 17.52 24.77 2.39
CA ARG D 225 17.48 24.82 2.36
C ARG D 225 18.50 25.47 3.32
N MET D 226 19.75 25.55 2.95
CA MET D 226 20.71 26.18 3.85
C MET D 226 20.77 27.71 3.65
N LEU D 227 20.22 28.21 2.54
CA LEU D 227 20.24 29.65 2.24
C LEU D 227 19.07 30.40 2.85
N ASP D 228 19.36 31.45 3.63
CA ASP D 228 18.35 32.25 4.32
C ASP D 228 18.43 33.73 3.89
N GLY D 229 18.85 33.97 2.64
CA GLY D 229 19.02 35.30 2.04
C GLY D 229 19.48 36.37 2.99
N GLY D 230 20.40 36.01 3.90
CA GLY D 230 20.89 36.89 4.94
C GLY D 230 22.01 37.81 4.51
N ASP D 231 22.65 38.46 5.50
CA ASP D 231 23.78 39.35 5.25
C ASP D 231 25.04 38.57 4.90
N ASN D 232 25.21 37.34 5.47
CA ASN D 232 26.35 36.49 5.14
C ASN D 232 26.40 36.13 3.64
N PRO D 233 27.55 36.41 2.99
CA PRO D 233 27.73 35.97 1.59
C PRO D 233 27.95 34.46 1.49
N LEU D 234 27.71 33.91 0.29
CA LEU D 234 27.91 32.49 0.03
C LEU D 234 29.21 32.30 -0.71
N ARG D 235 30.15 31.56 -0.10
CA ARG D 235 31.40 31.23 -0.78
C ARG D 235 31.30 29.87 -1.46
N VAL D 236 31.46 29.84 -2.79
CA VAL D 236 31.36 28.60 -3.57
C VAL D 236 32.76 28.17 -4.04
N GLN D 237 33.08 26.89 -3.89
CA GLN D 237 34.32 26.31 -4.41
C GLN D 237 33.96 25.08 -5.23
N ILE D 238 34.42 25.05 -6.48
CA ILE D 238 34.21 23.91 -7.36
C ILE D 238 35.54 23.18 -7.55
N GLY D 239 35.57 21.91 -7.16
CA GLY D 239 36.73 21.05 -7.37
C GLY D 239 36.51 20.23 -8.62
N SER D 240 37.41 19.28 -8.89
CA SER D 240 37.27 18.42 -10.06
C SER D 240 36.00 17.58 -10.02
N ASN D 241 35.63 17.04 -8.83
CA ASN D 241 34.48 16.14 -8.70
C ASN D 241 33.48 16.54 -7.62
N ASN D 242 33.65 17.74 -7.02
CA ASN D 242 32.86 18.11 -5.85
C ASN D 242 32.59 19.56 -5.93
N ILE D 243 31.58 20.01 -5.17
CA ILE D 243 31.25 21.41 -5.02
C ILE D 243 31.09 21.67 -3.53
N ARG D 244 31.54 22.85 -3.07
CA ARG D 244 31.41 23.25 -1.69
C ARG D 244 30.76 24.64 -1.61
N ALA D 245 29.83 24.83 -0.66
CA ALA D 245 29.20 26.12 -0.40
C ALA D 245 29.34 26.43 1.09
N HIS D 246 30.00 27.56 1.42
CA HIS D 246 30.23 28.09 2.78
C HIS D 246 29.29 29.25 3.07
N VAL D 247 28.46 29.15 4.10
CA VAL D 247 27.73 30.35 4.50
C VAL D 247 27.64 30.41 6.00
N GLY D 248 28.21 31.46 6.56
CA GLY D 248 28.29 31.59 8.01
C GLY D 248 29.02 30.42 8.61
N ASP D 249 28.38 29.69 9.52
CA ASP D 249 29.02 28.55 10.20
C ASP D 249 28.61 27.23 9.64
N PHE D 250 28.07 27.22 8.41
CA PHE D 250 27.65 26.02 7.71
C PHE D 250 28.43 25.78 6.44
N ILE D 251 28.84 24.52 6.22
CA ILE D 251 29.60 24.11 5.04
C ILE D 251 28.94 22.92 4.39
N PHE D 252 28.50 23.09 3.15
CA PHE D 252 27.85 22.04 2.39
C PHE D 252 28.77 21.56 1.29
N THR D 253 28.96 20.24 1.16
CA THR D 253 29.77 19.68 0.07
C THR D 253 29.02 18.55 -0.59
N SER D 254 29.11 18.47 -1.91
CA SER D 254 28.46 17.38 -2.60
C SER D 254 29.34 16.91 -3.72
N LYS D 255 29.25 15.62 -4.06
CA LYS D 255 29.84 15.00 -5.26
C LYS D 255 29.12 15.66 -6.46
N LEU D 256 29.79 15.73 -7.61
CA LEU D 256 29.17 16.18 -8.84
C LEU D 256 28.66 14.97 -9.61
N VAL D 257 27.74 15.21 -10.55
CA VAL D 257 27.19 14.21 -11.44
C VAL D 257 27.97 14.16 -12.72
N ASP D 258 28.21 12.96 -13.21
CA ASP D 258 28.93 12.71 -14.45
C ASP D 258 27.97 12.68 -15.67
N GLY D 259 28.53 12.85 -16.85
CA GLY D 259 27.73 12.88 -18.06
C GLY D 259 27.70 14.26 -18.66
N ARG D 260 27.24 14.35 -19.89
CA ARG D 260 27.20 15.65 -20.51
C ARG D 260 25.79 16.17 -20.52
N PHE D 261 25.61 17.28 -19.87
CA PHE D 261 24.30 17.92 -19.77
C PHE D 261 23.91 18.50 -21.14
N PRO D 262 22.61 18.44 -21.52
CA PRO D 262 22.19 19.10 -22.79
C PRO D 262 22.57 20.58 -22.87
N ASP D 263 22.73 21.07 -24.10
CA ASP D 263 22.95 22.50 -24.34
C ASP D 263 21.58 23.24 -24.50
N TYR D 264 21.21 24.07 -23.51
CA TYR D 264 19.95 24.82 -23.55
C TYR D 264 19.86 25.74 -24.78
N ARG D 265 20.99 26.24 -25.25
CA ARG D 265 21.04 27.17 -26.39
C ARG D 265 20.45 26.48 -27.62
N ARG D 266 20.59 25.14 -27.70
CA ARG D 266 20.08 24.36 -28.84
C ARG D 266 18.61 23.99 -28.68
N VAL D 267 18.08 24.16 -27.47
CA VAL D 267 16.71 23.78 -27.11
C VAL D 267 15.75 24.97 -27.29
N LEU D 268 16.26 26.21 -27.16
CA LEU D 268 15.44 27.40 -27.32
C LEU D 268 14.80 27.42 -28.71
N PRO D 269 13.47 27.66 -28.80
CA PRO D 269 12.83 27.74 -30.13
C PRO D 269 13.56 28.71 -31.07
N LYS D 270 13.91 28.23 -32.26
CA LYS D 270 14.69 29.06 -33.19
C LYS D 270 13.87 30.16 -33.83
N ASN D 271 12.71 29.84 -34.42
CA ASN D 271 11.97 30.87 -35.10
C ASN D 271 10.48 30.88 -34.72
N PRO D 272 10.14 31.27 -33.48
CA PRO D 272 8.73 31.25 -33.10
C PRO D 272 7.91 32.28 -33.86
N ASP D 273 6.94 31.83 -34.67
CA ASP D 273 6.12 32.75 -35.45
C ASP D 273 4.79 33.12 -34.75
N LYS D 274 4.60 32.72 -33.47
CA LYS D 274 3.35 32.98 -32.75
C LYS D 274 3.67 33.50 -31.36
N HIS D 275 3.02 34.61 -30.94
CA HIS D 275 3.26 35.27 -29.66
C HIS D 275 1.98 35.50 -28.92
N LEU D 276 1.89 34.98 -27.69
CA LEU D 276 0.74 35.17 -26.82
C LEU D 276 1.18 35.94 -25.58
N GLU D 277 0.38 36.91 -25.14
CA GLU D 277 0.61 37.56 -23.85
C GLU D 277 -0.67 37.53 -23.03
N ALA D 278 -0.54 37.24 -21.72
CA ALA D 278 -1.71 37.20 -20.83
C ALA D 278 -1.28 37.42 -19.39
N GLY D 279 -2.24 37.81 -18.56
CA GLY D 279 -2.05 37.98 -17.12
C GLY D 279 -1.64 36.64 -16.51
N CYS D 280 -0.55 36.65 -15.72
CA CYS D 280 -0.01 35.42 -15.13
C CYS D 280 -1.00 34.69 -14.21
N ASP D 281 -1.68 35.45 -13.32
CA ASP D 281 -2.60 34.80 -12.39
C ASP D 281 -3.85 34.26 -13.08
N LEU D 282 -4.45 35.02 -13.99
CA LEU D 282 -5.62 34.58 -14.75
C LEU D 282 -5.28 33.31 -15.54
N LEU D 283 -4.09 33.25 -16.14
CA LEU D 283 -3.62 32.05 -16.85
C LEU D 283 -3.46 30.85 -15.88
N LYS D 284 -2.84 31.09 -14.73
CA LYS D 284 -2.59 30.07 -13.72
C LYS D 284 -3.89 29.51 -13.16
N GLN D 285 -4.85 30.36 -12.81
CA GLN D 285 -6.10 29.89 -12.23
C GLN D 285 -6.91 29.11 -13.25
N ALA D 286 -6.87 29.50 -14.53
CA ALA D 286 -7.59 28.80 -15.58
C ALA D 286 -6.97 27.41 -15.80
N PHE D 287 -5.62 27.32 -15.88
CA PHE D 287 -4.95 26.02 -15.98
C PHE D 287 -5.21 25.16 -14.73
N ALA D 288 -5.19 25.77 -13.54
CA ALA D 288 -5.43 25.03 -12.30
C ALA D 288 -6.85 24.38 -12.28
N ARG D 289 -7.86 25.11 -12.75
CA ARG D 289 -9.19 24.52 -12.77
C ARG D 289 -9.31 23.45 -13.84
N ALA D 290 -8.77 23.71 -15.03
CA ALA D 290 -8.84 22.75 -16.13
C ALA D 290 -8.14 21.43 -15.76
N ALA D 291 -7.03 21.52 -14.99
CA ALA D 291 -6.26 20.35 -14.57
C ALA D 291 -7.11 19.35 -13.80
N ILE D 292 -8.11 19.83 -13.06
CA ILE D 292 -9.00 18.96 -12.26
C ILE D 292 -9.61 17.84 -13.10
N LEU D 293 -9.94 18.17 -14.38
CA LEU D 293 -10.59 17.20 -15.25
C LEU D 293 -9.66 16.63 -16.30
N SER D 294 -8.35 16.78 -16.09
CA SER D 294 -7.38 16.15 -16.97
C SER D 294 -7.10 14.69 -16.51
N ASN D 295 -6.55 13.87 -17.41
CA ASN D 295 -6.16 12.50 -17.06
C ASN D 295 -5.19 12.53 -15.87
N GLU D 296 -5.51 11.79 -14.80
CA GLU D 296 -4.72 11.82 -13.55
C GLU D 296 -3.27 11.43 -13.76
N LYS D 297 -3.02 10.53 -14.71
CA LYS D 297 -1.67 10.09 -15.02
C LYS D 297 -0.95 11.02 -16.04
N PHE D 298 -1.59 11.29 -17.20
CA PHE D 298 -0.96 11.99 -18.31
C PHE D 298 -1.11 13.51 -18.26
N ARG D 299 -2.15 14.01 -17.55
CA ARG D 299 -2.30 15.45 -17.27
C ARG D 299 -2.41 16.35 -18.52
N GLY D 300 -2.89 15.81 -19.61
CA GLY D 300 -2.96 16.55 -20.86
C GLY D 300 -4.07 17.58 -20.90
N VAL D 301 -3.71 18.80 -21.32
CA VAL D 301 -4.69 19.84 -21.63
C VAL D 301 -4.44 20.24 -23.10
N ARG D 302 -5.46 20.74 -23.76
CA ARG D 302 -5.46 21.26 -25.12
C ARG D 302 -5.60 22.77 -25.03
N LEU D 303 -4.70 23.50 -25.71
CA LEU D 303 -4.76 24.96 -25.84
C LEU D 303 -5.17 25.29 -27.25
N TYR D 304 -6.18 26.14 -27.40
CA TYR D 304 -6.57 26.61 -28.72
C TYR D 304 -6.42 28.16 -28.80
N VAL D 305 -5.45 28.61 -29.56
CA VAL D 305 -5.15 30.04 -29.73
C VAL D 305 -5.76 30.60 -31.02
N SER D 306 -6.53 31.67 -30.87
CA SER D 306 -7.15 32.41 -31.97
C SER D 306 -7.13 33.89 -31.62
N GLU D 307 -7.66 34.77 -32.50
CA GLU D 307 -7.49 36.19 -32.26
C GLU D 307 -7.97 36.66 -30.89
N ASN D 308 -6.99 37.10 -30.09
CA ASN D 308 -7.13 37.63 -28.74
C ASN D 308 -7.88 36.70 -27.76
N GLN D 309 -7.89 35.36 -28.03
CA GLN D 309 -8.58 34.37 -27.17
C GLN D 309 -7.69 33.16 -27.02
N LEU D 310 -7.72 32.56 -25.82
CA LEU D 310 -7.10 31.30 -25.49
C LEU D 310 -8.19 30.44 -24.91
N LYS D 311 -8.42 29.26 -25.49
CA LYS D 311 -9.34 28.28 -24.94
C LYS D 311 -8.51 27.10 -24.43
N ILE D 312 -8.69 26.72 -23.17
CA ILE D 312 -8.00 25.56 -22.56
C ILE D 312 -9.06 24.48 -22.31
N THR D 313 -8.83 23.26 -22.81
CA THR D 313 -9.78 22.17 -22.57
C THR D 313 -9.02 21.00 -21.96
N ALA D 314 -9.66 20.26 -21.04
CA ALA D 314 -9.13 19.05 -20.42
C ALA D 314 -10.20 18.00 -20.43
N ASN D 315 -9.85 16.76 -20.83
CA ASN D 315 -10.78 15.61 -20.77
C ASN D 315 -10.10 14.47 -20.04
N ASN D 316 -10.90 13.55 -19.54
CA ASN D 316 -10.34 12.39 -18.82
C ASN D 316 -11.01 11.07 -19.27
N PRO D 317 -10.57 9.90 -18.76
CA PRO D 317 -11.20 8.64 -19.21
C PRO D 317 -12.70 8.52 -18.87
N GLU D 318 -13.19 9.24 -17.86
CA GLU D 318 -14.62 9.26 -17.53
C GLU D 318 -15.43 10.13 -18.50
N GLN D 319 -14.76 10.69 -19.55
CA GLN D 319 -15.38 11.55 -20.56
C GLN D 319 -15.86 12.86 -19.96
N GLU D 320 -15.28 13.27 -18.84
CA GLU D 320 -15.61 14.57 -18.25
C GLU D 320 -14.82 15.63 -18.99
N GLU D 321 -15.25 16.90 -18.90
CA GLU D 321 -14.54 17.94 -19.61
C GLU D 321 -14.53 19.26 -18.89
N ALA D 322 -13.34 19.90 -18.77
CA ALA D 322 -13.22 21.27 -18.28
C ALA D 322 -12.88 22.16 -19.45
N GLU D 323 -13.44 23.37 -19.49
CA GLU D 323 -13.09 24.32 -20.53
C GLU D 323 -13.03 25.72 -19.94
N GLU D 324 -11.94 26.42 -20.24
CA GLU D 324 -11.72 27.79 -19.80
C GLU D 324 -11.47 28.65 -21.04
N ILE D 325 -12.09 29.82 -21.12
CA ILE D 325 -11.81 30.79 -22.20
C ILE D 325 -11.28 32.05 -21.56
N LEU D 326 -10.17 32.59 -22.07
CA LEU D 326 -9.52 33.81 -21.54
C LEU D 326 -9.34 34.81 -22.67
N ASP D 327 -9.37 36.11 -22.35
CA ASP D 327 -8.96 37.17 -23.29
C ASP D 327 -7.45 37.25 -23.15
N VAL D 328 -6.72 37.24 -24.28
CA VAL D 328 -5.26 37.35 -24.30
C VAL D 328 -4.89 38.26 -25.46
N THR D 329 -3.62 38.56 -25.61
CA THR D 329 -3.13 39.23 -26.81
C THR D 329 -2.49 38.15 -27.66
N TYR D 330 -3.08 37.79 -28.79
CA TYR D 330 -2.46 36.71 -29.59
C TYR D 330 -2.17 37.13 -31.02
N SER D 331 -0.93 36.85 -31.51
CA SER D 331 -0.56 37.07 -32.89
C SER D 331 -0.08 35.78 -33.50
N GLY D 332 -0.53 35.53 -34.71
CA GLY D 332 -0.16 34.33 -35.44
C GLY D 332 -1.37 33.53 -35.85
N ALA D 333 -1.12 32.47 -36.62
CA ALA D 333 -2.16 31.60 -37.14
C ALA D 333 -2.89 30.88 -35.99
N GLU D 334 -4.17 30.56 -36.17
CA GLU D 334 -4.90 29.74 -35.23
C GLU D 334 -4.19 28.40 -35.09
N MET D 335 -4.18 27.83 -33.89
CA MET D 335 -3.50 26.58 -33.67
C MET D 335 -4.06 25.93 -32.39
N GLU D 336 -4.04 24.60 -32.35
CA GLU D 336 -4.28 23.80 -31.16
C GLU D 336 -2.94 23.13 -30.81
N ILE D 337 -2.61 23.06 -29.53
CA ILE D 337 -1.38 22.45 -29.05
C ILE D 337 -1.66 21.83 -27.68
N GLY D 338 -1.13 20.64 -27.47
CA GLY D 338 -1.31 19.87 -26.24
C GLY D 338 -0.15 20.11 -25.29
N PHE D 339 -0.42 20.14 -23.98
CA PHE D 339 0.62 20.18 -22.97
C PHE D 339 0.25 19.36 -21.77
N ASN D 340 1.26 18.93 -21.01
CA ASN D 340 1.11 18.38 -19.68
C ASN D 340 0.84 19.61 -18.80
N VAL D 341 -0.35 19.72 -18.25
CA VAL D 341 -0.76 20.91 -17.48
C VAL D 341 0.14 21.17 -16.26
N SER D 342 0.71 20.12 -15.67
CA SER D 342 1.63 20.28 -14.52
C SER D 342 2.88 21.07 -14.94
N TYR D 343 3.42 20.79 -16.14
CA TYR D 343 4.59 21.51 -16.64
C TYR D 343 4.26 23.00 -16.78
N VAL D 344 3.05 23.31 -17.28
CA VAL D 344 2.66 24.70 -17.48
C VAL D 344 2.50 25.39 -16.12
N LEU D 345 1.77 24.74 -15.19
CA LEU D 345 1.53 25.26 -13.84
C LEU D 345 2.82 25.47 -13.09
N ASP D 346 3.79 24.55 -13.22
CA ASP D 346 5.10 24.70 -12.58
C ASP D 346 5.74 26.01 -13.01
N VAL D 347 5.72 26.31 -14.32
CA VAL D 347 6.33 27.54 -14.86
C VAL D 347 5.58 28.78 -14.30
N LEU D 348 4.23 28.78 -14.42
CA LEU D 348 3.42 29.91 -13.98
C LEU D 348 3.60 30.17 -12.50
N ASN D 349 3.64 29.11 -11.68
CA ASN D 349 3.93 29.25 -10.25
C ASN D 349 5.32 29.84 -10.00
N ALA D 350 6.34 29.42 -10.78
CA ALA D 350 7.71 29.94 -10.64
C ALA D 350 7.83 31.41 -11.07
N LEU D 351 7.06 31.83 -12.08
CA LEU D 351 7.06 33.22 -12.54
C LEU D 351 6.17 34.00 -11.60
N LYS D 352 6.70 34.79 -10.71
CA LYS D 352 5.72 35.41 -9.81
C LYS D 352 5.48 36.82 -10.33
N CYS D 353 4.86 36.90 -11.52
CA CYS D 353 4.83 38.17 -12.22
C CYS D 353 3.43 38.63 -12.63
N GLU D 354 3.38 39.77 -13.32
CA GLU D 354 2.16 40.43 -13.79
C GLU D 354 1.66 39.74 -15.06
N ASN D 355 2.50 39.74 -16.10
CA ASN D 355 2.16 39.19 -17.41
C ASN D 355 3.19 38.19 -17.86
N VAL D 356 2.75 37.26 -18.68
CA VAL D 356 3.54 36.19 -19.22
C VAL D 356 3.51 36.31 -20.74
N ARG D 357 4.62 35.96 -21.38
CA ARG D 357 4.73 35.88 -22.81
C ARG D 357 5.05 34.44 -23.18
N MET D 358 4.28 33.87 -24.11
CA MET D 358 4.51 32.55 -24.70
C MET D 358 4.87 32.69 -26.17
N MET D 359 5.93 32.02 -26.61
CA MET D 359 6.39 32.04 -28.00
C MET D 359 6.25 30.64 -28.60
N LEU D 360 5.40 30.49 -29.62
CA LEU D 360 5.07 29.18 -30.20
C LEU D 360 5.47 29.09 -31.66
N THR D 361 5.50 27.87 -32.22
CA THR D 361 5.81 27.65 -33.64
C THR D 361 4.69 26.81 -34.23
N ASP D 362 4.58 25.56 -33.82
CA ASP D 362 3.52 24.70 -34.33
C ASP D 362 3.10 23.70 -33.26
N SER D 363 2.13 22.84 -33.58
CA SER D 363 1.53 21.94 -32.60
C SER D 363 2.50 20.84 -32.14
N VAL D 364 3.61 20.66 -32.86
CA VAL D 364 4.57 19.60 -32.53
C VAL D 364 5.92 20.15 -32.05
N SER D 365 6.02 21.45 -31.83
CA SER D 365 7.28 22.03 -31.42
C SER D 365 7.16 22.69 -30.07
N SER D 366 8.30 22.87 -29.41
CA SER D 366 8.38 23.44 -28.06
C SER D 366 7.86 24.89 -28.01
N VAL D 367 7.47 25.32 -26.81
CA VAL D 367 7.06 26.70 -26.57
C VAL D 367 8.00 27.29 -25.54
N GLN D 368 8.34 28.55 -25.70
CA GLN D 368 9.14 29.25 -24.73
C GLN D 368 8.22 30.17 -23.93
N ILE D 369 8.34 30.13 -22.63
CA ILE D 369 7.51 30.92 -21.73
C ILE D 369 8.41 31.78 -20.86
N GLU D 370 8.04 33.04 -20.70
CA GLU D 370 8.80 33.92 -19.83
C GLU D 370 7.94 35.06 -19.27
N ASP D 371 8.42 35.70 -18.22
CA ASP D 371 7.83 36.92 -17.70
C ASP D 371 7.88 37.93 -18.86
N ALA D 372 6.76 38.59 -19.15
CA ALA D 372 6.71 39.55 -20.26
C ALA D 372 7.70 40.70 -20.03
N ALA D 373 8.12 40.96 -18.75
CA ALA D 373 9.00 42.07 -18.35
C ALA D 373 10.45 41.70 -18.05
N SER D 374 10.80 40.41 -18.04
CA SER D 374 12.16 40.02 -17.69
C SER D 374 12.61 38.84 -18.51
N GLN D 375 13.85 38.88 -19.02
CA GLN D 375 14.40 37.79 -19.82
C GLN D 375 15.46 37.01 -19.02
N SER D 376 15.57 37.27 -17.69
CA SER D 376 16.56 36.59 -16.83
C SER D 376 16.31 35.08 -16.71
N ALA D 377 15.02 34.67 -16.78
CA ALA D 377 14.64 33.27 -16.78
C ALA D 377 13.82 32.93 -18.03
N ALA D 378 14.06 31.75 -18.59
CA ALA D 378 13.31 31.28 -19.75
C ALA D 378 12.91 29.83 -19.53
N TYR D 379 11.69 29.46 -19.98
CA TYR D 379 11.19 28.10 -19.79
C TYR D 379 10.76 27.52 -21.10
N VAL D 380 11.20 26.29 -21.38
CA VAL D 380 10.87 25.65 -22.66
C VAL D 380 10.09 24.39 -22.32
N VAL D 381 8.87 24.26 -22.87
CA VAL D 381 8.04 23.08 -22.63
C VAL D 381 7.74 22.41 -23.96
N MET D 382 8.01 21.10 -24.03
CA MET D 382 7.70 20.34 -25.23
C MET D 382 6.22 19.90 -25.17
N PRO D 383 5.48 19.99 -26.27
CA PRO D 383 4.06 19.59 -26.23
C PRO D 383 3.87 18.06 -26.15
N MET D 384 2.62 17.65 -26.00
CA MET D 384 2.13 16.28 -26.16
C MET D 384 1.34 16.23 -27.47
N ARG D 385 1.32 15.09 -28.16
CA ARG D 385 0.47 14.92 -29.34
C ARG D 385 -0.99 15.05 -28.90
N LEU D 386 -1.85 15.63 -29.75
CA LEU D 386 -3.27 15.80 -29.42
C LEU D 386 -4.08 14.65 -30.04
C4 QU8 E 1 -26.58 -7.37 19.47
C3 QU8 E 1 -26.57 -7.63 18.12
C2 QU8 E 1 -25.45 -8.20 17.55
C1 QU8 E 1 -24.33 -8.52 18.28
C QU8 E 1 -22.50 -10.08 18.08
OXT QU8 E 1 -22.87 -10.85 18.96
NA QU8 E 1 -23.26 -9.07 17.67
C5 QU8 E 1 -25.45 -7.65 20.21
C6 QU8 E 1 -24.37 -8.22 19.62
O7 QU8 E 1 -27.59 -6.81 20.11
C8 QU8 E 1 -28.68 -6.29 19.46
N GLN E 2 -21.33 -10.26 17.48
CA GLN E 2 -20.34 -11.22 17.92
C GLN E 2 -20.01 -11.14 19.43
N ALC E 3 -20.24 -12.27 20.14
CA ALC E 3 -19.99 -12.42 21.56
C ALC E 3 -18.53 -12.87 21.76
O ALC E 3 -17.88 -13.35 20.81
CB ALC E 3 -20.90 -13.45 22.23
CG ALC E 3 -22.23 -12.94 22.75
CD2 ALC E 3 -22.50 -11.44 22.60
CE2 ALC E 3 -23.76 -11.03 23.36
CZ ALC E 3 -24.98 -11.85 22.95
CE1 ALC E 3 -24.71 -13.36 22.97
CD1 ALC E 3 -23.43 -13.71 22.23
N ASP E 4 -18.02 -12.73 23.00
CA ASP E 4 -16.66 -13.07 23.36
C ASP E 4 -16.58 -14.31 24.24
N LEU E 5 -15.55 -15.11 24.06
CA LEU E 5 -15.30 -16.33 24.87
C LEU E 5 -14.86 -15.99 26.28
N PHE E 6 -14.10 -14.89 26.43
CA PHE E 6 -13.56 -14.46 27.73
C PHE E 6 -13.27 -12.96 27.65
C4 QU8 F 1 21.39 7.13 -21.15
C3 QU8 F 1 20.99 6.09 -20.37
C2 QU8 F 1 19.75 5.54 -20.59
C1 QU8 F 1 18.92 6.02 -21.55
C QU8 F 1 17.34 4.52 -22.58
OXT QU8 F 1 18.07 4.17 -23.47
NA QU8 F 1 17.71 5.42 -21.67
C5 QU8 F 1 20.57 7.65 -22.13
C6 QU8 F 1 19.32 7.08 -22.33
O7 QU8 F 1 22.58 7.66 -20.90
C8 QU8 F 1 23.00 7.57 -19.55
N GLN F 2 16.12 4.12 -22.41
CA GLN F 2 15.34 3.29 -23.22
C GLN F 2 15.08 4.16 -24.47
N ALC F 3 15.43 3.64 -25.64
CA ALC F 3 15.25 4.31 -26.93
C ALC F 3 13.83 3.93 -27.47
O ALC F 3 13.27 2.89 -27.05
CB ALC F 3 16.25 3.84 -27.99
CG ALC F 3 17.61 4.53 -28.01
CD2 ALC F 3 17.79 5.69 -27.04
CE2 ALC F 3 19.10 6.44 -27.30
CZ ALC F 3 20.32 5.49 -27.23
CE1 ALC F 3 20.13 4.25 -28.09
CD1 ALC F 3 18.78 3.57 -27.85
N ASP F 4 13.25 4.75 -28.33
CA ASP F 4 11.90 4.49 -28.90
C ASP F 4 11.96 3.82 -30.27
N LEU F 5 11.03 2.90 -30.57
CA LEU F 5 10.97 2.23 -31.87
C LEU F 5 10.49 3.19 -32.97
N PHE F 6 9.57 4.11 -32.60
CA PHE F 6 8.89 5.05 -33.50
C PHE F 6 8.34 6.20 -32.67
C4 QU8 G 1 5.32 -10.64 31.69
C3 QU8 G 1 6.14 -9.79 30.99
C2 QU8 G 1 5.60 -8.77 30.22
C1 QU8 G 1 4.22 -8.62 30.12
C QU8 G 1 2.72 -6.82 29.73
OXT QU8 G 1 2.36 -6.71 30.87
NA QU8 G 1 3.70 -7.66 29.37
C5 QU8 G 1 3.96 -10.51 31.58
C6 QU8 G 1 3.42 -9.49 30.81
O7 QU8 G 1 5.85 -11.64 32.44
C8 QU8 G 1 7.23 -11.84 32.32
N GLN G 2 2.13 -6.07 28.78
CA GLN G 2 0.91 -5.29 28.94
C GLN G 2 -0.24 -6.12 29.54
N ALC G 3 -0.77 -5.66 30.67
CA ALC G 3 -1.87 -6.33 31.37
C ALC G 3 -3.21 -5.73 30.82
O ALC G 3 -3.24 -4.68 30.17
CB ALC G 3 -1.90 -6.05 32.87
CG ALC G 3 -0.97 -6.87 33.76
CD2 ALC G 3 -0.19 -8.02 33.13
CE2 ALC G 3 0.50 -8.89 34.18
CZ ALC G 3 1.37 -8.06 35.13
CE1 ALC G 3 0.59 -6.89 35.73
CD1 ALC G 3 -0.04 -6.04 34.63
N ASP G 4 -4.32 -6.42 31.09
CA ASP G 4 -5.64 -6.04 30.56
C ASP G 4 -6.54 -5.49 31.64
N LEU G 5 -7.42 -4.53 31.31
CA LEU G 5 -8.38 -3.91 32.25
C LEU G 5 -9.52 -4.85 32.54
N PHE G 6 -9.88 -5.68 31.56
CA PHE G 6 -11.01 -6.61 31.67
C PHE G 6 -10.78 -7.73 30.64
C4 QU8 H 1 -0.96 10.58 -28.37
C3 QU8 H 1 -1.32 11.24 -27.25
C2 QU8 H 1 -0.33 11.65 -26.41
C1 QU8 H 1 1.00 11.45 -26.68
C QU8 H 1 2.84 12.70 -25.85
OXT QU8 H 1 3.06 13.44 -26.84
NA QU8 H 1 1.88 11.87 -25.78
C5 QU8 H 1 0.39 10.34 -28.65
C6 QU8 H 1 1.38 10.75 -27.80
O7 QU8 H 1 -1.85 10.14 -29.27
C8 QU8 H 1 -3.19 10.52 -29.35
N GLN H 2 3.55 12.67 -24.80
CA GLN H 2 4.68 13.52 -24.48
C GLN H 2 5.83 13.39 -25.49
N ALC H 3 6.18 14.50 -26.12
CA ALC H 3 7.29 14.60 -27.07
C ALC H 3 8.58 14.92 -26.27
O ALC H 3 8.51 15.40 -25.13
CB ALC H 3 7.09 15.75 -28.07
CG ALC H 3 6.32 15.41 -29.34
CD2 ALC H 3 5.89 13.97 -29.50
CE2 ALC H 3 5.36 13.70 -30.90
CZ ALC H 3 4.21 14.65 -31.27
CE1 ALC H 3 4.54 16.12 -30.98
CD1 ALC H 3 5.13 16.31 -29.58
N ASP H 4 9.74 14.65 -26.88
CA ASP H 4 11.04 14.91 -26.25
C ASP H 4 11.69 16.20 -26.73
N LEU H 5 12.28 16.98 -25.83
CA LEU H 5 13.04 18.19 -26.17
C LEU H 5 14.34 17.88 -26.90
N PHE H 6 14.97 16.74 -26.54
CA PHE H 6 16.23 16.30 -27.12
C PHE H 6 16.36 14.78 -26.92
C1 GOL I . 7.35 4.70 -38.32
O1 GOL I . 8.24 5.64 -37.74
C2 GOL I . 6.30 4.25 -37.33
O2 GOL I . 5.55 5.38 -36.84
C3 GOL I . 5.38 3.24 -37.95
O3 GOL I . 4.23 3.87 -38.50
C1 GOL J . -17.77 9.52 35.39
O1 GOL J . -18.24 9.08 36.66
C2 GOL J . -16.58 10.44 35.51
O2 GOL J . -17.03 11.78 35.68
C3 GOL J . -15.67 10.06 36.65
O3 GOL J . -14.62 10.99 36.77
#